data_2LM5
#
_entry.id   2LM5
#
loop_
_entity.id
_entity.type
_entity.pdbx_description
1 polymer 'Calcium and integrin-binding protein 1'
2 non-polymer 'CALCIUM ION'
#
_entity_poly.entity_id   1
_entity_poly.type   'polypeptide(L)'
_entity_poly.pdbx_seq_one_letter_code
;MGHHHHHHHHHHSSGHIDDDDKHMGGSGSRLSKELLAEYQDLTFLTKQEILLAHRRFCELLPQEQRSVESSLRAQVPFEQ
ILSLPELKANPFKERICRVFSTSPAKDSLSFEDFLDLLSVFSDTATPDIKSHYAFRIFDFDDDGTLNREDLSRLVNCLTG
EGEDTRLSASEMKQLIDNILEESDIDRDGTINLSEFQHVISRSPDFASSFKIVL
;
_entity_poly.pdbx_strand_id   A
#
loop_
_chem_comp.id
_chem_comp.type
_chem_comp.name
_chem_comp.formula
CA non-polymer 'CALCIUM ION' 'Ca 2'
#
# COMPACT_ATOMS: atom_id res chain seq x y z
N LEU A 31 2.59 16.98 0.25
CA LEU A 31 3.49 15.80 0.36
C LEU A 31 3.37 14.96 -0.90
N SER A 32 4.32 15.11 -1.82
CA SER A 32 4.32 14.35 -3.07
C SER A 32 5.17 13.10 -2.93
N LYS A 33 5.19 12.29 -3.98
CA LYS A 33 5.96 11.06 -3.97
C LYS A 33 7.46 11.37 -4.05
N GLU A 34 7.79 12.65 -4.20
CA GLU A 34 9.18 13.06 -4.28
C GLU A 34 9.82 13.00 -2.91
N LEU A 35 9.39 13.87 -2.01
CA LEU A 35 9.96 13.92 -0.66
C LEU A 35 10.04 12.50 -0.10
N LEU A 36 9.01 11.70 -0.37
CA LEU A 36 8.99 10.33 0.13
C LEU A 36 10.19 9.55 -0.40
N ALA A 37 10.48 9.71 -1.68
CA ALA A 37 11.60 9.02 -2.29
C ALA A 37 12.92 9.42 -1.63
N GLU A 38 12.96 10.63 -1.09
CA GLU A 38 14.17 11.12 -0.43
C GLU A 38 14.38 10.37 0.88
N TYR A 39 13.29 10.10 1.59
CA TYR A 39 13.38 9.39 2.86
C TYR A 39 13.72 7.91 2.62
N GLN A 40 13.22 7.37 1.52
CA GLN A 40 13.48 5.97 1.20
C GLN A 40 14.96 5.76 0.89
N ASP A 41 15.62 6.82 0.42
CA ASP A 41 17.04 6.73 0.10
C ASP A 41 17.81 6.02 1.20
N LEU A 42 18.45 6.80 2.07
CA LEU A 42 19.24 6.24 3.18
C LEU A 42 18.88 6.92 4.50
N THR A 43 17.57 7.02 4.77
CA THR A 43 17.09 7.65 6.00
C THR A 43 16.17 6.70 6.77
N PHE A 44 15.59 5.74 6.05
CA PHE A 44 14.69 4.76 6.67
C PHE A 44 15.44 3.47 6.99
N LEU A 45 16.72 3.44 6.66
CA LEU A 45 17.55 2.26 6.92
C LEU A 45 18.43 2.49 8.14
N THR A 46 18.07 1.87 9.26
CA THR A 46 18.84 2.02 10.49
C THR A 46 20.05 1.09 10.47
N LYS A 47 20.47 0.65 11.65
CA LYS A 47 21.62 -0.25 11.77
C LYS A 47 21.22 -1.54 12.49
N GLN A 48 20.49 -1.39 13.59
CA GLN A 48 20.05 -2.55 14.36
C GLN A 48 18.99 -3.33 13.60
N GLU A 49 18.04 -2.60 13.00
CA GLU A 49 16.96 -3.24 12.25
C GLU A 49 17.52 -3.94 11.01
N ILE A 50 18.51 -3.32 10.39
CA ILE A 50 19.13 -3.88 9.19
C ILE A 50 19.96 -5.11 9.54
N LEU A 51 20.71 -5.01 10.64
CA LEU A 51 21.54 -6.13 11.06
C LEU A 51 20.68 -7.32 11.46
N LEU A 52 19.64 -7.06 12.25
CA LEU A 52 18.76 -8.13 12.69
C LEU A 52 17.95 -8.68 11.52
N ALA A 53 17.41 -7.78 10.71
CA ALA A 53 16.62 -8.19 9.57
C ALA A 53 17.45 -8.99 8.58
N HIS A 54 18.71 -8.60 8.43
CA HIS A 54 19.60 -9.29 7.52
C HIS A 54 19.76 -10.75 7.93
N ARG A 55 19.87 -10.99 9.23
CA ARG A 55 20.03 -12.35 9.74
C ARG A 55 18.78 -13.17 9.44
N ARG A 56 17.62 -12.56 9.56
CA ARG A 56 16.35 -13.24 9.30
C ARG A 56 16.22 -13.59 7.82
N PHE A 57 16.56 -12.64 6.96
CA PHE A 57 16.47 -12.84 5.51
C PHE A 57 17.63 -13.72 5.03
N CYS A 58 18.63 -13.90 5.89
CA CYS A 58 19.78 -14.72 5.53
C CYS A 58 19.43 -16.21 5.61
N GLU A 59 18.70 -16.57 6.65
CA GLU A 59 18.30 -17.97 6.82
C GLU A 59 17.48 -18.45 5.63
N LEU A 60 16.60 -17.58 5.14
CA LEU A 60 15.76 -17.92 4.01
C LEU A 60 16.60 -18.08 2.74
N LEU A 61 17.77 -17.42 2.73
CA LEU A 61 18.65 -17.49 1.56
C LEU A 61 19.85 -18.40 1.86
N PRO A 62 20.44 -18.98 0.83
CA PRO A 62 21.62 -19.87 0.99
C PRO A 62 22.58 -19.37 2.08
N GLN A 63 22.78 -20.18 3.11
CA GLN A 63 23.67 -19.82 4.20
C GLN A 63 25.08 -19.59 3.67
N GLU A 64 25.39 -20.19 2.53
CA GLU A 64 26.71 -20.05 1.93
C GLU A 64 26.92 -18.63 1.43
N GLN A 65 25.82 -17.96 1.06
CA GLN A 65 25.89 -16.59 0.56
C GLN A 65 25.65 -15.59 1.68
N ARG A 66 26.14 -15.91 2.88
CA ARG A 66 25.98 -15.03 4.03
C ARG A 66 26.83 -13.78 3.86
N SER A 67 27.70 -13.79 2.85
CA SER A 67 28.56 -12.65 2.60
C SER A 67 27.74 -11.36 2.51
N VAL A 68 28.10 -10.38 3.32
CA VAL A 68 27.40 -9.10 3.33
C VAL A 68 27.62 -8.36 2.01
N GLU A 69 28.85 -8.40 1.52
CA GLU A 69 29.19 -7.73 0.27
C GLU A 69 28.31 -8.25 -0.87
N SER A 70 27.69 -9.41 -0.65
CA SER A 70 26.82 -10.01 -1.66
C SER A 70 25.36 -9.73 -1.36
N SER A 71 25.03 -9.71 -0.07
CA SER A 71 23.66 -9.45 0.35
C SER A 71 23.26 -8.01 0.02
N LEU A 72 24.16 -7.07 0.30
CA LEU A 72 23.88 -5.67 0.03
C LEU A 72 24.07 -5.37 -1.46
N ARG A 73 24.88 -6.18 -2.12
CA ARG A 73 25.15 -5.99 -3.55
C ARG A 73 24.18 -6.79 -4.40
N ALA A 74 23.45 -7.70 -3.76
CA ALA A 74 22.48 -8.55 -4.45
C ALA A 74 21.08 -8.30 -3.90
N GLN A 75 20.07 -8.50 -4.74
CA GLN A 75 18.68 -8.30 -4.33
C GLN A 75 18.10 -9.60 -3.80
N VAL A 76 16.84 -9.55 -3.37
CA VAL A 76 16.18 -10.74 -2.84
C VAL A 76 15.06 -11.22 -3.77
N PRO A 77 15.05 -12.48 -4.16
CA PRO A 77 13.99 -13.03 -5.08
C PRO A 77 12.58 -12.58 -4.67
N PHE A 78 11.67 -12.62 -5.63
CA PHE A 78 10.28 -12.22 -5.37
C PHE A 78 9.61 -13.19 -4.41
N GLU A 79 9.63 -14.47 -4.75
CA GLU A 79 9.01 -15.49 -3.91
C GLU A 79 9.52 -15.39 -2.47
N GLN A 80 10.82 -15.20 -2.33
CA GLN A 80 11.43 -15.10 -1.01
C GLN A 80 10.62 -14.15 -0.13
N ILE A 81 10.14 -13.06 -0.72
CA ILE A 81 9.35 -12.08 0.03
C ILE A 81 7.99 -12.67 0.40
N LEU A 82 7.38 -13.36 -0.56
CA LEU A 82 6.07 -13.96 -0.33
C LEU A 82 6.08 -14.81 0.94
N SER A 83 7.27 -15.04 1.48
CA SER A 83 7.41 -15.83 2.70
C SER A 83 6.78 -15.10 3.89
N LEU A 84 6.08 -14.00 3.61
CA LEU A 84 5.44 -13.21 4.66
C LEU A 84 3.98 -12.95 4.30
N PRO A 85 3.13 -13.94 4.51
CA PRO A 85 1.68 -13.82 4.20
C PRO A 85 1.05 -12.57 4.81
N GLU A 86 1.83 -11.87 5.63
CA GLU A 86 1.34 -10.66 6.28
C GLU A 86 0.88 -9.62 5.25
N LEU A 87 1.83 -9.10 4.48
CA LEU A 87 1.51 -8.10 3.46
C LEU A 87 0.73 -8.73 2.31
N LYS A 88 0.67 -10.05 2.29
CA LYS A 88 -0.04 -10.76 1.24
C LYS A 88 -1.54 -10.51 1.38
N ALA A 89 -2.01 -10.50 2.62
CA ALA A 89 -3.43 -10.26 2.87
C ALA A 89 -3.92 -9.05 2.10
N ASN A 90 -2.98 -8.27 1.56
CA ASN A 90 -3.33 -7.07 0.82
C ASN A 90 -3.82 -7.43 -0.60
N PRO A 91 -5.07 -7.19 -0.94
CA PRO A 91 -5.60 -7.51 -2.31
C PRO A 91 -4.74 -6.95 -3.43
N PHE A 92 -3.80 -6.09 -3.08
CA PHE A 92 -2.91 -5.46 -4.07
C PHE A 92 -1.46 -5.44 -3.58
N LYS A 93 -1.00 -6.57 -3.06
CA LYS A 93 0.35 -6.67 -2.55
C LYS A 93 1.36 -6.41 -3.67
N GLU A 94 0.91 -6.60 -4.91
CA GLU A 94 1.77 -6.38 -6.06
C GLU A 94 1.94 -4.90 -6.35
N ARG A 95 0.87 -4.14 -6.17
CA ARG A 95 0.90 -2.70 -6.42
C ARG A 95 1.57 -1.98 -5.25
N ILE A 96 1.33 -2.45 -4.04
CA ILE A 96 1.92 -1.83 -2.86
C ILE A 96 3.43 -1.96 -2.88
N CYS A 97 3.91 -3.16 -3.22
CA CYS A 97 5.34 -3.41 -3.26
C CYS A 97 5.98 -2.71 -4.47
N ARG A 98 5.33 -2.82 -5.63
CA ARG A 98 5.85 -2.20 -6.84
C ARG A 98 5.90 -0.69 -6.71
N VAL A 99 4.85 -0.12 -6.14
CA VAL A 99 4.77 1.32 -5.94
C VAL A 99 5.72 1.79 -4.85
N PHE A 100 5.80 1.01 -3.77
CA PHE A 100 6.67 1.35 -2.65
C PHE A 100 8.11 0.99 -2.94
N SER A 101 8.31 -0.10 -3.68
CA SER A 101 9.66 -0.55 -4.03
C SER A 101 10.11 0.10 -5.32
N THR A 102 11.40 -0.05 -5.63
CA THR A 102 11.97 0.53 -6.85
C THR A 102 12.94 -0.45 -7.49
N SER A 103 12.79 -0.65 -8.80
CA SER A 103 13.65 -1.56 -9.53
C SER A 103 13.61 -1.24 -11.03
N PRO A 104 14.62 -1.68 -11.75
CA PRO A 104 14.70 -1.44 -13.23
C PRO A 104 13.59 -2.18 -13.99
N ALA A 105 13.63 -3.51 -13.97
CA ALA A 105 12.63 -4.32 -14.65
C ALA A 105 11.57 -4.80 -13.67
N LYS A 106 11.67 -4.36 -12.42
CA LYS A 106 10.71 -4.75 -11.41
C LYS A 106 10.63 -6.27 -11.29
N ASP A 107 11.77 -6.93 -11.47
CA ASP A 107 11.84 -8.39 -11.40
C ASP A 107 12.48 -8.83 -10.08
N SER A 108 12.93 -7.85 -9.29
CA SER A 108 13.57 -8.15 -8.00
C SER A 108 13.03 -7.22 -6.92
N LEU A 109 13.11 -7.67 -5.67
CA LEU A 109 12.63 -6.87 -4.54
C LEU A 109 13.65 -6.89 -3.41
N SER A 110 13.91 -5.71 -2.86
CA SER A 110 14.88 -5.56 -1.76
C SER A 110 14.17 -5.67 -0.42
N PHE A 111 14.80 -6.37 0.52
CA PHE A 111 14.23 -6.55 1.84
C PHE A 111 14.25 -5.24 2.61
N GLU A 112 15.06 -4.29 2.14
CA GLU A 112 15.17 -3.00 2.80
C GLU A 112 13.85 -2.23 2.70
N ASP A 113 13.45 -1.92 1.46
CA ASP A 113 12.22 -1.19 1.24
C ASP A 113 11.01 -1.99 1.72
N PHE A 114 11.01 -3.29 1.41
CA PHE A 114 9.91 -4.16 1.81
C PHE A 114 9.74 -4.12 3.32
N LEU A 115 10.83 -4.35 4.05
CA LEU A 115 10.77 -4.35 5.50
C LEU A 115 10.40 -2.97 6.02
N ASP A 116 10.92 -1.94 5.36
CA ASP A 116 10.64 -0.56 5.77
C ASP A 116 9.15 -0.28 5.69
N LEU A 117 8.52 -0.80 4.66
CA LEU A 117 7.09 -0.59 4.48
C LEU A 117 6.31 -1.21 5.63
N LEU A 118 6.73 -2.41 6.06
CA LEU A 118 6.05 -3.09 7.15
C LEU A 118 6.21 -2.31 8.46
N SER A 119 7.46 -2.13 8.87
CA SER A 119 7.74 -1.41 10.12
C SER A 119 7.09 -0.04 10.12
N VAL A 120 7.20 0.67 9.00
CA VAL A 120 6.63 2.00 8.88
C VAL A 120 5.11 1.93 9.04
N PHE A 121 4.49 0.97 8.36
CA PHE A 121 3.04 0.82 8.42
C PHE A 121 2.64 0.08 9.69
N SER A 122 3.62 -0.27 10.51
CA SER A 122 3.36 -0.97 11.77
C SER A 122 2.92 0.01 12.84
N ASP A 123 3.72 1.06 13.05
CA ASP A 123 3.40 2.06 14.07
C ASP A 123 3.62 3.47 13.54
N THR A 124 4.79 3.70 12.94
CA THR A 124 5.10 5.02 12.39
C THR A 124 3.93 5.55 11.58
N ALA A 125 3.01 4.67 11.20
CA ALA A 125 1.86 5.06 10.41
C ALA A 125 1.12 6.23 11.08
N THR A 126 1.61 7.44 10.85
CA THR A 126 1.00 8.62 11.44
C THR A 126 -0.15 9.13 10.57
N PRO A 127 -1.15 9.75 11.15
CA PRO A 127 -2.32 10.29 10.40
C PRO A 127 -1.91 10.89 9.05
N ASP A 128 -0.84 11.67 9.06
CA ASP A 128 -0.36 12.31 7.83
C ASP A 128 0.09 11.26 6.81
N ILE A 129 1.15 10.54 7.14
CA ILE A 129 1.67 9.51 6.25
C ILE A 129 0.62 8.45 5.99
N LYS A 130 -0.35 8.33 6.89
CA LYS A 130 -1.41 7.34 6.74
C LYS A 130 -2.19 7.61 5.47
N SER A 131 -2.75 8.81 5.36
CA SER A 131 -3.53 9.18 4.18
C SER A 131 -2.67 9.09 2.93
N HIS A 132 -1.59 9.86 2.89
CA HIS A 132 -0.69 9.86 1.74
C HIS A 132 -0.49 8.43 1.21
N TYR A 133 -0.10 7.53 2.12
CA TYR A 133 0.13 6.14 1.74
C TYR A 133 -1.16 5.53 1.19
N ALA A 134 -2.27 5.77 1.88
CA ALA A 134 -3.54 5.23 1.46
C ALA A 134 -3.88 5.71 0.05
N PHE A 135 -4.24 6.98 -0.07
CA PHE A 135 -4.60 7.57 -1.37
C PHE A 135 -3.76 6.97 -2.49
N ARG A 136 -2.50 6.70 -2.21
CA ARG A 136 -1.61 6.10 -3.20
C ARG A 136 -1.98 4.65 -3.45
N ILE A 137 -2.19 3.89 -2.37
CA ILE A 137 -2.56 2.48 -2.49
C ILE A 137 -4.01 2.33 -2.95
N PHE A 138 -4.86 3.25 -2.50
CA PHE A 138 -6.28 3.21 -2.85
C PHE A 138 -6.45 3.29 -4.37
N ASP A 139 -5.68 4.17 -5.01
CA ASP A 139 -5.76 4.32 -6.45
C ASP A 139 -5.23 3.09 -7.16
N PHE A 140 -6.13 2.15 -7.47
CA PHE A 140 -5.74 0.93 -8.14
C PHE A 140 -4.98 1.25 -9.43
N ASP A 141 -5.44 2.26 -10.16
CA ASP A 141 -4.80 2.65 -11.41
C ASP A 141 -3.43 3.26 -11.13
N ASP A 142 -3.16 3.57 -9.87
CA ASP A 142 -1.88 4.17 -9.48
C ASP A 142 -1.61 5.43 -10.30
N ASP A 143 -2.67 6.05 -10.80
CA ASP A 143 -2.54 7.28 -11.59
C ASP A 143 -2.54 8.50 -10.68
N GLY A 144 -3.49 8.53 -9.75
CA GLY A 144 -3.61 9.62 -8.80
C GLY A 144 -5.06 9.87 -8.40
N THR A 145 -5.96 9.86 -9.38
CA THR A 145 -7.38 10.08 -9.11
C THR A 145 -8.05 8.76 -8.75
N LEU A 146 -9.26 8.84 -8.20
CA LEU A 146 -10.01 7.64 -7.81
C LEU A 146 -11.34 7.61 -8.56
N ASN A 147 -11.65 6.45 -9.15
CA ASN A 147 -12.89 6.27 -9.89
C ASN A 147 -13.86 5.40 -9.11
N ARG A 148 -15.08 5.27 -9.62
CA ARG A 148 -16.09 4.45 -8.95
C ARG A 148 -15.60 3.02 -8.78
N GLU A 149 -14.75 2.57 -9.70
CA GLU A 149 -14.21 1.22 -9.63
C GLU A 149 -13.26 1.08 -8.45
N ASP A 150 -12.27 1.96 -8.37
CA ASP A 150 -11.29 1.93 -7.29
C ASP A 150 -12.00 1.73 -5.95
N LEU A 151 -13.08 2.47 -5.74
CA LEU A 151 -13.83 2.38 -4.49
C LEU A 151 -14.52 1.02 -4.38
N SER A 152 -14.99 0.51 -5.52
CA SER A 152 -15.67 -0.78 -5.54
C SER A 152 -14.67 -1.94 -5.39
N ARG A 153 -13.39 -1.60 -5.46
CA ARG A 153 -12.33 -2.60 -5.33
C ARG A 153 -11.92 -2.75 -3.87
N LEU A 154 -11.71 -1.64 -3.19
CA LEU A 154 -11.30 -1.68 -1.79
C LEU A 154 -12.41 -2.25 -0.93
N VAL A 155 -13.63 -1.77 -1.15
CA VAL A 155 -14.77 -2.24 -0.38
C VAL A 155 -15.09 -3.69 -0.68
N ASN A 156 -15.04 -4.05 -1.97
CA ASN A 156 -15.32 -5.42 -2.37
C ASN A 156 -14.24 -6.36 -1.86
N CYS A 157 -13.02 -6.18 -2.37
CA CYS A 157 -11.89 -7.02 -1.97
C CYS A 157 -11.96 -7.37 -0.49
N LEU A 158 -12.15 -6.35 0.35
CA LEU A 158 -12.23 -6.56 1.79
C LEU A 158 -13.47 -7.39 2.14
N THR A 159 -14.59 -7.06 1.53
CA THR A 159 -15.84 -7.79 1.78
C THR A 159 -15.58 -9.29 1.71
N GLY A 160 -15.13 -9.75 0.55
CA GLY A 160 -14.85 -11.17 0.36
C GLY A 160 -14.61 -11.48 -1.11
N GLU A 161 -13.45 -11.07 -1.62
CA GLU A 161 -13.11 -11.31 -3.02
C GLU A 161 -13.49 -12.74 -3.43
N GLY A 162 -14.17 -12.87 -4.56
CA GLY A 162 -14.61 -14.18 -5.04
C GLY A 162 -15.97 -14.55 -4.50
N GLU A 163 -16.94 -13.66 -4.71
CA GLU A 163 -18.31 -13.91 -4.23
C GLU A 163 -19.26 -12.85 -4.76
N ASP A 164 -20.54 -13.18 -4.84
CA ASP A 164 -21.55 -12.26 -5.33
C ASP A 164 -21.74 -11.11 -4.35
N THR A 165 -21.03 -11.17 -3.22
CA THR A 165 -21.13 -10.13 -2.21
C THR A 165 -20.89 -8.76 -2.86
N ARG A 166 -21.09 -7.70 -2.07
CA ARG A 166 -20.91 -6.31 -2.56
C ARG A 166 -20.04 -6.26 -3.80
N LEU A 167 -20.67 -6.36 -4.98
CA LEU A 167 -19.94 -6.34 -6.25
C LEU A 167 -20.45 -5.21 -7.13
N SER A 168 -19.70 -4.91 -8.18
CA SER A 168 -20.08 -3.86 -9.11
C SER A 168 -21.38 -4.22 -9.79
N ALA A 169 -22.39 -3.37 -9.60
CA ALA A 169 -23.70 -3.60 -10.20
C ALA A 169 -24.53 -2.33 -10.17
N SER A 170 -25.81 -2.45 -10.50
CA SER A 170 -26.70 -1.28 -10.50
C SER A 170 -26.82 -0.70 -9.10
N GLU A 171 -26.99 -1.57 -8.11
CA GLU A 171 -27.13 -1.13 -6.74
C GLU A 171 -25.84 -0.46 -6.25
N MET A 172 -24.71 -1.09 -6.58
CA MET A 172 -23.42 -0.55 -6.18
C MET A 172 -23.11 0.75 -6.94
N LYS A 173 -23.74 0.90 -8.10
CA LYS A 173 -23.54 2.11 -8.90
C LYS A 173 -24.13 3.33 -8.20
N GLN A 174 -25.36 3.19 -7.74
CA GLN A 174 -26.03 4.30 -7.06
C GLN A 174 -25.44 4.49 -5.66
N LEU A 175 -24.79 3.45 -5.15
CA LEU A 175 -24.19 3.52 -3.83
C LEU A 175 -23.08 4.56 -3.80
N ILE A 176 -22.11 4.42 -4.70
CA ILE A 176 -20.99 5.35 -4.77
C ILE A 176 -21.48 6.76 -5.14
N ASP A 177 -22.37 6.83 -6.11
CA ASP A 177 -22.90 8.11 -6.55
C ASP A 177 -23.58 8.84 -5.38
N ASN A 178 -24.40 8.11 -4.64
CA ASN A 178 -25.11 8.69 -3.51
C ASN A 178 -24.12 9.22 -2.47
N ILE A 179 -23.07 8.45 -2.20
CA ILE A 179 -22.06 8.87 -1.24
C ILE A 179 -21.34 10.12 -1.72
N LEU A 180 -21.05 10.16 -3.03
CA LEU A 180 -20.35 11.31 -3.60
C LEU A 180 -21.20 12.57 -3.50
N GLU A 181 -22.51 12.41 -3.73
CA GLU A 181 -23.42 13.55 -3.66
C GLU A 181 -23.58 14.02 -2.22
N GLU A 182 -23.77 13.08 -1.30
CA GLU A 182 -23.94 13.43 0.10
C GLU A 182 -22.64 13.99 0.68
N SER A 183 -21.52 13.47 0.21
CA SER A 183 -20.21 13.92 0.69
C SER A 183 -19.73 15.14 -0.10
N ASP A 184 -19.24 14.90 -1.31
CA ASP A 184 -18.75 15.98 -2.16
C ASP A 184 -19.92 16.64 -2.90
N ILE A 185 -19.78 17.94 -3.14
CA ILE A 185 -20.83 18.68 -3.85
C ILE A 185 -20.46 18.86 -5.32
N ASP A 186 -19.19 19.18 -5.57
CA ASP A 186 -18.72 19.36 -6.93
C ASP A 186 -19.14 18.19 -7.82
N ARG A 187 -19.58 17.11 -7.18
CA ARG A 187 -20.01 15.91 -7.91
C ARG A 187 -19.10 15.66 -9.12
N ASP A 188 -17.84 16.08 -9.00
CA ASP A 188 -16.88 15.90 -10.08
C ASP A 188 -16.98 14.50 -10.66
N GLY A 189 -17.59 13.60 -9.91
CA GLY A 189 -17.76 12.21 -10.35
C GLY A 189 -16.58 11.34 -9.92
N THR A 190 -15.62 11.97 -9.26
CA THR A 190 -14.43 11.26 -8.79
C THR A 190 -13.94 11.86 -7.48
N ILE A 191 -13.04 11.14 -6.80
CA ILE A 191 -12.48 11.60 -5.53
C ILE A 191 -10.97 11.76 -5.64
N ASN A 192 -10.48 12.96 -5.32
CA ASN A 192 -9.05 13.24 -5.37
C ASN A 192 -8.43 13.14 -3.99
N LEU A 193 -7.17 13.53 -3.87
CA LEU A 193 -6.48 13.46 -2.58
C LEU A 193 -7.18 14.33 -1.55
N SER A 194 -7.44 15.59 -1.90
CA SER A 194 -8.10 16.50 -0.99
C SER A 194 -9.50 16.00 -0.64
N GLU A 195 -10.23 15.52 -1.65
CA GLU A 195 -11.57 15.02 -1.43
C GLU A 195 -11.52 13.68 -0.69
N PHE A 196 -10.46 12.92 -0.92
CA PHE A 196 -10.32 11.62 -0.27
C PHE A 196 -10.17 11.80 1.24
N GLN A 197 -9.24 12.66 1.65
CA GLN A 197 -9.02 12.91 3.07
C GLN A 197 -10.30 13.35 3.75
N HIS A 198 -11.07 14.22 3.08
CA HIS A 198 -12.32 14.70 3.64
C HIS A 198 -13.41 13.64 3.55
N VAL A 199 -13.91 13.42 2.33
CA VAL A 199 -14.97 12.42 2.09
C VAL A 199 -14.80 11.21 3.01
N ILE A 200 -13.57 10.79 3.22
CA ILE A 200 -13.29 9.65 4.08
C ILE A 200 -13.58 10.01 5.53
N SER A 201 -13.07 11.16 5.98
CA SER A 201 -13.27 11.61 7.35
C SER A 201 -14.32 12.71 7.42
N ARG A 202 -15.29 12.66 6.49
CA ARG A 202 -16.35 13.66 6.44
C ARG A 202 -17.66 13.05 6.91
N SER A 203 -17.74 11.72 6.90
CA SER A 203 -18.96 11.04 7.34
C SER A 203 -18.63 9.68 7.99
N PRO A 204 -19.29 9.32 9.07
CA PRO A 204 -19.05 8.01 9.75
C PRO A 204 -18.86 6.86 8.76
N ASP A 205 -19.28 7.08 7.52
CA ASP A 205 -19.16 6.05 6.49
C ASP A 205 -17.79 5.39 6.52
N PHE A 206 -16.89 5.86 5.66
CA PHE A 206 -15.54 5.31 5.60
C PHE A 206 -14.68 5.87 6.72
N ALA A 207 -15.15 6.95 7.34
CA ALA A 207 -14.40 7.57 8.42
C ALA A 207 -14.12 6.56 9.53
N SER A 208 -15.15 5.81 9.91
CA SER A 208 -14.99 4.81 10.97
C SER A 208 -14.14 3.65 10.47
N SER A 209 -14.32 3.27 9.21
CA SER A 209 -13.56 2.18 8.63
C SER A 209 -12.15 2.63 8.25
N PHE A 210 -11.97 3.95 8.17
CA PHE A 210 -10.66 4.50 7.82
C PHE A 210 -9.64 4.17 8.90
N LYS A 211 -10.06 3.40 9.90
CA LYS A 211 -9.16 3.03 10.98
C LYS A 211 -7.81 2.56 10.43
N ILE A 212 -7.80 1.37 9.84
CA ILE A 212 -6.56 0.81 9.26
C ILE A 212 -6.88 0.09 7.95
N VAL A 213 -6.21 0.50 6.89
CA VAL A 213 -6.40 -0.10 5.57
C VAL A 213 -5.06 -0.36 4.92
N LEU A 214 -5.01 -1.41 4.10
CA LEU A 214 -3.77 -1.77 3.40
C LEU A 214 -4.05 -2.91 2.43
CA CA B . -7.89 5.82 -10.86
CA CA C . -15.80 14.84 -5.62
N LEU A 31 1.74 17.81 0.20
CA LEU A 31 2.69 16.68 0.29
C LEU A 31 2.59 15.83 -0.98
N SER A 32 3.55 16.00 -1.88
CA SER A 32 3.55 15.26 -3.14
C SER A 32 4.32 13.94 -2.97
N LYS A 33 4.35 13.14 -4.02
CA LYS A 33 5.05 11.86 -3.99
C LYS A 33 6.56 12.09 -3.98
N GLU A 34 6.97 13.35 -4.03
CA GLU A 34 8.38 13.68 -4.02
C GLU A 34 8.97 13.51 -2.63
N LEU A 35 8.47 14.31 -1.69
CA LEU A 35 8.96 14.25 -0.31
C LEU A 35 9.01 12.80 0.14
N LEU A 36 8.04 12.01 -0.27
CA LEU A 36 8.00 10.61 0.13
C LEU A 36 9.22 9.88 -0.40
N ALA A 37 9.55 10.10 -1.67
CA ALA A 37 10.70 9.46 -2.28
C ALA A 37 11.99 9.85 -1.56
N GLU A 38 11.98 11.03 -0.96
CA GLU A 38 13.15 11.53 -0.25
C GLU A 38 13.38 10.71 1.01
N TYR A 39 12.30 10.37 1.69
CA TYR A 39 12.38 9.59 2.92
C TYR A 39 12.74 8.14 2.61
N GLN A 40 12.25 7.64 1.48
CA GLN A 40 12.52 6.27 1.08
C GLN A 40 14.00 6.09 0.77
N ASP A 41 14.66 7.18 0.38
CA ASP A 41 16.09 7.11 0.06
C ASP A 41 16.85 6.36 1.14
N LEU A 42 17.50 7.11 2.03
CA LEU A 42 18.29 6.51 3.11
C LEU A 42 17.96 7.17 4.45
N THR A 43 16.66 7.25 4.75
CA THR A 43 16.20 7.86 6.00
C THR A 43 15.35 6.87 6.79
N PHE A 44 14.51 6.11 6.10
CA PHE A 44 13.65 5.13 6.75
C PHE A 44 14.45 3.87 7.08
N LEU A 45 15.72 3.85 6.70
CA LEU A 45 16.57 2.69 6.96
C LEU A 45 17.46 2.95 8.17
N THR A 46 17.14 2.29 9.27
CA THR A 46 17.92 2.45 10.50
C THR A 46 19.19 1.64 10.42
N LYS A 47 19.71 1.23 11.58
CA LYS A 47 20.93 0.42 11.64
C LYS A 47 20.68 -0.89 12.37
N GLN A 48 19.88 -0.84 13.43
CA GLN A 48 19.57 -2.04 14.19
C GLN A 48 18.52 -2.88 13.48
N GLU A 49 17.51 -2.22 12.92
CA GLU A 49 16.45 -2.92 12.21
C GLU A 49 16.99 -3.57 10.94
N ILE A 50 17.95 -2.91 10.31
CA ILE A 50 18.55 -3.43 9.08
C ILE A 50 19.42 -4.65 9.38
N LEU A 51 20.19 -4.56 10.46
CA LEU A 51 21.06 -5.66 10.84
C LEU A 51 20.24 -6.88 11.23
N LEU A 52 19.20 -6.65 12.04
CA LEU A 52 18.36 -7.75 12.49
C LEU A 52 17.54 -8.30 11.33
N ALA A 53 16.98 -7.40 10.53
CA ALA A 53 16.16 -7.81 9.40
C ALA A 53 17.00 -8.59 8.39
N HIS A 54 18.25 -8.18 8.23
CA HIS A 54 19.14 -8.85 7.29
C HIS A 54 19.31 -10.32 7.67
N ARG A 55 19.51 -10.57 8.96
CA ARG A 55 19.68 -11.93 9.44
C ARG A 55 18.44 -12.77 9.16
N ARG A 56 17.28 -12.13 9.30
CA ARG A 56 16.01 -12.82 9.06
C ARG A 56 15.87 -13.20 7.59
N PHE A 57 16.28 -12.29 6.71
CA PHE A 57 16.19 -12.55 5.28
C PHE A 57 17.34 -13.45 4.82
N CYS A 58 18.34 -13.62 5.68
CA CYS A 58 19.48 -14.46 5.36
C CYS A 58 19.12 -15.93 5.50
N GLU A 59 18.36 -16.25 6.54
CA GLU A 59 17.95 -17.63 6.78
C GLU A 59 17.13 -18.16 5.62
N LEU A 60 16.28 -17.31 5.07
CA LEU A 60 15.44 -17.70 3.94
C LEU A 60 16.29 -17.91 2.70
N LEU A 61 17.48 -17.31 2.68
CA LEU A 61 18.38 -17.44 1.53
C LEU A 61 19.55 -18.38 1.88
N PRO A 62 20.13 -19.00 0.88
CA PRO A 62 21.29 -19.92 1.09
C PRO A 62 22.25 -19.40 2.15
N GLN A 63 22.56 -20.25 3.14
CA GLN A 63 23.47 -19.86 4.20
C GLN A 63 24.86 -19.59 3.63
N GLU A 64 25.14 -20.15 2.47
CA GLU A 64 26.44 -19.96 1.83
C GLU A 64 26.58 -18.53 1.33
N GLN A 65 25.46 -17.90 0.97
CA GLN A 65 25.47 -16.53 0.48
C GLN A 65 25.30 -15.54 1.63
N ARG A 66 25.81 -15.91 2.80
CA ARG A 66 25.70 -15.04 3.97
C ARG A 66 26.56 -13.79 3.79
N SER A 67 27.43 -13.82 2.78
CA SER A 67 28.29 -12.68 2.51
C SER A 67 27.49 -11.39 2.45
N VAL A 68 27.85 -10.43 3.29
CA VAL A 68 27.14 -9.15 3.33
C VAL A 68 27.36 -8.39 2.02
N GLU A 69 28.59 -8.42 1.53
CA GLU A 69 28.92 -7.72 0.28
C GLU A 69 28.04 -8.22 -0.86
N SER A 70 27.41 -9.38 -0.66
CA SER A 70 26.54 -9.98 -1.67
C SER A 70 25.08 -9.70 -1.35
N SER A 71 24.75 -9.71 -0.06
CA SER A 71 23.39 -9.47 0.37
C SER A 71 22.98 -8.03 0.06
N LEU A 72 23.88 -7.09 0.35
CA LEU A 72 23.59 -5.69 0.10
C LEU A 72 23.78 -5.35 -1.37
N ARG A 73 24.57 -6.16 -2.06
CA ARG A 73 24.84 -5.95 -3.48
C ARG A 73 23.87 -6.75 -4.34
N ALA A 74 23.16 -7.68 -3.71
CA ALA A 74 22.19 -8.53 -4.42
C ALA A 74 20.79 -8.29 -3.87
N GLN A 75 19.79 -8.49 -4.72
CA GLN A 75 18.40 -8.30 -4.32
C GLN A 75 17.83 -9.61 -3.82
N VAL A 76 16.58 -9.56 -3.35
CA VAL A 76 15.91 -10.77 -2.85
C VAL A 76 14.80 -11.23 -3.81
N PRO A 77 14.80 -12.48 -4.23
CA PRO A 77 13.76 -13.02 -5.15
C PRO A 77 12.34 -12.59 -4.73
N PHE A 78 11.42 -12.62 -5.68
CA PHE A 78 10.04 -12.24 -5.41
C PHE A 78 9.38 -13.24 -4.47
N GLU A 79 9.39 -14.51 -4.84
CA GLU A 79 8.77 -15.55 -4.02
C GLU A 79 9.31 -15.48 -2.59
N GLN A 80 10.62 -15.31 -2.46
CA GLN A 80 11.23 -15.23 -1.14
C GLN A 80 10.42 -14.33 -0.21
N ILE A 81 9.93 -13.22 -0.77
CA ILE A 81 9.14 -12.29 0.02
C ILE A 81 7.76 -12.86 0.32
N LEU A 82 7.17 -13.50 -0.68
CA LEU A 82 5.85 -14.08 -0.51
C LEU A 82 5.82 -15.01 0.70
N SER A 83 7.00 -15.29 1.25
CA SER A 83 7.09 -16.16 2.41
C SER A 83 6.60 -15.44 3.66
N LEU A 84 5.81 -14.39 3.47
CA LEU A 84 5.28 -13.60 4.59
C LEU A 84 3.76 -13.50 4.50
N PRO A 85 3.06 -14.54 4.93
CA PRO A 85 1.58 -14.57 4.88
C PRO A 85 0.95 -13.33 5.51
N GLU A 86 1.73 -12.62 6.33
CA GLU A 86 1.25 -11.42 6.98
C GLU A 86 0.83 -10.37 5.96
N LEU A 87 1.80 -9.89 5.19
CA LEU A 87 1.53 -8.88 4.18
C LEU A 87 0.78 -9.48 3.00
N LYS A 88 0.75 -10.79 2.95
CA LYS A 88 0.06 -11.49 1.87
C LYS A 88 -1.45 -11.27 1.97
N ALA A 89 -1.94 -11.23 3.20
CA ALA A 89 -3.37 -11.04 3.44
C ALA A 89 -3.87 -9.85 2.65
N ASN A 90 -2.94 -9.07 2.08
CA ASN A 90 -3.32 -7.89 1.31
C ASN A 90 -3.73 -8.28 -0.12
N PRO A 91 -4.99 -8.13 -0.48
CA PRO A 91 -5.48 -8.49 -1.85
C PRO A 91 -4.70 -7.78 -2.96
N PHE A 92 -3.87 -6.82 -2.58
CA PHE A 92 -3.10 -6.04 -3.55
C PHE A 92 -1.61 -6.09 -3.19
N LYS A 93 -1.19 -7.17 -2.55
CA LYS A 93 0.21 -7.31 -2.16
C LYS A 93 1.12 -7.12 -3.37
N GLU A 94 0.57 -7.32 -4.56
CA GLU A 94 1.34 -7.18 -5.79
C GLU A 94 1.49 -5.71 -6.17
N ARG A 95 0.39 -4.97 -6.11
CA ARG A 95 0.42 -3.55 -6.44
C ARG A 95 0.94 -2.72 -5.28
N ILE A 96 0.71 -3.20 -4.07
CA ILE A 96 1.16 -2.49 -2.88
C ILE A 96 2.69 -2.53 -2.79
N CYS A 97 3.25 -3.71 -3.00
CA CYS A 97 4.70 -3.87 -2.95
C CYS A 97 5.37 -3.23 -4.15
N ARG A 98 4.77 -3.42 -5.33
CA ARG A 98 5.33 -2.86 -6.56
C ARG A 98 5.32 -1.33 -6.51
N VAL A 99 4.21 -0.77 -6.06
CA VAL A 99 4.08 0.69 -5.96
C VAL A 99 4.95 1.23 -4.84
N PHE A 100 4.99 0.51 -3.73
CA PHE A 100 5.78 0.94 -2.57
C PHE A 100 7.26 0.67 -2.81
N SER A 101 7.56 -0.42 -3.50
CA SER A 101 8.94 -0.78 -3.79
C SER A 101 9.44 -0.03 -5.01
N THR A 102 10.75 -0.12 -5.25
CA THR A 102 11.37 0.57 -6.39
C THR A 102 12.38 -0.34 -7.08
N SER A 103 12.27 -0.44 -8.41
CA SER A 103 13.18 -1.28 -9.16
C SER A 103 13.12 -0.93 -10.65
N PRO A 104 14.12 -1.30 -11.41
CA PRO A 104 14.18 -1.03 -12.87
C PRO A 104 13.08 -1.77 -13.63
N ALA A 105 13.15 -3.10 -13.63
CA ALA A 105 12.16 -3.92 -14.33
C ALA A 105 11.10 -4.44 -13.35
N LYS A 106 11.23 -4.03 -12.09
CA LYS A 106 10.28 -4.44 -11.07
C LYS A 106 10.18 -5.96 -11.02
N ASP A 107 11.31 -6.64 -11.25
CA ASP A 107 11.34 -8.10 -11.24
C ASP A 107 11.99 -8.62 -9.96
N SER A 108 12.51 -7.70 -9.15
CA SER A 108 13.16 -8.06 -7.90
C SER A 108 12.73 -7.13 -6.77
N LEU A 109 12.86 -7.59 -5.53
CA LEU A 109 12.48 -6.79 -4.38
C LEU A 109 13.59 -6.80 -3.33
N SER A 110 13.96 -5.62 -2.86
CA SER A 110 15.02 -5.49 -1.85
C SER A 110 14.42 -5.52 -0.45
N PHE A 111 15.15 -6.11 0.49
CA PHE A 111 14.68 -6.19 1.86
C PHE A 111 14.69 -4.82 2.52
N GLU A 112 15.43 -3.89 1.92
CA GLU A 112 15.52 -2.53 2.46
C GLU A 112 14.18 -1.81 2.31
N ASP A 113 13.77 -1.60 1.06
CA ASP A 113 12.51 -0.92 0.78
C ASP A 113 11.34 -1.70 1.36
N PHE A 114 11.41 -3.02 1.24
CA PHE A 114 10.35 -3.88 1.75
C PHE A 114 10.22 -3.72 3.27
N LEU A 115 11.35 -3.65 3.94
CA LEU A 115 11.35 -3.51 5.39
C LEU A 115 10.62 -2.24 5.79
N ASP A 116 10.77 -1.19 4.99
CA ASP A 116 10.12 0.09 5.28
C ASP A 116 8.62 -0.06 5.17
N LEU A 117 8.18 -0.85 4.20
CA LEU A 117 6.75 -1.06 4.00
C LEU A 117 6.12 -1.63 5.26
N LEU A 118 6.80 -2.59 5.88
CA LEU A 118 6.27 -3.21 7.09
C LEU A 118 6.16 -2.19 8.21
N SER A 119 7.18 -1.35 8.34
CA SER A 119 7.18 -0.33 9.38
C SER A 119 5.94 0.54 9.28
N VAL A 120 5.49 0.79 8.06
CA VAL A 120 4.31 1.61 7.84
C VAL A 120 3.07 0.91 8.37
N PHE A 121 2.83 -0.31 7.90
CA PHE A 121 1.68 -1.08 8.34
C PHE A 121 1.82 -1.47 9.81
N SER A 122 2.96 -1.15 10.39
CA SER A 122 3.21 -1.48 11.80
C SER A 122 2.59 -0.43 12.71
N ASP A 123 3.28 0.70 12.88
CA ASP A 123 2.80 1.78 13.74
C ASP A 123 3.17 3.13 13.15
N THR A 124 4.30 3.19 12.46
CA THR A 124 4.75 4.44 11.86
C THR A 124 3.62 5.11 11.08
N ALA A 125 2.78 4.30 10.46
CA ALA A 125 1.66 4.82 9.68
C ALA A 125 0.88 5.85 10.49
N THR A 126 1.32 7.10 10.44
CA THR A 126 0.65 8.16 11.19
C THR A 126 -0.59 8.64 10.43
N PRO A 127 -1.56 9.19 11.11
CA PRO A 127 -2.81 9.70 10.49
C PRO A 127 -2.56 10.38 9.14
N ASP A 128 -1.86 11.52 9.18
CA ASP A 128 -1.58 12.27 7.96
C ASP A 128 -0.75 11.43 7.00
N ILE A 129 0.32 10.83 7.50
CA ILE A 129 1.18 10.00 6.66
C ILE A 129 0.42 8.83 6.10
N LYS A 130 -0.65 8.42 6.79
CA LYS A 130 -1.47 7.31 6.34
C LYS A 130 -2.26 7.70 5.09
N SER A 131 -2.94 8.84 5.17
CA SER A 131 -3.74 9.31 4.05
C SER A 131 -2.89 9.40 2.79
N HIS A 132 -1.90 10.28 2.81
CA HIS A 132 -1.02 10.45 1.65
C HIS A 132 -0.58 9.11 1.09
N TYR A 133 0.04 8.30 1.96
CA TYR A 133 0.52 6.98 1.54
C TYR A 133 -0.58 6.22 0.82
N ALA A 134 -1.76 6.19 1.42
CA ALA A 134 -2.89 5.49 0.83
C ALA A 134 -3.21 6.05 -0.54
N PHE A 135 -3.57 7.34 -0.59
CA PHE A 135 -3.91 8.01 -1.85
C PHE A 135 -3.09 7.45 -3.00
N ARG A 136 -1.83 7.12 -2.71
CA ARG A 136 -0.94 6.55 -3.72
C ARG A 136 -1.17 5.05 -3.87
N ILE A 137 -1.05 4.32 -2.77
CA ILE A 137 -1.24 2.87 -2.79
C ILE A 137 -2.68 2.52 -3.20
N PHE A 138 -3.63 3.21 -2.59
CA PHE A 138 -5.04 2.96 -2.88
C PHE A 138 -5.30 3.10 -4.37
N ASP A 139 -4.60 4.04 -5.01
CA ASP A 139 -4.79 4.27 -6.43
C ASP A 139 -4.39 3.03 -7.23
N PHE A 140 -5.39 2.23 -7.60
CA PHE A 140 -5.13 1.02 -8.37
C PHE A 140 -4.39 1.35 -9.66
N ASP A 141 -4.85 2.37 -10.36
CA ASP A 141 -4.21 2.77 -11.61
C ASP A 141 -2.84 3.39 -11.35
N ASP A 142 -2.56 3.66 -10.08
CA ASP A 142 -1.28 4.26 -9.70
C ASP A 142 -1.04 5.56 -10.46
N ASP A 143 -2.13 6.17 -10.93
CA ASP A 143 -2.03 7.43 -11.68
C ASP A 143 -2.01 8.62 -10.72
N GLY A 144 -2.95 8.61 -9.79
CA GLY A 144 -3.06 9.69 -8.80
C GLY A 144 -4.50 9.92 -8.37
N THR A 145 -5.42 9.90 -9.34
CA THR A 145 -6.83 10.11 -9.05
C THR A 145 -7.50 8.79 -8.70
N LEU A 146 -8.69 8.86 -8.11
CA LEU A 146 -9.43 7.66 -7.72
C LEU A 146 -10.79 7.64 -8.40
N ASN A 147 -11.14 6.49 -8.96
CA ASN A 147 -12.42 6.34 -9.65
C ASN A 147 -13.41 5.58 -8.76
N ARG A 148 -14.66 5.49 -9.22
CA ARG A 148 -15.69 4.78 -8.47
C ARG A 148 -15.37 3.30 -8.38
N GLU A 149 -14.79 2.76 -9.45
CA GLU A 149 -14.45 1.34 -9.49
C GLU A 149 -13.35 1.04 -8.47
N ASP A 150 -12.38 1.95 -8.36
CA ASP A 150 -11.28 1.75 -7.42
C ASP A 150 -11.82 1.41 -6.03
N LEU A 151 -12.85 2.12 -5.60
CA LEU A 151 -13.44 1.89 -4.30
C LEU A 151 -14.14 0.53 -4.27
N SER A 152 -14.85 0.21 -5.34
CA SER A 152 -15.57 -1.06 -5.42
C SER A 152 -14.58 -2.24 -5.42
N ARG A 153 -13.32 -1.92 -5.66
CA ARG A 153 -12.27 -2.95 -5.67
C ARG A 153 -11.69 -3.15 -4.29
N LEU A 154 -11.54 -2.07 -3.55
CA LEU A 154 -10.99 -2.15 -2.20
C LEU A 154 -12.01 -2.75 -1.24
N VAL A 155 -13.23 -2.24 -1.29
CA VAL A 155 -14.29 -2.71 -0.41
C VAL A 155 -14.64 -4.16 -0.75
N ASN A 156 -14.63 -4.48 -2.04
CA ASN A 156 -14.96 -5.84 -2.46
C ASN A 156 -13.83 -6.80 -2.10
N CYS A 157 -12.66 -6.57 -2.67
CA CYS A 157 -11.51 -7.43 -2.41
C CYS A 157 -11.44 -7.80 -0.93
N LEU A 158 -11.53 -6.80 -0.07
CA LEU A 158 -11.47 -7.03 1.37
C LEU A 158 -12.67 -7.85 1.83
N THR A 159 -13.86 -7.44 1.43
CA THR A 159 -15.07 -8.16 1.83
C THR A 159 -14.87 -9.66 1.67
N GLY A 160 -14.48 -10.09 0.48
CA GLY A 160 -14.26 -11.51 0.22
C GLY A 160 -14.17 -11.78 -1.27
N GLU A 161 -13.04 -11.44 -1.87
CA GLU A 161 -12.85 -11.66 -3.30
C GLU A 161 -13.31 -13.06 -3.69
N GLY A 162 -14.08 -13.16 -4.77
CA GLY A 162 -14.58 -14.45 -5.24
C GLY A 162 -15.90 -14.80 -4.57
N GLU A 163 -16.81 -13.83 -4.54
CA GLU A 163 -18.12 -14.05 -3.91
C GLU A 163 -19.11 -13.00 -4.40
N ASP A 164 -20.40 -13.33 -4.32
CA ASP A 164 -21.45 -12.41 -4.74
C ASP A 164 -21.60 -11.27 -3.74
N THR A 165 -20.87 -11.38 -2.63
CA THR A 165 -20.93 -10.34 -1.59
C THR A 165 -20.67 -8.99 -2.22
N ARG A 166 -20.85 -7.93 -1.40
CA ARG A 166 -20.65 -6.54 -1.87
C ARG A 166 -19.78 -6.49 -3.11
N LEU A 167 -20.42 -6.54 -4.28
CA LEU A 167 -19.69 -6.52 -5.55
C LEU A 167 -20.19 -5.38 -6.43
N SER A 168 -19.42 -5.06 -7.46
CA SER A 168 -19.79 -4.00 -8.38
C SER A 168 -21.11 -4.33 -9.08
N ALA A 169 -22.06 -3.41 -8.97
CA ALA A 169 -23.36 -3.61 -9.60
C ALA A 169 -24.14 -2.29 -9.64
N SER A 170 -25.41 -2.38 -10.00
CA SER A 170 -26.26 -1.19 -10.07
C SER A 170 -26.40 -0.54 -8.69
N GLU A 171 -26.64 -1.37 -7.69
CA GLU A 171 -26.79 -0.88 -6.32
C GLU A 171 -25.50 -0.24 -5.84
N MET A 172 -24.38 -0.89 -6.13
CA MET A 172 -23.08 -0.39 -5.71
C MET A 172 -22.74 0.89 -6.48
N LYS A 173 -23.33 1.04 -7.66
CA LYS A 173 -23.07 2.23 -8.48
C LYS A 173 -23.66 3.47 -7.81
N GLN A 174 -24.91 3.37 -7.38
CA GLN A 174 -25.57 4.49 -6.72
C GLN A 174 -25.00 4.71 -5.33
N LEU A 175 -24.38 3.68 -4.77
CA LEU A 175 -23.80 3.78 -3.44
C LEU A 175 -22.67 4.80 -3.43
N ILE A 176 -21.71 4.62 -4.34
CA ILE A 176 -20.57 5.53 -4.42
C ILE A 176 -21.02 6.93 -4.81
N ASP A 177 -21.94 6.99 -5.77
CA ASP A 177 -22.45 8.28 -6.23
C ASP A 177 -23.06 9.06 -5.07
N ASN A 178 -23.90 8.39 -4.28
CA ASN A 178 -24.54 9.03 -3.14
C ASN A 178 -23.50 9.56 -2.16
N ILE A 179 -22.47 8.76 -1.91
CA ILE A 179 -21.40 9.17 -1.00
C ILE A 179 -20.67 10.39 -1.53
N LEU A 180 -20.41 10.39 -2.84
CA LEU A 180 -19.71 11.51 -3.46
C LEU A 180 -20.53 12.78 -3.38
N GLU A 181 -21.83 12.66 -3.61
CA GLU A 181 -22.72 13.81 -3.55
C GLU A 181 -22.81 14.35 -2.13
N GLU A 182 -22.98 13.46 -1.17
CA GLU A 182 -23.09 13.86 0.23
C GLU A 182 -21.76 14.41 0.73
N SER A 183 -20.66 13.83 0.26
CA SER A 183 -19.33 14.26 0.67
C SER A 183 -18.85 15.42 -0.20
N ASP A 184 -18.39 15.10 -1.42
CA ASP A 184 -17.92 16.12 -2.34
C ASP A 184 -19.09 16.82 -3.02
N ILE A 185 -18.95 18.13 -3.21
CA ILE A 185 -20.01 18.92 -3.85
C ILE A 185 -19.67 19.15 -5.32
N ASP A 186 -18.41 19.44 -5.60
CA ASP A 186 -17.97 19.68 -6.98
C ASP A 186 -18.41 18.54 -7.88
N ARG A 187 -18.84 17.43 -7.27
CA ARG A 187 -19.28 16.26 -8.04
C ARG A 187 -18.38 16.05 -9.25
N ASP A 188 -17.13 16.47 -9.13
CA ASP A 188 -16.18 16.33 -10.23
C ASP A 188 -16.26 14.92 -10.83
N GLY A 189 -16.86 14.00 -10.08
CA GLY A 189 -17.01 12.63 -10.54
C GLY A 189 -15.81 11.78 -10.14
N THR A 190 -14.86 12.40 -9.45
CA THR A 190 -13.65 11.70 -9.01
C THR A 190 -13.17 12.27 -7.68
N ILE A 191 -12.30 11.53 -7.00
CA ILE A 191 -11.76 11.96 -5.72
C ILE A 191 -10.26 12.18 -5.82
N ASN A 192 -9.83 13.41 -5.52
CA ASN A 192 -8.41 13.76 -5.58
C ASN A 192 -7.78 13.64 -4.20
N LEU A 193 -6.53 14.08 -4.08
CA LEU A 193 -5.82 14.00 -2.82
C LEU A 193 -6.56 14.77 -1.73
N SER A 194 -6.88 16.02 -2.00
CA SER A 194 -7.59 16.84 -1.05
C SER A 194 -8.96 16.25 -0.72
N GLU A 195 -9.68 15.83 -1.75
CA GLU A 195 -10.99 15.25 -1.56
C GLU A 195 -10.88 13.89 -0.87
N PHE A 196 -9.76 13.21 -1.10
CA PHE A 196 -9.55 11.90 -0.47
C PHE A 196 -9.48 12.02 1.04
N GLN A 197 -8.63 12.95 1.51
CA GLN A 197 -8.47 13.15 2.95
C GLN A 197 -9.82 13.48 3.59
N HIS A 198 -10.63 14.27 2.89
CA HIS A 198 -11.94 14.66 3.40
C HIS A 198 -12.93 13.53 3.23
N VAL A 199 -13.40 13.32 1.99
CA VAL A 199 -14.37 12.27 1.69
C VAL A 199 -14.19 11.06 2.59
N ILE A 200 -12.94 10.65 2.80
CA ILE A 200 -12.65 9.51 3.65
C ILE A 200 -12.91 9.87 5.12
N SER A 201 -12.46 11.04 5.54
CA SER A 201 -12.64 11.49 6.92
C SER A 201 -13.68 12.59 6.99
N ARG A 202 -14.68 12.51 6.13
CA ARG A 202 -15.76 13.52 6.10
C ARG A 202 -17.08 12.89 6.48
N SER A 203 -17.16 11.56 6.39
CA SER A 203 -18.39 10.87 6.75
C SER A 203 -18.09 9.50 7.37
N PRO A 204 -18.79 9.11 8.42
CA PRO A 204 -18.59 7.78 9.08
C PRO A 204 -18.37 6.65 8.06
N ASP A 205 -18.73 6.92 6.80
CA ASP A 205 -18.59 5.91 5.75
C ASP A 205 -17.23 5.24 5.82
N PHE A 206 -16.29 5.72 5.02
CA PHE A 206 -14.95 5.15 5.00
C PHE A 206 -14.11 5.70 6.16
N ALA A 207 -14.64 6.72 6.84
CA ALA A 207 -13.93 7.32 7.97
C ALA A 207 -13.77 6.30 9.09
N SER A 208 -14.77 5.46 9.27
CA SER A 208 -14.72 4.45 10.32
C SER A 208 -13.67 3.39 10.00
N SER A 209 -13.49 3.11 8.71
CA SER A 209 -12.51 2.12 8.28
C SER A 209 -11.10 2.69 8.37
N PHE A 210 -11.00 3.98 8.66
CA PHE A 210 -9.70 4.63 8.78
C PHE A 210 -8.79 3.84 9.72
N LYS A 211 -9.37 2.87 10.42
CA LYS A 211 -8.60 2.05 11.35
C LYS A 211 -7.29 1.60 10.70
N ILE A 212 -7.29 0.41 10.13
CA ILE A 212 -6.10 -0.13 9.48
C ILE A 212 -6.47 -0.82 8.17
N VAL A 213 -5.83 -0.39 7.08
CA VAL A 213 -6.08 -0.96 5.77
C VAL A 213 -4.77 -1.24 5.04
N LEU A 214 -4.81 -2.21 4.15
CA LEU A 214 -3.61 -2.57 3.38
C LEU A 214 -3.97 -3.60 2.30
CA CA B . -7.21 5.62 -10.54
CA CA C . -15.02 15.23 -5.79
N LEU A 31 2.49 16.83 0.17
CA LEU A 31 3.43 15.67 0.24
C LEU A 31 3.32 14.85 -1.04
N SER A 32 4.30 15.01 -1.93
CA SER A 32 4.30 14.27 -3.19
C SER A 32 5.20 13.04 -3.09
N LYS A 33 5.33 12.32 -4.19
CA LYS A 33 6.16 11.12 -4.22
C LYS A 33 7.64 11.49 -4.16
N GLU A 34 7.92 12.80 -4.23
CA GLU A 34 9.30 13.27 -4.17
C GLU A 34 9.85 13.15 -2.76
N LEU A 35 9.34 13.99 -1.86
CA LEU A 35 9.80 13.98 -0.47
C LEU A 35 9.89 12.55 0.03
N LEU A 36 8.92 11.72 -0.35
CA LEU A 36 8.92 10.33 0.09
C LEU A 36 10.17 9.62 -0.40
N ALA A 37 10.52 9.85 -1.65
CA ALA A 37 11.71 9.22 -2.23
C ALA A 37 12.96 9.65 -1.49
N GLU A 38 12.93 10.86 -0.93
CA GLU A 38 14.08 11.38 -0.19
C GLU A 38 14.28 10.60 1.09
N TYR A 39 13.18 10.23 1.74
CA TYR A 39 13.26 9.47 2.98
C TYR A 39 13.64 8.02 2.70
N GLN A 40 13.19 7.50 1.57
CA GLN A 40 13.48 6.13 1.19
C GLN A 40 14.98 5.96 0.94
N ASP A 41 15.64 7.05 0.57
CA ASP A 41 17.08 7.00 0.29
C ASP A 41 17.81 6.26 1.41
N LEU A 42 18.42 7.03 2.33
CA LEU A 42 19.17 6.43 3.44
C LEU A 42 18.77 7.07 4.76
N THR A 43 17.46 7.15 5.01
CA THR A 43 16.93 7.74 6.24
C THR A 43 16.01 6.75 6.95
N PHE A 44 15.18 6.05 6.18
CA PHE A 44 14.26 5.07 6.76
C PHE A 44 14.98 3.76 7.03
N LEU A 45 16.27 3.71 6.70
CA LEU A 45 17.05 2.49 6.92
C LEU A 45 17.91 2.64 8.17
N THR A 46 17.45 2.03 9.27
CA THR A 46 18.19 2.10 10.53
C THR A 46 19.37 1.14 10.50
N LYS A 47 19.81 0.70 11.68
CA LYS A 47 20.94 -0.22 11.79
C LYS A 47 20.54 -1.47 12.56
N GLN A 48 19.72 -1.29 13.59
CA GLN A 48 19.26 -2.42 14.39
C GLN A 48 18.20 -3.22 13.65
N GLU A 49 17.20 -2.53 13.12
CA GLU A 49 16.12 -3.19 12.39
C GLU A 49 16.66 -3.82 11.11
N ILE A 50 17.59 -3.14 10.46
CA ILE A 50 18.17 -3.63 9.22
C ILE A 50 19.09 -4.82 9.51
N LEU A 51 19.88 -4.70 10.57
CA LEU A 51 20.80 -5.78 10.93
C LEU A 51 20.02 -7.05 11.27
N LEU A 52 18.98 -6.90 12.09
CA LEU A 52 18.18 -8.05 12.49
C LEU A 52 17.41 -8.59 11.30
N ALA A 53 16.85 -7.69 10.50
CA ALA A 53 16.08 -8.10 9.33
C ALA A 53 16.95 -8.85 8.34
N HIS A 54 18.20 -8.41 8.22
CA HIS A 54 19.13 -9.07 7.31
C HIS A 54 19.33 -10.53 7.70
N ARG A 55 19.46 -10.78 8.99
CA ARG A 55 19.64 -12.14 9.48
C ARG A 55 18.42 -13.00 9.14
N ARG A 56 17.23 -12.41 9.24
CA ARG A 56 16.01 -13.13 8.94
C ARG A 56 15.93 -13.47 7.45
N PHE A 57 16.27 -12.50 6.60
CA PHE A 57 16.22 -12.71 5.17
C PHE A 57 17.41 -13.56 4.71
N CYS A 58 18.37 -13.76 5.60
CA CYS A 58 19.55 -14.56 5.28
C CYS A 58 19.22 -16.04 5.38
N GLU A 59 18.46 -16.40 6.41
CA GLU A 59 18.08 -17.80 6.61
C GLU A 59 17.31 -18.33 5.40
N LEU A 60 16.46 -17.48 4.85
CA LEU A 60 15.67 -17.88 3.69
C LEU A 60 16.56 -18.07 2.46
N LEU A 61 17.73 -17.44 2.49
CA LEU A 61 18.68 -17.53 1.38
C LEU A 61 19.84 -18.46 1.75
N PRO A 62 20.47 -19.07 0.76
CA PRO A 62 21.62 -19.97 0.99
C PRO A 62 22.54 -19.47 2.10
N GLN A 63 22.68 -20.25 3.16
CA GLN A 63 23.54 -19.88 4.27
C GLN A 63 24.97 -19.64 3.78
N GLU A 64 25.31 -20.23 2.65
CA GLU A 64 26.65 -20.08 2.08
C GLU A 64 26.86 -18.65 1.60
N GLN A 65 25.77 -17.99 1.21
CA GLN A 65 25.85 -16.61 0.73
C GLN A 65 25.59 -15.62 1.85
N ARG A 66 26.04 -15.97 3.06
CA ARG A 66 25.84 -15.11 4.22
C ARG A 66 26.70 -13.86 4.10
N SER A 67 27.61 -13.86 3.12
CA SER A 67 28.49 -12.72 2.91
C SER A 67 27.67 -11.44 2.80
N VAL A 68 27.99 -10.46 3.65
CA VAL A 68 27.28 -9.19 3.63
C VAL A 68 27.55 -8.44 2.33
N GLU A 69 28.80 -8.46 1.89
CA GLU A 69 29.18 -7.78 0.65
C GLU A 69 28.33 -8.27 -0.51
N SER A 70 27.69 -9.43 -0.33
CA SER A 70 26.84 -10.01 -1.38
C SER A 70 25.38 -9.68 -1.11
N SER A 71 25.02 -9.60 0.17
CA SER A 71 23.64 -9.29 0.54
C SER A 71 23.30 -7.86 0.18
N LEU A 72 24.20 -6.94 0.50
CA LEU A 72 23.99 -5.53 0.20
C LEU A 72 24.22 -5.25 -1.27
N ARG A 73 25.03 -6.08 -1.91
CA ARG A 73 25.35 -5.91 -3.33
C ARG A 73 24.37 -6.67 -4.20
N ALA A 74 23.58 -7.55 -3.57
CA ALA A 74 22.59 -8.36 -4.29
C ALA A 74 21.20 -8.07 -3.76
N GLN A 75 20.19 -8.23 -4.62
CA GLN A 75 18.81 -8.00 -4.23
C GLN A 75 18.18 -9.28 -3.71
N VAL A 76 16.91 -9.20 -3.31
CA VAL A 76 16.20 -10.36 -2.80
C VAL A 76 15.13 -10.84 -3.79
N PRO A 77 15.13 -12.10 -4.18
CA PRO A 77 14.12 -12.65 -5.13
C PRO A 77 12.70 -12.19 -4.78
N PHE A 78 11.81 -12.24 -5.78
CA PHE A 78 10.42 -11.83 -5.58
C PHE A 78 9.71 -12.79 -4.63
N GLU A 79 9.73 -14.08 -4.97
CA GLU A 79 9.08 -15.09 -4.14
C GLU A 79 9.53 -14.98 -2.68
N GLN A 80 10.84 -14.84 -2.50
CA GLN A 80 11.40 -14.73 -1.16
C GLN A 80 10.56 -13.78 -0.31
N ILE A 81 10.10 -12.70 -0.91
CA ILE A 81 9.29 -11.73 -0.19
C ILE A 81 7.90 -12.29 0.09
N LEU A 82 7.33 -12.96 -0.91
CA LEU A 82 6.01 -13.54 -0.77
C LEU A 82 5.95 -14.45 0.45
N SER A 83 7.11 -14.74 1.03
CA SER A 83 7.19 -15.61 2.20
C SER A 83 6.62 -14.89 3.42
N LEU A 84 5.83 -13.85 3.20
CA LEU A 84 5.23 -13.08 4.29
C LEU A 84 3.72 -13.04 4.15
N PRO A 85 3.05 -14.08 4.58
CA PRO A 85 1.56 -14.17 4.49
C PRO A 85 0.86 -12.95 5.09
N GLU A 86 1.59 -12.23 5.95
CA GLU A 86 1.04 -11.04 6.58
C GLU A 86 0.62 -9.99 5.55
N LEU A 87 1.61 -9.47 4.83
CA LEU A 87 1.34 -8.45 3.82
C LEU A 87 0.68 -9.08 2.59
N LYS A 88 0.70 -10.40 2.53
CA LYS A 88 0.11 -11.11 1.40
C LYS A 88 -1.41 -10.93 1.41
N ALA A 89 -1.99 -10.94 2.61
CA ALA A 89 -3.43 -10.78 2.75
C ALA A 89 -3.90 -9.55 1.98
N ASN A 90 -2.95 -8.74 1.50
CA ASN A 90 -3.28 -7.54 0.77
C ASN A 90 -3.72 -7.87 -0.66
N PRO A 91 -4.98 -7.63 -1.02
CA PRO A 91 -5.49 -7.94 -2.39
C PRO A 91 -4.62 -7.31 -3.50
N PHE A 92 -3.73 -6.40 -3.11
CA PHE A 92 -2.86 -5.73 -4.07
C PHE A 92 -1.41 -5.72 -3.58
N LYS A 93 -0.95 -6.85 -3.07
CA LYS A 93 0.41 -6.96 -2.57
C LYS A 93 1.41 -6.70 -3.69
N GLU A 94 0.96 -6.87 -4.93
CA GLU A 94 1.82 -6.66 -6.09
C GLU A 94 1.97 -5.17 -6.38
N ARG A 95 0.89 -4.43 -6.25
CA ARG A 95 0.91 -3.00 -6.49
C ARG A 95 1.56 -2.25 -5.33
N ILE A 96 1.31 -2.74 -4.12
CA ILE A 96 1.86 -2.09 -2.93
C ILE A 96 3.38 -2.21 -2.92
N CYS A 97 3.89 -3.40 -3.25
CA CYS A 97 5.32 -3.63 -3.27
C CYS A 97 5.97 -2.96 -4.47
N ARG A 98 5.37 -3.11 -5.64
CA ARG A 98 5.91 -2.52 -6.86
C ARG A 98 5.93 -0.99 -6.75
N VAL A 99 4.84 -0.43 -6.26
CA VAL A 99 4.74 1.02 -6.11
C VAL A 99 5.73 1.52 -5.05
N PHE A 100 5.87 0.76 -3.98
CA PHE A 100 6.78 1.14 -2.89
C PHE A 100 8.21 0.73 -3.22
N SER A 101 8.35 -0.31 -4.03
CA SER A 101 9.68 -0.80 -4.41
C SER A 101 10.27 0.09 -5.51
N THR A 102 11.60 0.13 -5.56
CA THR A 102 12.29 0.94 -6.57
C THR A 102 13.32 0.09 -7.29
N SER A 103 13.07 -0.16 -8.59
CA SER A 103 13.99 -0.96 -9.39
C SER A 103 13.90 -0.56 -10.86
N PRO A 104 14.89 -0.90 -11.64
CA PRO A 104 14.93 -0.57 -13.09
C PRO A 104 13.86 -1.32 -13.88
N ALA A 105 13.92 -2.65 -13.84
CA ALA A 105 12.95 -3.48 -14.55
C ALA A 105 11.89 -4.01 -13.59
N LYS A 106 11.99 -3.61 -12.33
CA LYS A 106 11.04 -4.05 -11.31
C LYS A 106 10.96 -5.58 -11.27
N ASP A 107 12.09 -6.24 -11.49
CA ASP A 107 12.15 -7.69 -11.48
C ASP A 107 12.73 -8.21 -10.17
N SER A 108 13.20 -7.28 -9.33
CA SER A 108 13.79 -7.64 -8.04
C SER A 108 13.23 -6.76 -6.94
N LEU A 109 13.29 -7.25 -5.70
CA LEU A 109 12.78 -6.50 -4.55
C LEU A 109 13.80 -6.51 -3.41
N SER A 110 14.08 -5.32 -2.88
CA SER A 110 15.04 -5.19 -1.78
C SER A 110 14.32 -5.26 -0.44
N PHE A 111 14.95 -5.91 0.53
CA PHE A 111 14.36 -6.05 1.86
C PHE A 111 14.39 -4.71 2.59
N GLU A 112 15.16 -3.76 2.07
CA GLU A 112 15.27 -2.45 2.68
C GLU A 112 13.96 -1.68 2.52
N ASP A 113 13.60 -1.37 1.28
CA ASP A 113 12.37 -0.64 1.01
C ASP A 113 11.16 -1.43 1.50
N PHE A 114 11.16 -2.73 1.24
CA PHE A 114 10.06 -3.59 1.65
C PHE A 114 9.87 -3.53 3.16
N LEU A 115 10.99 -3.65 3.89
CA LEU A 115 10.94 -3.61 5.34
C LEU A 115 10.42 -2.26 5.82
N ASP A 116 10.84 -1.20 5.15
CA ASP A 116 10.42 0.14 5.53
C ASP A 116 8.91 0.26 5.50
N LEU A 117 8.30 -0.28 4.45
CA LEU A 117 6.86 -0.22 4.31
C LEU A 117 6.19 -0.90 5.50
N LEU A 118 6.65 -2.09 5.84
CA LEU A 118 6.08 -2.83 6.96
C LEU A 118 6.14 -2.00 8.23
N SER A 119 7.31 -1.43 8.51
CA SER A 119 7.50 -0.63 9.71
C SER A 119 6.52 0.54 9.73
N VAL A 120 6.37 1.21 8.58
CA VAL A 120 5.47 2.34 8.47
C VAL A 120 4.03 1.90 8.76
N PHE A 121 3.63 0.77 8.20
CA PHE A 121 2.29 0.26 8.40
C PHE A 121 2.17 -0.47 9.74
N SER A 122 3.29 -0.54 10.46
CA SER A 122 3.31 -1.22 11.75
C SER A 122 2.71 -0.32 12.83
N ASP A 123 3.42 0.75 13.16
CA ASP A 123 2.93 1.68 14.19
C ASP A 123 3.20 3.13 13.77
N THR A 124 4.40 3.40 13.30
CA THR A 124 4.76 4.74 12.87
C THR A 124 3.69 5.32 11.96
N ALA A 125 2.77 4.46 11.50
CA ALA A 125 1.69 4.90 10.62
C ALA A 125 1.01 6.14 11.18
N THR A 126 1.57 7.32 10.89
CA THR A 126 1.00 8.57 11.39
C THR A 126 -0.07 9.09 10.42
N PRO A 127 -1.05 9.80 10.91
CA PRO A 127 -2.14 10.37 10.07
C PRO A 127 -1.62 10.89 8.73
N ASP A 128 -0.45 11.52 8.75
CA ASP A 128 0.14 12.06 7.54
C ASP A 128 0.57 10.95 6.59
N ILE A 129 1.62 10.21 6.99
CA ILE A 129 2.12 9.12 6.17
C ILE A 129 1.01 8.12 5.85
N LYS A 130 0.08 7.95 6.79
CA LYS A 130 -1.02 7.03 6.60
C LYS A 130 -1.79 7.38 5.33
N SER A 131 -2.46 8.53 5.35
CA SER A 131 -3.23 8.96 4.18
C SER A 131 -2.40 8.83 2.91
N HIS A 132 -1.33 9.62 2.82
CA HIS A 132 -0.46 9.59 1.65
C HIS A 132 -0.26 8.16 1.15
N TYR A 133 0.07 7.27 2.07
CA TYR A 133 0.28 5.86 1.71
C TYR A 133 -0.99 5.27 1.13
N ALA A 134 -2.12 5.56 1.77
CA ALA A 134 -3.40 5.04 1.30
C ALA A 134 -3.70 5.57 -0.10
N PHE A 135 -4.07 6.84 -0.18
CA PHE A 135 -4.39 7.48 -1.47
C PHE A 135 -3.56 6.87 -2.61
N ARG A 136 -2.32 6.54 -2.30
CA ARG A 136 -1.43 5.94 -3.28
C ARG A 136 -1.79 4.47 -3.52
N ILE A 137 -1.92 3.72 -2.43
CA ILE A 137 -2.25 2.30 -2.51
C ILE A 137 -3.69 2.11 -3.00
N PHE A 138 -4.58 2.99 -2.54
CA PHE A 138 -5.98 2.90 -2.92
C PHE A 138 -6.12 3.00 -4.44
N ASP A 139 -5.35 3.89 -5.05
CA ASP A 139 -5.40 4.06 -6.50
C ASP A 139 -4.99 2.78 -7.20
N PHE A 140 -5.97 1.95 -7.55
CA PHE A 140 -5.69 0.70 -8.24
C PHE A 140 -4.92 0.95 -9.52
N ASP A 141 -5.36 1.94 -10.30
CA ASP A 141 -4.70 2.27 -11.55
C ASP A 141 -3.33 2.90 -11.28
N ASP A 142 -3.04 3.14 -10.01
CA ASP A 142 -1.76 3.73 -9.63
C ASP A 142 -1.53 5.04 -10.37
N ASP A 143 -2.62 5.64 -10.86
CA ASP A 143 -2.54 6.90 -11.60
C ASP A 143 -2.55 8.08 -10.62
N GLY A 144 -3.47 8.04 -9.67
CA GLY A 144 -3.59 9.09 -8.66
C GLY A 144 -5.04 9.37 -8.31
N THR A 145 -5.91 9.40 -9.32
CA THR A 145 -7.32 9.65 -9.10
C THR A 145 -8.04 8.37 -8.72
N LEU A 146 -9.26 8.50 -8.20
CA LEU A 146 -10.05 7.33 -7.82
C LEU A 146 -11.44 7.40 -8.44
N ASN A 147 -11.93 6.24 -8.89
CA ASN A 147 -13.24 6.16 -9.53
C ASN A 147 -14.12 5.15 -8.80
N ARG A 148 -15.35 5.00 -9.27
CA ARG A 148 -16.30 4.07 -8.65
C ARG A 148 -15.74 2.66 -8.69
N GLU A 149 -15.05 2.32 -9.77
CA GLU A 149 -14.47 0.99 -9.92
C GLU A 149 -13.41 0.74 -8.84
N ASP A 150 -12.57 1.73 -8.61
CA ASP A 150 -11.53 1.60 -7.59
C ASP A 150 -12.12 1.26 -6.24
N LEU A 151 -13.19 1.96 -5.87
CA LEU A 151 -13.85 1.71 -4.59
C LEU A 151 -14.51 0.34 -4.59
N SER A 152 -15.16 -0.01 -5.69
CA SER A 152 -15.84 -1.30 -5.80
C SER A 152 -14.83 -2.44 -5.72
N ARG A 153 -13.56 -2.12 -5.91
CA ARG A 153 -12.49 -3.12 -5.83
C ARG A 153 -11.99 -3.27 -4.40
N LEU A 154 -11.92 -2.16 -3.68
CA LEU A 154 -11.46 -2.20 -2.31
C LEU A 154 -12.52 -2.79 -1.40
N VAL A 155 -13.74 -2.30 -1.51
CA VAL A 155 -14.84 -2.78 -0.68
C VAL A 155 -15.14 -4.24 -1.01
N ASN A 156 -15.01 -4.61 -2.27
CA ASN A 156 -15.27 -5.99 -2.68
C ASN A 156 -14.15 -6.91 -2.20
N CYS A 157 -12.92 -6.63 -2.65
CA CYS A 157 -11.78 -7.44 -2.25
C CYS A 157 -11.82 -7.76 -0.76
N LEU A 158 -11.91 -6.72 0.06
CA LEU A 158 -11.95 -6.89 1.51
C LEU A 158 -13.17 -7.71 1.93
N THR A 159 -14.34 -7.29 1.46
CA THR A 159 -15.58 -8.00 1.79
C THR A 159 -15.36 -9.51 1.70
N GLY A 160 -14.89 -9.97 0.55
CA GLY A 160 -14.64 -11.39 0.35
C GLY A 160 -14.60 -11.74 -1.13
N GLU A 161 -13.50 -11.39 -1.79
CA GLU A 161 -13.34 -11.68 -3.22
C GLU A 161 -13.87 -13.06 -3.55
N GLY A 162 -14.72 -13.16 -4.57
CA GLY A 162 -15.28 -14.44 -4.97
C GLY A 162 -16.55 -14.76 -4.18
N GLU A 163 -17.46 -13.79 -4.12
CA GLU A 163 -18.71 -13.97 -3.39
C GLU A 163 -19.76 -12.98 -3.88
N ASP A 164 -21.03 -13.34 -3.69
CA ASP A 164 -22.12 -12.47 -4.11
C ASP A 164 -22.30 -11.31 -3.14
N THR A 165 -21.58 -11.36 -2.03
CA THR A 165 -21.67 -10.30 -1.03
C THR A 165 -21.42 -8.96 -1.69
N ARG A 166 -21.66 -7.87 -0.94
CA ARG A 166 -21.47 -6.50 -1.44
C ARG A 166 -20.55 -6.47 -2.65
N LEU A 167 -21.15 -6.58 -3.84
CA LEU A 167 -20.36 -6.58 -5.07
C LEU A 167 -20.84 -5.46 -6.00
N SER A 168 -20.04 -5.17 -7.02
CA SER A 168 -20.37 -4.13 -7.97
C SER A 168 -21.69 -4.47 -8.66
N ALA A 169 -22.54 -3.45 -8.81
CA ALA A 169 -23.83 -3.64 -9.45
C ALA A 169 -24.58 -2.30 -9.55
N SER A 170 -25.84 -2.36 -9.95
CA SER A 170 -26.64 -1.16 -10.08
C SER A 170 -26.79 -0.47 -8.73
N GLU A 171 -27.08 -1.24 -7.70
CA GLU A 171 -27.24 -0.69 -6.35
C GLU A 171 -25.92 -0.06 -5.87
N MET A 172 -24.82 -0.72 -6.19
CA MET A 172 -23.51 -0.22 -5.78
C MET A 172 -23.17 1.06 -6.54
N LYS A 173 -23.73 1.20 -7.73
CA LYS A 173 -23.49 2.40 -8.55
C LYS A 173 -24.08 3.63 -7.88
N GLN A 174 -25.33 3.52 -7.45
CA GLN A 174 -26.01 4.64 -6.80
C GLN A 174 -25.47 4.85 -5.40
N LEU A 175 -24.84 3.81 -4.85
CA LEU A 175 -24.29 3.90 -3.51
C LEU A 175 -23.14 4.92 -3.47
N ILE A 176 -22.16 4.72 -4.32
CA ILE A 176 -21.01 5.62 -4.38
C ILE A 176 -21.44 7.02 -4.79
N ASP A 177 -22.30 7.09 -5.81
CA ASP A 177 -22.79 8.37 -6.28
C ASP A 177 -23.43 9.16 -5.15
N ASN A 178 -24.29 8.49 -4.39
CA ASN A 178 -24.97 9.15 -3.28
C ASN A 178 -23.97 9.68 -2.26
N ILE A 179 -22.94 8.88 -1.97
CA ILE A 179 -21.90 9.29 -1.03
C ILE A 179 -21.13 10.49 -1.56
N LEU A 180 -20.83 10.48 -2.85
CA LEU A 180 -20.09 11.57 -3.47
C LEU A 180 -20.90 12.86 -3.41
N GLU A 181 -22.20 12.75 -3.67
CA GLU A 181 -23.07 13.92 -3.66
C GLU A 181 -23.19 14.49 -2.25
N GLU A 182 -23.39 13.60 -1.27
CA GLU A 182 -23.53 14.02 0.12
C GLU A 182 -22.21 14.57 0.65
N SER A 183 -21.10 13.97 0.21
CA SER A 183 -19.77 14.41 0.64
C SER A 183 -19.26 15.55 -0.23
N ASP A 184 -18.78 15.21 -1.42
CA ASP A 184 -18.26 16.22 -2.34
C ASP A 184 -19.41 16.90 -3.08
N ILE A 185 -19.29 18.22 -3.28
CA ILE A 185 -20.32 18.98 -3.99
C ILE A 185 -19.95 19.13 -5.46
N ASP A 186 -18.68 19.42 -5.72
CA ASP A 186 -18.21 19.59 -7.09
C ASP A 186 -18.64 18.42 -7.95
N ARG A 187 -19.13 17.36 -7.31
CA ARG A 187 -19.57 16.17 -8.05
C ARG A 187 -18.65 15.88 -9.23
N ASP A 188 -17.38 16.26 -9.07
CA ASP A 188 -16.40 16.04 -10.13
C ASP A 188 -16.53 14.63 -10.69
N GLY A 189 -17.19 13.76 -9.94
CA GLY A 189 -17.38 12.38 -10.37
C GLY A 189 -16.17 11.52 -9.99
N THR A 190 -15.21 12.13 -9.31
CA THR A 190 -14.01 11.42 -8.88
C THR A 190 -13.51 11.97 -7.55
N ILE A 191 -12.58 11.25 -6.94
CA ILE A 191 -12.01 11.67 -5.65
C ILE A 191 -10.50 11.79 -5.76
N ASN A 192 -9.98 12.97 -5.42
CA ASN A 192 -8.55 13.23 -5.46
C ASN A 192 -7.94 13.09 -4.07
N LEU A 193 -6.68 13.50 -3.93
CA LEU A 193 -6.00 13.39 -2.65
C LEU A 193 -6.72 14.22 -1.59
N SER A 194 -6.93 15.50 -1.88
CA SER A 194 -7.61 16.38 -0.94
C SER A 194 -9.02 15.89 -0.63
N GLU A 195 -9.72 15.45 -1.68
CA GLU A 195 -11.08 14.96 -1.51
C GLU A 195 -11.06 13.61 -0.80
N PHE A 196 -10.00 12.84 -0.99
CA PHE A 196 -9.89 11.54 -0.35
C PHE A 196 -9.80 11.68 1.17
N GLN A 197 -8.87 12.53 1.62
CA GLN A 197 -8.70 12.74 3.05
C GLN A 197 -10.01 13.19 3.70
N HIS A 198 -10.73 14.07 3.01
CA HIS A 198 -11.99 14.56 3.54
C HIS A 198 -13.09 13.50 3.39
N VAL A 199 -13.55 13.30 2.16
CA VAL A 199 -14.60 12.32 1.88
C VAL A 199 -14.47 11.10 2.79
N ILE A 200 -13.24 10.66 3.02
CA ILE A 200 -13.00 9.51 3.87
C ILE A 200 -13.32 9.84 5.32
N SER A 201 -12.85 11.00 5.78
CA SER A 201 -13.09 11.42 7.16
C SER A 201 -14.15 12.53 7.20
N ARG A 202 -15.07 12.49 6.24
CA ARG A 202 -16.15 13.48 6.17
C ARG A 202 -17.47 12.86 6.59
N SER A 203 -17.53 11.54 6.57
CA SER A 203 -18.77 10.84 6.97
C SER A 203 -18.45 9.48 7.61
N PRO A 204 -19.14 9.12 8.68
CA PRO A 204 -18.91 7.82 9.37
C PRO A 204 -18.69 6.66 8.38
N ASP A 205 -19.07 6.88 7.13
CA ASP A 205 -18.92 5.85 6.11
C ASP A 205 -17.53 5.21 6.17
N PHE A 206 -16.62 5.69 5.34
CA PHE A 206 -15.26 5.16 5.31
C PHE A 206 -14.44 5.72 6.47
N ALA A 207 -14.93 6.80 7.07
CA ALA A 207 -14.23 7.42 8.18
C ALA A 207 -14.01 6.41 9.31
N SER A 208 -15.07 5.66 9.65
CA SER A 208 -14.97 4.67 10.70
C SER A 208 -14.10 3.50 10.26
N SER A 209 -14.21 3.14 8.99
CA SER A 209 -13.42 2.03 8.44
C SER A 209 -12.00 2.48 8.11
N PHE A 210 -11.78 3.79 8.17
CA PHE A 210 -10.46 4.34 7.87
C PHE A 210 -9.48 3.99 8.99
N LYS A 211 -9.90 3.09 9.88
CA LYS A 211 -9.04 2.68 10.98
C LYS A 211 -7.69 2.19 10.45
N ILE A 212 -7.70 0.99 9.86
CA ILE A 212 -6.48 0.41 9.31
C ILE A 212 -6.77 -0.30 8.00
N VAL A 213 -6.08 0.11 6.94
CA VAL A 213 -6.27 -0.48 5.62
C VAL A 213 -4.92 -0.73 4.96
N LEU A 214 -4.87 -1.74 4.09
CA LEU A 214 -3.65 -2.07 3.37
C LEU A 214 -3.92 -3.15 2.34
CA CA B . -7.12 4.85 -9.95
CA CA C . -15.10 15.15 -5.70
N LEU A 31 2.53 16.87 0.27
CA LEU A 31 3.46 15.71 0.37
C LEU A 31 3.35 14.86 -0.88
N SER A 32 4.32 15.00 -1.78
CA SER A 32 4.32 14.23 -3.03
C SER A 32 5.18 12.97 -2.88
N LYS A 33 5.26 12.19 -3.96
CA LYS A 33 6.05 10.97 -3.94
C LYS A 33 7.55 11.30 -3.88
N GLU A 34 7.86 12.59 -3.92
CA GLU A 34 9.25 13.02 -3.87
C GLU A 34 9.79 12.89 -2.46
N LEU A 35 9.30 13.74 -1.56
CA LEU A 35 9.77 13.71 -0.18
C LEU A 35 9.80 12.27 0.34
N LEU A 36 8.82 11.47 -0.06
CA LEU A 36 8.75 10.09 0.37
C LEU A 36 9.99 9.33 -0.09
N ALA A 37 10.35 9.53 -1.36
CA ALA A 37 11.51 8.85 -1.92
C ALA A 37 12.79 9.30 -1.22
N GLU A 38 12.77 10.51 -0.69
CA GLU A 38 13.93 11.05 0.01
C GLU A 38 14.17 10.31 1.31
N TYR A 39 13.09 9.95 2.00
CA TYR A 39 13.20 9.23 3.25
C TYR A 39 13.57 7.78 3.00
N GLN A 40 13.10 7.24 1.89
CA GLN A 40 13.39 5.85 1.54
C GLN A 40 14.89 5.67 1.25
N ASP A 41 15.53 6.76 0.83
CA ASP A 41 16.95 6.71 0.52
C ASP A 41 17.73 5.99 1.62
N LEU A 42 18.37 6.77 2.50
CA LEU A 42 19.15 6.20 3.60
C LEU A 42 18.81 6.89 4.92
N THR A 43 17.51 7.02 5.19
CA THR A 43 17.03 7.66 6.42
C THR A 43 16.17 6.69 7.22
N PHE A 44 15.29 5.98 6.53
CA PHE A 44 14.40 5.02 7.20
C PHE A 44 15.16 3.74 7.51
N LEU A 45 16.43 3.69 7.14
CA LEU A 45 17.25 2.50 7.39
C LEU A 45 18.15 2.73 8.61
N THR A 46 17.79 2.08 9.72
CA THR A 46 18.57 2.21 10.94
C THR A 46 19.79 1.28 10.90
N LYS A 47 20.21 0.81 12.07
CA LYS A 47 21.37 -0.09 12.16
C LYS A 47 20.95 -1.42 12.77
N GLN A 48 20.19 -1.36 13.87
CA GLN A 48 19.74 -2.57 14.54
C GLN A 48 18.68 -3.27 13.71
N GLU A 49 17.78 -2.50 13.10
CA GLU A 49 16.71 -3.05 12.28
C GLU A 49 17.29 -3.73 11.04
N ILE A 50 18.28 -3.09 10.44
CA ILE A 50 18.92 -3.65 9.25
C ILE A 50 19.76 -4.86 9.60
N LEU A 51 20.47 -4.78 10.71
CA LEU A 51 21.31 -5.88 11.15
C LEU A 51 20.47 -7.12 11.45
N LEU A 52 19.40 -6.92 12.21
CA LEU A 52 18.53 -8.04 12.57
C LEU A 52 17.75 -8.51 11.35
N ALA A 53 17.22 -7.57 10.59
CA ALA A 53 16.45 -7.90 9.40
C ALA A 53 17.29 -8.68 8.41
N HIS A 54 18.54 -8.28 8.25
CA HIS A 54 19.45 -8.96 7.33
C HIS A 54 19.60 -10.42 7.72
N ARG A 55 19.76 -10.67 9.02
CA ARG A 55 19.92 -12.03 9.50
C ARG A 55 18.67 -12.87 9.19
N ARG A 56 17.51 -12.24 9.31
CA ARG A 56 16.25 -12.93 9.03
C ARG A 56 16.14 -13.28 7.56
N PHE A 57 16.50 -12.35 6.69
CA PHE A 57 16.43 -12.58 5.25
C PHE A 57 17.59 -13.46 4.79
N CYS A 58 18.58 -13.63 5.66
CA CYS A 58 19.73 -14.46 5.33
C CYS A 58 19.37 -15.94 5.45
N GLU A 59 18.61 -16.28 6.48
CA GLU A 59 18.19 -17.67 6.70
C GLU A 59 17.39 -18.16 5.51
N LEU A 60 16.52 -17.31 4.99
CA LEU A 60 15.69 -17.68 3.84
C LEU A 60 16.54 -17.88 2.60
N LEU A 61 17.72 -17.24 2.58
CA LEU A 61 18.62 -17.35 1.44
C LEU A 61 19.80 -18.27 1.76
N PRO A 62 20.40 -18.89 0.76
CA PRO A 62 21.56 -19.79 0.96
C PRO A 62 22.51 -19.29 2.04
N GLN A 63 22.68 -20.08 3.09
CA GLN A 63 23.56 -19.70 4.19
C GLN A 63 24.98 -19.48 3.67
N GLU A 64 25.28 -20.08 2.53
CA GLU A 64 26.62 -19.95 1.93
C GLU A 64 26.84 -18.52 1.44
N GLN A 65 25.75 -17.84 1.09
CA GLN A 65 25.83 -16.46 0.60
C GLN A 65 25.62 -15.47 1.74
N ARG A 66 26.08 -15.84 2.93
CA ARG A 66 25.93 -14.98 4.10
C ARG A 66 26.83 -13.76 3.97
N SER A 67 27.75 -13.80 3.01
CA SER A 67 28.66 -12.69 2.79
C SER A 67 27.89 -11.38 2.66
N VAL A 68 28.27 -10.40 3.47
CA VAL A 68 27.61 -9.09 3.45
C VAL A 68 27.86 -8.40 2.10
N GLU A 69 29.08 -8.48 1.63
CA GLU A 69 29.44 -7.86 0.36
C GLU A 69 28.55 -8.38 -0.77
N SER A 70 27.87 -9.50 -0.51
CA SER A 70 26.98 -10.11 -1.51
C SER A 70 25.54 -9.76 -1.21
N SER A 71 25.21 -9.65 0.07
CA SER A 71 23.85 -9.33 0.49
C SER A 71 23.51 -7.89 0.11
N LEU A 72 24.43 -6.97 0.38
CA LEU A 72 24.22 -5.56 0.07
C LEU A 72 24.43 -5.30 -1.41
N ARG A 73 25.20 -6.18 -2.07
CA ARG A 73 25.49 -6.02 -3.49
C ARG A 73 24.48 -6.81 -4.32
N ALA A 74 23.71 -7.67 -3.67
CA ALA A 74 22.69 -8.48 -4.35
C ALA A 74 21.31 -8.19 -3.76
N GLN A 75 20.29 -8.32 -4.61
CA GLN A 75 18.91 -8.07 -4.17
C GLN A 75 18.28 -9.37 -3.67
N VAL A 76 17.02 -9.29 -3.26
CA VAL A 76 16.32 -10.48 -2.75
C VAL A 76 15.21 -10.91 -3.73
N PRO A 77 15.18 -12.17 -4.16
CA PRO A 77 14.13 -12.66 -5.10
C PRO A 77 12.73 -12.20 -4.71
N PHE A 78 11.82 -12.19 -5.69
CA PHE A 78 10.45 -11.77 -5.45
C PHE A 78 9.74 -12.74 -4.52
N GLU A 79 9.71 -14.01 -4.90
CA GLU A 79 9.06 -15.04 -4.09
C GLU A 79 9.55 -14.99 -2.65
N GLN A 80 10.86 -14.85 -2.48
CA GLN A 80 11.45 -14.79 -1.14
C GLN A 80 10.65 -13.86 -0.25
N ILE A 81 10.17 -12.76 -0.82
CA ILE A 81 9.39 -11.79 -0.06
C ILE A 81 8.00 -12.35 0.24
N LEU A 82 7.41 -13.00 -0.75
CA LEU A 82 6.08 -13.58 -0.60
C LEU A 82 6.03 -14.47 0.65
N SER A 83 7.19 -14.73 1.23
CA SER A 83 7.26 -15.57 2.42
C SER A 83 6.71 -14.82 3.64
N LEU A 84 5.90 -13.79 3.39
CA LEU A 84 5.31 -12.99 4.46
C LEU A 84 3.79 -12.92 4.29
N PRO A 85 3.10 -13.95 4.69
CA PRO A 85 1.61 -14.01 4.57
C PRO A 85 0.93 -12.77 5.15
N GLU A 86 1.68 -12.02 5.96
CA GLU A 86 1.15 -10.81 6.59
C GLU A 86 0.75 -9.78 5.53
N LEU A 87 1.73 -9.32 4.77
CA LEU A 87 1.47 -8.33 3.72
C LEU A 87 0.77 -8.96 2.53
N LYS A 88 0.76 -10.29 2.51
CA LYS A 88 0.11 -11.02 1.41
C LYS A 88 -1.39 -10.82 1.48
N ALA A 89 -1.92 -10.81 2.70
CA ALA A 89 -3.36 -10.64 2.88
C ALA A 89 -3.85 -9.42 2.09
N ASN A 90 -2.92 -8.64 1.57
CA ASN A 90 -3.28 -7.45 0.81
C ASN A 90 -3.76 -7.82 -0.60
N PRO A 91 -5.03 -7.60 -0.93
CA PRO A 91 -5.56 -7.94 -2.29
C PRO A 91 -4.72 -7.35 -3.42
N PHE A 92 -3.82 -6.43 -3.09
CA PHE A 92 -2.99 -5.78 -4.09
C PHE A 92 -1.53 -5.75 -3.64
N LYS A 93 -1.04 -6.88 -3.12
CA LYS A 93 0.33 -6.97 -2.66
C LYS A 93 1.30 -6.74 -3.81
N GLU A 94 0.80 -6.93 -5.03
CA GLU A 94 1.63 -6.75 -6.22
C GLU A 94 1.80 -5.27 -6.53
N ARG A 95 0.72 -4.51 -6.38
CA ARG A 95 0.75 -3.08 -6.66
C ARG A 95 1.44 -2.34 -5.52
N ILE A 96 1.23 -2.80 -4.29
CA ILE A 96 1.84 -2.16 -3.14
C ILE A 96 3.36 -2.29 -3.19
N CYS A 97 3.84 -3.48 -3.53
CA CYS A 97 5.26 -3.73 -3.62
C CYS A 97 5.87 -3.04 -4.84
N ARG A 98 5.22 -3.19 -5.98
CA ARG A 98 5.70 -2.58 -7.22
C ARG A 98 5.75 -1.06 -7.10
N VAL A 99 4.68 -0.48 -6.57
CA VAL A 99 4.60 0.97 -6.41
C VAL A 99 5.61 1.45 -5.38
N PHE A 100 5.77 0.67 -4.31
CA PHE A 100 6.71 1.04 -3.25
C PHE A 100 8.13 0.64 -3.63
N SER A 101 8.25 -0.39 -4.47
CA SER A 101 9.56 -0.86 -4.90
C SER A 101 10.20 0.14 -5.85
N THR A 102 11.51 0.30 -5.72
CA THR A 102 12.27 1.24 -6.56
C THR A 102 13.37 0.50 -7.30
N SER A 103 13.04 -0.06 -8.47
CA SER A 103 14.02 -0.80 -9.27
C SER A 103 13.87 -0.43 -10.75
N PRO A 104 14.89 -0.69 -11.54
CA PRO A 104 14.87 -0.38 -13.00
C PRO A 104 13.80 -1.19 -13.74
N ALA A 105 13.90 -2.52 -13.69
CA ALA A 105 12.94 -3.39 -14.36
C ALA A 105 11.91 -3.90 -13.37
N LYS A 106 12.07 -3.52 -12.10
CA LYS A 106 11.14 -3.95 -11.06
C LYS A 106 11.01 -5.48 -11.05
N ASP A 107 12.11 -6.17 -11.32
CA ASP A 107 12.12 -7.63 -11.34
C ASP A 107 12.69 -8.18 -10.04
N SER A 108 13.19 -7.29 -9.19
CA SER A 108 13.78 -7.70 -7.91
C SER A 108 13.30 -6.78 -6.79
N LEU A 109 13.40 -7.26 -5.55
CA LEU A 109 12.97 -6.48 -4.39
C LEU A 109 14.03 -6.52 -3.30
N SER A 110 14.39 -5.36 -2.78
CA SER A 110 15.39 -5.25 -1.73
C SER A 110 14.72 -5.30 -0.36
N PHE A 111 15.39 -5.94 0.59
CA PHE A 111 14.85 -6.05 1.94
C PHE A 111 14.95 -4.71 2.67
N GLU A 112 15.76 -3.81 2.13
CA GLU A 112 15.93 -2.49 2.75
C GLU A 112 14.65 -1.68 2.62
N ASP A 113 14.29 -1.33 1.39
CA ASP A 113 13.09 -0.55 1.14
C ASP A 113 11.84 -1.30 1.61
N PHE A 114 11.83 -2.61 1.36
CA PHE A 114 10.71 -3.44 1.76
C PHE A 114 10.51 -3.40 3.27
N LEU A 115 11.61 -3.47 4.02
CA LEU A 115 11.53 -3.44 5.47
C LEU A 115 10.92 -2.13 5.94
N ASP A 116 11.21 -1.04 5.23
CA ASP A 116 10.66 0.25 5.59
C ASP A 116 9.14 0.27 5.44
N LEU A 117 8.67 -0.42 4.41
CA LEU A 117 7.23 -0.48 4.16
C LEU A 117 6.51 -1.13 5.32
N LEU A 118 7.09 -2.20 5.86
CA LEU A 118 6.48 -2.90 6.99
C LEU A 118 6.40 -1.97 8.20
N SER A 119 7.50 -1.27 8.47
CA SER A 119 7.53 -0.36 9.61
C SER A 119 6.38 0.62 9.56
N VAL A 120 6.02 1.04 8.35
CA VAL A 120 4.92 1.99 8.18
C VAL A 120 3.60 1.35 8.61
N PHE A 121 3.25 0.24 7.96
CA PHE A 121 2.01 -0.45 8.26
C PHE A 121 2.05 -1.00 9.69
N SER A 122 3.19 -0.86 10.35
CA SER A 122 3.34 -1.35 11.72
C SER A 122 2.70 -0.37 12.70
N ASP A 123 3.40 0.74 12.97
CA ASP A 123 2.90 1.75 13.90
C ASP A 123 3.24 3.15 13.41
N THR A 124 4.42 3.30 12.84
CA THR A 124 4.87 4.59 12.34
C THR A 124 3.80 5.22 11.44
N ALA A 125 2.88 4.39 10.96
CA ALA A 125 1.81 4.88 10.09
C ALA A 125 1.11 6.06 10.75
N THR A 126 1.65 7.26 10.56
CA THR A 126 1.06 8.46 11.16
C THR A 126 -0.09 8.97 10.27
N PRO A 127 -1.08 9.61 10.85
CA PRO A 127 -2.24 10.15 10.09
C PRO A 127 -1.84 10.72 8.72
N ASP A 128 -0.79 11.54 8.71
CA ASP A 128 -0.32 12.14 7.47
C ASP A 128 0.15 11.07 6.49
N ILE A 129 1.16 10.30 6.90
CA ILE A 129 1.69 9.24 6.05
C ILE A 129 0.66 8.15 5.83
N LYS A 130 -0.34 8.09 6.71
CA LYS A 130 -1.38 7.09 6.60
C LYS A 130 -2.17 7.29 5.31
N SER A 131 -2.62 8.52 5.08
CA SER A 131 -3.38 8.81 3.87
C SER A 131 -2.49 8.69 2.64
N HIS A 132 -1.40 9.43 2.62
CA HIS A 132 -0.47 9.39 1.49
C HIS A 132 -0.31 7.98 0.95
N TYR A 133 0.03 7.05 1.85
CA TYR A 133 0.21 5.66 1.47
C TYR A 133 -1.09 5.09 0.91
N ALA A 134 -2.19 5.33 1.61
CA ALA A 134 -3.49 4.83 1.17
C ALA A 134 -3.81 5.37 -0.21
N PHE A 135 -4.19 6.65 -0.28
CA PHE A 135 -4.54 7.28 -1.55
C PHE A 135 -3.71 6.72 -2.70
N ARG A 136 -2.44 6.43 -2.43
CA ARG A 136 -1.55 5.89 -3.43
C ARG A 136 -1.92 4.44 -3.75
N ILE A 137 -2.13 3.65 -2.71
CA ILE A 137 -2.49 2.24 -2.89
C ILE A 137 -3.94 2.10 -3.35
N PHE A 138 -4.77 3.04 -2.92
CA PHE A 138 -6.19 3.02 -3.29
C PHE A 138 -6.35 3.10 -4.80
N ASP A 139 -5.56 3.97 -5.43
CA ASP A 139 -5.65 4.15 -6.87
C ASP A 139 -5.16 2.89 -7.58
N PHE A 140 -6.08 2.00 -7.91
CA PHE A 140 -5.74 0.76 -8.60
C PHE A 140 -4.98 1.07 -9.88
N ASP A 141 -5.44 2.07 -10.62
CA ASP A 141 -4.79 2.44 -11.87
C ASP A 141 -3.43 3.09 -11.60
N ASP A 142 -3.17 3.41 -10.34
CA ASP A 142 -1.91 4.04 -9.96
C ASP A 142 -1.67 5.31 -10.77
N ASP A 143 -2.75 5.89 -11.28
CA ASP A 143 -2.65 7.12 -12.08
C ASP A 143 -2.66 8.34 -11.17
N GLY A 144 -3.62 8.37 -10.25
CA GLY A 144 -3.74 9.48 -9.30
C GLY A 144 -5.19 9.71 -8.90
N THR A 145 -6.08 9.71 -9.88
CA THR A 145 -7.50 9.92 -9.60
C THR A 145 -8.16 8.61 -9.21
N LEU A 146 -9.33 8.70 -8.56
CA LEU A 146 -10.06 7.50 -8.14
C LEU A 146 -11.45 7.49 -8.77
N ASN A 147 -11.87 6.31 -9.25
CA ASN A 147 -13.18 6.16 -9.88
C ASN A 147 -14.07 5.23 -9.04
N ARG A 148 -15.32 5.07 -9.48
CA ARG A 148 -16.25 4.21 -8.76
C ARG A 148 -15.72 2.79 -8.70
N GLU A 149 -14.99 2.38 -9.73
CA GLU A 149 -14.43 1.03 -9.78
C GLU A 149 -13.39 0.85 -8.68
N ASP A 150 -12.49 1.81 -8.55
CA ASP A 150 -11.44 1.73 -7.54
C ASP A 150 -12.05 1.43 -6.17
N LEU A 151 -13.13 2.13 -5.84
CA LEU A 151 -13.79 1.92 -4.56
C LEU A 151 -14.46 0.56 -4.51
N SER A 152 -15.07 0.17 -5.62
CA SER A 152 -15.76 -1.13 -5.70
C SER A 152 -14.75 -2.28 -5.58
N ARG A 153 -13.47 -1.95 -5.73
CA ARG A 153 -12.41 -2.95 -5.63
C ARG A 153 -11.95 -3.11 -4.19
N LEU A 154 -11.84 -2.00 -3.48
CA LEU A 154 -11.40 -2.03 -2.09
C LEU A 154 -12.49 -2.60 -1.19
N VAL A 155 -13.71 -2.11 -1.37
CA VAL A 155 -14.84 -2.57 -0.57
C VAL A 155 -15.14 -4.04 -0.88
N ASN A 156 -15.03 -4.41 -2.15
CA ASN A 156 -15.30 -5.79 -2.54
C ASN A 156 -14.20 -6.71 -2.06
N CYS A 157 -12.98 -6.45 -2.54
CA CYS A 157 -11.83 -7.26 -2.17
C CYS A 157 -11.84 -7.57 -0.66
N LEU A 158 -11.86 -6.52 0.15
CA LEU A 158 -11.87 -6.66 1.60
C LEU A 158 -13.10 -7.45 2.06
N THR A 159 -14.27 -7.03 1.60
CA THR A 159 -15.51 -7.70 1.97
C THR A 159 -15.33 -9.22 1.88
N GLY A 160 -14.91 -9.69 0.72
CA GLY A 160 -14.70 -11.12 0.52
C GLY A 160 -14.70 -11.46 -0.97
N GLU A 161 -13.59 -11.17 -1.65
CA GLU A 161 -13.47 -11.46 -3.07
C GLU A 161 -14.03 -12.84 -3.39
N GLY A 162 -14.87 -12.93 -4.41
CA GLY A 162 -15.47 -14.21 -4.80
C GLY A 162 -16.74 -14.48 -4.02
N GLU A 163 -17.63 -13.50 -3.98
CA GLU A 163 -18.89 -13.64 -3.26
C GLU A 163 -19.91 -12.61 -3.74
N ASP A 164 -21.19 -12.93 -3.57
CA ASP A 164 -22.26 -12.03 -4.00
C ASP A 164 -22.40 -10.86 -3.02
N THR A 165 -21.66 -10.93 -1.92
CA THR A 165 -21.71 -9.88 -0.92
C THR A 165 -21.43 -8.52 -1.58
N ARG A 166 -21.59 -7.44 -0.81
CA ARG A 166 -21.37 -6.07 -1.31
C ARG A 166 -20.48 -6.06 -2.55
N LEU A 167 -21.09 -6.18 -3.73
CA LEU A 167 -20.35 -6.21 -4.99
C LEU A 167 -20.84 -5.10 -5.92
N SER A 168 -20.07 -4.81 -6.96
CA SER A 168 -20.43 -3.79 -7.92
C SER A 168 -21.75 -4.16 -8.60
N ALA A 169 -22.66 -3.20 -8.65
CA ALA A 169 -23.95 -3.43 -9.28
C ALA A 169 -24.73 -2.12 -9.36
N SER A 170 -25.99 -2.21 -9.77
CA SER A 170 -26.84 -1.03 -9.89
C SER A 170 -27.00 -0.35 -8.53
N GLU A 171 -27.26 -1.15 -7.50
CA GLU A 171 -27.44 -0.61 -6.15
C GLU A 171 -26.15 0.00 -5.65
N MET A 172 -25.03 -0.67 -5.89
CA MET A 172 -23.74 -0.18 -5.46
C MET A 172 -23.34 1.06 -6.26
N LYS A 173 -23.88 1.18 -7.46
CA LYS A 173 -23.58 2.34 -8.30
C LYS A 173 -24.17 3.60 -7.70
N GLN A 174 -25.43 3.54 -7.31
CA GLN A 174 -26.09 4.69 -6.71
C GLN A 174 -25.54 4.96 -5.31
N LEU A 175 -24.98 3.94 -4.69
CA LEU A 175 -24.42 4.10 -3.35
C LEU A 175 -23.27 5.09 -3.36
N ILE A 176 -22.29 4.87 -4.25
CA ILE A 176 -21.15 5.76 -4.34
C ILE A 176 -21.58 7.15 -4.78
N ASP A 177 -22.47 7.20 -5.77
CA ASP A 177 -22.96 8.49 -6.26
C ASP A 177 -23.58 9.31 -5.13
N ASN A 178 -24.44 8.66 -4.34
CA ASN A 178 -25.09 9.35 -3.23
C ASN A 178 -24.06 9.88 -2.25
N ILE A 179 -23.04 9.08 -1.96
CA ILE A 179 -21.99 9.49 -1.04
C ILE A 179 -21.23 10.69 -1.60
N LEU A 180 -20.94 10.65 -2.90
CA LEU A 180 -20.21 11.73 -3.54
C LEU A 180 -21.02 13.02 -3.51
N GLU A 181 -22.31 12.92 -3.75
CA GLU A 181 -23.17 14.09 -3.74
C GLU A 181 -23.28 14.67 -2.33
N GLU A 182 -23.49 13.80 -1.36
CA GLU A 182 -23.61 14.24 0.03
C GLU A 182 -22.28 14.77 0.55
N SER A 183 -21.18 14.18 0.10
CA SER A 183 -19.85 14.61 0.51
C SER A 183 -19.34 15.72 -0.39
N ASP A 184 -18.86 15.35 -1.58
CA ASP A 184 -18.34 16.33 -2.52
C ASP A 184 -19.48 17.03 -3.25
N ILE A 185 -19.33 18.34 -3.47
CA ILE A 185 -20.35 19.12 -4.16
C ILE A 185 -20.01 19.26 -5.64
N ASP A 186 -18.74 19.52 -5.92
CA ASP A 186 -18.30 19.68 -7.30
C ASP A 186 -18.74 18.49 -8.15
N ARG A 187 -19.21 17.44 -7.48
CA ARG A 187 -19.67 16.24 -8.18
C ARG A 187 -18.76 15.92 -9.37
N ASP A 188 -17.50 16.31 -9.26
CA ASP A 188 -16.53 16.07 -10.32
C ASP A 188 -16.67 14.64 -10.86
N GLY A 189 -17.31 13.79 -10.07
CA GLY A 189 -17.51 12.40 -10.47
C GLY A 189 -16.30 11.55 -10.11
N THR A 190 -15.34 12.16 -9.43
CA THR A 190 -14.13 11.46 -9.03
C THR A 190 -13.61 12.01 -7.71
N ILE A 191 -12.69 11.27 -7.08
CA ILE A 191 -12.12 11.68 -5.80
C ILE A 191 -10.60 11.77 -5.91
N ASN A 192 -10.05 12.92 -5.54
CA ASN A 192 -8.61 13.14 -5.58
C ASN A 192 -8.00 12.95 -4.19
N LEU A 193 -6.73 13.29 -4.04
CA LEU A 193 -6.05 13.14 -2.77
C LEU A 193 -6.71 14.00 -1.70
N SER A 194 -6.93 15.28 -2.01
CA SER A 194 -7.55 16.20 -1.07
C SER A 194 -8.97 15.76 -0.74
N GLU A 195 -9.71 15.36 -1.76
CA GLU A 195 -11.08 14.91 -1.57
C GLU A 195 -11.11 13.55 -0.87
N PHE A 196 -10.07 12.75 -1.09
CA PHE A 196 -9.99 11.44 -0.47
C PHE A 196 -9.88 11.57 1.05
N GLN A 197 -8.96 12.41 1.50
CA GLN A 197 -8.76 12.62 2.92
C GLN A 197 -10.05 13.07 3.58
N HIS A 198 -10.76 13.98 2.92
CA HIS A 198 -12.02 14.49 3.46
C HIS A 198 -13.12 13.43 3.33
N VAL A 199 -13.60 13.23 2.12
CA VAL A 199 -14.67 12.25 1.86
C VAL A 199 -14.53 11.02 2.76
N ILE A 200 -13.30 10.58 2.97
CA ILE A 200 -13.06 9.43 3.82
C ILE A 200 -13.37 9.76 5.28
N SER A 201 -12.91 10.93 5.73
CA SER A 201 -13.14 11.37 7.11
C SER A 201 -14.16 12.49 7.15
N ARG A 202 -15.11 12.45 6.22
CA ARG A 202 -16.17 13.47 6.16
C ARG A 202 -17.51 12.87 6.55
N SER A 203 -17.61 11.55 6.50
CA SER A 203 -18.85 10.87 6.87
C SER A 203 -18.57 9.49 7.48
N PRO A 204 -19.26 9.11 8.55
CA PRO A 204 -19.07 7.79 9.20
C PRO A 204 -18.88 6.65 8.18
N ASP A 205 -19.26 6.92 6.93
CA ASP A 205 -19.15 5.92 5.88
C ASP A 205 -17.80 5.22 5.93
N PHE A 206 -16.87 5.68 5.10
CA PHE A 206 -15.54 5.09 5.05
C PHE A 206 -14.70 5.57 6.23
N ALA A 207 -15.14 6.64 6.89
CA ALA A 207 -14.42 7.18 8.03
C ALA A 207 -14.28 6.12 9.12
N SER A 208 -15.34 5.36 9.34
CA SER A 208 -15.33 4.32 10.35
C SER A 208 -14.43 3.16 9.92
N SER A 209 -14.50 2.81 8.64
CA SER A 209 -13.69 1.72 8.12
C SER A 209 -12.26 2.19 7.83
N PHE A 210 -12.06 3.51 7.93
CA PHE A 210 -10.74 4.07 7.67
C PHE A 210 -9.77 3.70 8.79
N LYS A 211 -10.20 2.79 9.65
CA LYS A 211 -9.36 2.35 10.76
C LYS A 211 -8.02 1.83 10.24
N ILE A 212 -8.04 0.64 9.65
CA ILE A 212 -6.82 0.04 9.10
C ILE A 212 -7.13 -0.69 7.80
N VAL A 213 -6.43 -0.30 6.74
CA VAL A 213 -6.63 -0.92 5.43
C VAL A 213 -5.72 -2.12 5.28
N LEU A 214 -6.29 -3.24 4.85
CA LEU A 214 -5.53 -4.47 4.65
C LEU A 214 -6.41 -5.53 4.02
CA CA B . -7.88 5.46 -11.15
CA CA C . -15.23 15.21 -5.88
N LEU A 31 2.92 17.01 0.50
CA LEU A 31 3.82 15.82 0.59
C LEU A 31 3.69 14.99 -0.68
N SER A 32 4.63 15.15 -1.60
CA SER A 32 4.61 14.40 -2.86
C SER A 32 5.42 13.11 -2.72
N LYS A 33 5.49 12.35 -3.81
CA LYS A 33 6.22 11.09 -3.79
C LYS A 33 7.72 11.35 -3.77
N GLU A 34 8.10 12.62 -3.83
CA GLU A 34 9.51 12.98 -3.81
C GLU A 34 10.07 12.86 -2.41
N LEU A 35 9.54 13.67 -1.50
CA LEU A 35 10.01 13.63 -0.11
C LEU A 35 10.04 12.20 0.40
N LEU A 36 9.03 11.43 0.03
CA LEU A 36 8.95 10.04 0.48
C LEU A 36 10.16 9.26 -0.01
N ALA A 37 10.51 9.44 -1.28
CA ALA A 37 11.64 8.75 -1.86
C ALA A 37 12.94 9.15 -1.16
N GLU A 38 12.95 10.36 -0.60
CA GLU A 38 14.14 10.85 0.09
C GLU A 38 14.35 10.08 1.40
N TYR A 39 13.25 9.78 2.08
CA TYR A 39 13.32 9.05 3.35
C TYR A 39 13.66 7.58 3.08
N GLN A 40 13.20 7.07 1.95
CA GLN A 40 13.46 5.67 1.60
C GLN A 40 14.93 5.47 1.28
N ASP A 41 15.58 6.54 0.82
CA ASP A 41 17.00 6.46 0.48
C ASP A 41 17.80 5.79 1.59
N LEU A 42 18.47 6.59 2.41
CA LEU A 42 19.28 6.07 3.52
C LEU A 42 18.94 6.78 4.82
N THR A 43 17.64 6.90 5.09
CA THR A 43 17.17 7.56 6.32
C THR A 43 16.35 6.59 7.16
N PHE A 44 15.45 5.87 6.52
CA PHE A 44 14.60 4.90 7.24
C PHE A 44 15.35 3.60 7.46
N LEU A 45 16.62 3.57 7.07
CA LEU A 45 17.44 2.37 7.23
C LEU A 45 18.37 2.52 8.42
N THR A 46 18.02 1.84 9.52
CA THR A 46 18.83 1.89 10.73
C THR A 46 19.98 0.90 10.64
N LYS A 47 20.46 0.47 11.80
CA LYS A 47 21.57 -0.50 11.86
C LYS A 47 21.15 -1.75 12.60
N GLN A 48 20.36 -1.57 13.66
CA GLN A 48 19.89 -2.71 14.45
C GLN A 48 18.79 -3.46 13.72
N GLU A 49 17.83 -2.71 13.18
CA GLU A 49 16.73 -3.33 12.45
C GLU A 49 17.22 -3.98 11.17
N ILE A 50 18.14 -3.31 10.49
CA ILE A 50 18.70 -3.84 9.25
C ILE A 50 19.59 -5.05 9.52
N LEU A 51 20.39 -4.94 10.58
CA LEU A 51 21.29 -6.04 10.93
C LEU A 51 20.49 -7.29 11.31
N LEU A 52 19.45 -7.10 12.11
CA LEU A 52 18.62 -8.22 12.53
C LEU A 52 17.82 -8.76 11.36
N ALA A 53 17.24 -7.86 10.58
CA ALA A 53 16.43 -8.26 9.44
C ALA A 53 17.29 -9.03 8.43
N HIS A 54 18.53 -8.58 8.25
CA HIS A 54 19.44 -9.24 7.32
C HIS A 54 19.64 -10.70 7.70
N ARG A 55 19.85 -10.95 8.98
CA ARG A 55 20.05 -12.32 9.45
C ARG A 55 18.82 -13.17 9.16
N ARG A 56 17.64 -12.56 9.29
CA ARG A 56 16.39 -13.27 9.04
C ARG A 56 16.28 -13.65 7.56
N PHE A 57 16.67 -12.73 6.68
CA PHE A 57 16.60 -12.98 5.25
C PHE A 57 17.77 -13.85 4.80
N CYS A 58 18.77 -13.99 5.67
CA CYS A 58 19.93 -14.80 5.35
C CYS A 58 19.60 -16.28 5.46
N GLU A 59 18.84 -16.63 6.49
CA GLU A 59 18.47 -18.03 6.71
C GLU A 59 17.66 -18.55 5.52
N LEU A 60 16.78 -17.71 4.99
CA LEU A 60 15.95 -18.11 3.86
C LEU A 60 16.81 -18.27 2.61
N LEU A 61 17.96 -17.61 2.59
CA LEU A 61 18.87 -17.68 1.43
C LEU A 61 20.08 -18.56 1.77
N PRO A 62 20.69 -19.15 0.76
CA PRO A 62 21.89 -20.02 0.95
C PRO A 62 22.83 -19.48 2.03
N GLN A 63 23.04 -20.27 3.08
CA GLN A 63 23.91 -19.86 4.17
C GLN A 63 25.32 -19.59 3.65
N GLU A 64 25.65 -20.19 2.51
CA GLU A 64 26.97 -20.02 1.91
C GLU A 64 27.14 -18.59 1.41
N GLN A 65 26.03 -17.95 1.04
CA GLN A 65 26.06 -16.58 0.53
C GLN A 65 25.82 -15.59 1.66
N ARG A 66 26.31 -15.92 2.86
CA ARG A 66 26.12 -15.05 4.02
C ARG A 66 26.95 -13.77 3.84
N SER A 67 27.81 -13.75 2.84
CA SER A 67 28.65 -12.59 2.59
C SER A 67 27.81 -11.32 2.54
N VAL A 68 28.11 -10.38 3.42
CA VAL A 68 27.38 -9.13 3.48
C VAL A 68 27.57 -8.33 2.20
N GLU A 69 28.82 -8.28 1.73
CA GLU A 69 29.14 -7.55 0.50
C GLU A 69 28.27 -8.03 -0.65
N SER A 70 27.74 -9.25 -0.53
CA SER A 70 26.88 -9.83 -1.57
C SER A 70 25.41 -9.58 -1.25
N SER A 71 25.09 -9.58 0.04
CA SER A 71 23.71 -9.35 0.47
C SER A 71 23.27 -7.93 0.14
N LEU A 72 24.14 -6.97 0.42
CA LEU A 72 23.82 -5.57 0.16
C LEU A 72 24.02 -5.25 -1.32
N ARG A 73 24.86 -6.04 -2.00
CA ARG A 73 25.13 -5.82 -3.41
C ARG A 73 24.17 -6.63 -4.27
N ALA A 74 23.48 -7.58 -3.65
CA ALA A 74 22.52 -8.43 -4.37
C ALA A 74 21.11 -8.18 -3.84
N GLN A 75 20.12 -8.41 -4.70
CA GLN A 75 18.73 -8.22 -4.32
C GLN A 75 18.15 -9.52 -3.78
N VAL A 76 16.89 -9.46 -3.33
CA VAL A 76 16.23 -10.64 -2.78
C VAL A 76 15.12 -11.13 -3.72
N PRO A 77 15.10 -12.40 -4.11
CA PRO A 77 14.05 -12.94 -5.01
C PRO A 77 12.64 -12.50 -4.61
N PHE A 78 11.73 -12.50 -5.57
CA PHE A 78 10.35 -12.10 -5.32
C PHE A 78 9.67 -13.08 -4.35
N GLU A 79 9.70 -14.36 -4.69
CA GLU A 79 9.08 -15.38 -3.86
C GLU A 79 9.59 -15.29 -2.42
N GLN A 80 10.90 -15.13 -2.28
CA GLN A 80 11.51 -15.03 -0.95
C GLN A 80 10.70 -14.09 -0.07
N ILE A 81 10.21 -13.00 -0.64
CA ILE A 81 9.42 -12.04 0.11
C ILE A 81 8.06 -12.61 0.44
N LEU A 82 7.45 -13.28 -0.53
CA LEU A 82 6.13 -13.87 -0.32
C LEU A 82 6.14 -14.80 0.89
N SER A 83 7.33 -15.05 1.42
CA SER A 83 7.46 -15.92 2.58
C SER A 83 6.96 -15.23 3.84
N LEU A 84 6.14 -14.19 3.65
CA LEU A 84 5.58 -13.42 4.77
C LEU A 84 4.06 -13.39 4.70
N PRO A 85 3.41 -14.45 5.14
CA PRO A 85 1.92 -14.55 5.11
C PRO A 85 1.25 -13.33 5.73
N GLU A 86 2.00 -12.60 6.55
CA GLU A 86 1.47 -11.40 7.22
C GLU A 86 1.00 -10.37 6.20
N LEU A 87 1.94 -9.83 5.44
CA LEU A 87 1.62 -8.83 4.43
C LEU A 87 0.91 -9.46 3.24
N LYS A 88 0.96 -10.79 3.17
CA LYS A 88 0.32 -11.50 2.08
C LYS A 88 -1.19 -11.34 2.17
N ALA A 89 -1.71 -11.38 3.39
CA ALA A 89 -3.14 -11.24 3.60
C ALA A 89 -3.67 -10.00 2.89
N ASN A 90 -2.75 -9.16 2.40
CA ASN A 90 -3.14 -7.93 1.73
C ASN A 90 -3.57 -8.23 0.28
N PRO A 91 -4.83 -8.06 -0.09
CA PRO A 91 -5.31 -8.34 -1.48
C PRO A 91 -4.53 -7.55 -2.54
N PHE A 92 -3.73 -6.59 -2.09
CA PHE A 92 -2.95 -5.75 -3.01
C PHE A 92 -1.46 -5.91 -2.74
N LYS A 93 -1.09 -6.97 -2.04
CA LYS A 93 0.32 -7.22 -1.73
C LYS A 93 1.18 -7.02 -2.96
N GLU A 94 0.61 -7.27 -4.13
CA GLU A 94 1.34 -7.11 -5.39
C GLU A 94 1.55 -5.64 -5.73
N ARG A 95 0.48 -4.86 -5.63
CA ARG A 95 0.56 -3.44 -5.93
C ARG A 95 1.23 -2.67 -4.78
N ILE A 96 1.02 -3.16 -3.56
CA ILE A 96 1.60 -2.51 -2.39
C ILE A 96 3.13 -2.53 -2.48
N CYS A 97 3.68 -3.67 -2.88
CA CYS A 97 5.13 -3.80 -3.00
C CYS A 97 5.64 -3.00 -4.19
N ARG A 98 4.93 -3.08 -5.32
CA ARG A 98 5.34 -2.37 -6.52
C ARG A 98 5.37 -0.86 -6.29
N VAL A 99 4.34 -0.36 -5.62
CA VAL A 99 4.24 1.07 -5.33
C VAL A 99 5.36 1.51 -4.39
N PHE A 100 5.68 0.66 -3.41
CA PHE A 100 6.72 0.97 -2.44
C PHE A 100 8.09 0.55 -2.97
N SER A 101 8.11 -0.39 -3.89
CA SER A 101 9.36 -0.88 -4.47
C SER A 101 9.82 0.06 -5.58
N THR A 102 11.14 0.19 -5.70
CA THR A 102 11.73 1.06 -6.73
C THR A 102 12.78 0.30 -7.53
N SER A 103 12.32 -0.64 -8.36
CA SER A 103 13.23 -1.45 -9.18
C SER A 103 13.10 -1.05 -10.65
N PRO A 104 14.09 -1.38 -11.45
CA PRO A 104 14.10 -1.05 -12.91
C PRO A 104 13.02 -1.83 -13.67
N ALA A 105 13.13 -3.16 -13.66
CA ALA A 105 12.16 -4.01 -14.35
C ALA A 105 11.14 -4.57 -13.37
N LYS A 106 11.25 -4.16 -12.10
CA LYS A 106 10.32 -4.63 -11.08
C LYS A 106 10.32 -6.14 -11.01
N ASP A 107 11.47 -6.76 -11.25
CA ASP A 107 11.60 -8.22 -11.22
C ASP A 107 12.30 -8.67 -9.94
N SER A 108 12.80 -7.71 -9.17
CA SER A 108 13.50 -8.02 -7.92
C SER A 108 13.01 -7.12 -6.80
N LEU A 109 13.16 -7.58 -5.56
CA LEU A 109 12.73 -6.80 -4.40
C LEU A 109 13.79 -6.83 -3.31
N SER A 110 14.13 -5.65 -2.79
CA SER A 110 15.14 -5.54 -1.74
C SER A 110 14.49 -5.61 -0.37
N PHE A 111 15.18 -6.22 0.59
CA PHE A 111 14.66 -6.34 1.94
C PHE A 111 14.69 -4.99 2.64
N GLU A 112 15.46 -4.06 2.10
CA GLU A 112 15.57 -2.74 2.69
C GLU A 112 14.25 -1.98 2.57
N ASP A 113 13.85 -1.70 1.34
CA ASP A 113 12.60 -0.99 1.10
C ASP A 113 11.42 -1.76 1.66
N PHE A 114 11.39 -3.05 1.39
CA PHE A 114 10.30 -3.90 1.87
C PHE A 114 10.19 -3.81 3.39
N LEU A 115 11.33 -3.89 4.07
CA LEU A 115 11.35 -3.81 5.53
C LEU A 115 10.82 -2.45 5.99
N ASP A 116 11.20 -1.40 5.27
CA ASP A 116 10.76 -0.06 5.64
C ASP A 116 9.24 0.03 5.59
N LEU A 117 8.65 -0.54 4.55
CA LEU A 117 7.21 -0.51 4.40
C LEU A 117 6.53 -1.11 5.62
N LEU A 118 7.03 -2.26 6.07
CA LEU A 118 6.44 -2.91 7.24
C LEU A 118 6.46 -1.98 8.44
N SER A 119 7.63 -1.40 8.72
CA SER A 119 7.77 -0.50 9.86
C SER A 119 6.80 0.68 9.73
N VAL A 120 6.66 1.19 8.52
CA VAL A 120 5.77 2.32 8.27
C VAL A 120 4.33 1.94 8.62
N PHE A 121 3.91 0.76 8.18
CA PHE A 121 2.54 0.30 8.44
C PHE A 121 2.45 -0.36 9.81
N SER A 122 3.58 -0.39 10.51
CA SER A 122 3.61 -1.01 11.85
C SER A 122 3.03 -0.05 12.89
N ASP A 123 3.73 1.05 13.13
CA ASP A 123 3.27 2.04 14.12
C ASP A 123 3.50 3.45 13.61
N THR A 124 4.67 3.70 13.06
CA THR A 124 4.99 5.02 12.55
C THR A 124 3.87 5.54 11.66
N ALA A 125 2.99 4.64 11.22
CA ALA A 125 1.87 5.02 10.37
C ALA A 125 1.12 6.20 10.97
N THR A 126 1.59 7.42 10.69
CA THR A 126 0.95 8.61 11.23
C THR A 126 -0.22 9.04 10.33
N PRO A 127 -1.24 9.65 10.89
CA PRO A 127 -2.42 10.11 10.11
C PRO A 127 -2.04 10.65 8.73
N ASP A 128 -1.02 11.49 8.70
CA ASP A 128 -0.57 12.09 7.44
C ASP A 128 -0.09 11.01 6.48
N ILE A 129 0.98 10.32 6.85
CA ILE A 129 1.54 9.26 6.01
C ILE A 129 0.52 8.14 5.82
N LYS A 130 -0.44 8.05 6.73
CA LYS A 130 -1.46 7.01 6.65
C LYS A 130 -2.27 7.17 5.37
N SER A 131 -2.78 8.37 5.14
CA SER A 131 -3.57 8.64 3.95
C SER A 131 -2.69 8.58 2.70
N HIS A 132 -1.64 9.38 2.68
CA HIS A 132 -0.73 9.41 1.53
C HIS A 132 -0.51 8.02 0.97
N TYR A 133 -0.14 7.08 1.84
CA TYR A 133 0.09 5.71 1.43
C TYR A 133 -1.17 5.12 0.82
N ALA A 134 -2.30 5.28 1.52
CA ALA A 134 -3.57 4.75 1.04
C ALA A 134 -3.93 5.40 -0.29
N PHE A 135 -4.40 6.65 -0.24
CA PHE A 135 -4.79 7.39 -1.44
C PHE A 135 -3.92 7.00 -2.64
N ARG A 136 -2.64 6.78 -2.37
CA ARG A 136 -1.71 6.39 -3.43
C ARG A 136 -2.03 4.99 -3.94
N ILE A 137 -1.62 3.98 -3.18
CA ILE A 137 -1.86 2.60 -3.56
C ILE A 137 -3.33 2.36 -3.86
N PHE A 138 -4.19 3.23 -3.33
CA PHE A 138 -5.63 3.11 -3.54
C PHE A 138 -5.96 3.25 -5.02
N ASP A 139 -5.35 4.23 -5.67
CA ASP A 139 -5.59 4.46 -7.09
C ASP A 139 -5.15 3.26 -7.91
N PHE A 140 -6.12 2.44 -8.31
CA PHE A 140 -5.83 1.26 -9.09
C PHE A 140 -5.09 1.63 -10.37
N ASP A 141 -5.59 2.66 -11.06
CA ASP A 141 -4.96 3.11 -12.30
C ASP A 141 -3.64 3.81 -12.01
N ASP A 142 -3.39 4.09 -10.74
CA ASP A 142 -2.15 4.76 -10.34
C ASP A 142 -1.99 6.08 -11.11
N ASP A 143 -3.11 6.65 -11.56
CA ASP A 143 -3.08 7.90 -12.30
C ASP A 143 -3.13 9.09 -11.35
N GLY A 144 -4.07 9.04 -10.40
CA GLY A 144 -4.23 10.11 -9.42
C GLY A 144 -5.69 10.27 -9.01
N THR A 145 -6.59 10.19 -9.99
CA THR A 145 -8.02 10.34 -9.72
C THR A 145 -8.61 9.00 -9.31
N LEU A 146 -9.79 9.05 -8.69
CA LEU A 146 -10.48 7.83 -8.25
C LEU A 146 -11.92 7.84 -8.74
N ASN A 147 -12.44 6.66 -9.06
CA ASN A 147 -13.81 6.51 -9.55
C ASN A 147 -14.45 5.26 -8.97
N ARG A 148 -15.74 5.08 -9.28
CA ARG A 148 -16.46 3.92 -8.79
C ARG A 148 -15.65 2.64 -8.99
N GLU A 149 -14.71 2.69 -9.93
CA GLU A 149 -13.87 1.53 -10.22
C GLU A 149 -12.90 1.28 -9.08
N ASP A 150 -12.09 2.29 -8.76
CA ASP A 150 -11.11 2.16 -7.68
C ASP A 150 -11.80 1.78 -6.38
N LEU A 151 -12.92 2.44 -6.08
CA LEU A 151 -13.66 2.16 -4.86
C LEU A 151 -14.24 0.75 -4.89
N SER A 152 -14.78 0.36 -6.05
CA SER A 152 -15.37 -0.97 -6.19
C SER A 152 -14.30 -2.05 -6.04
N ARG A 153 -13.05 -1.65 -6.15
CA ARG A 153 -11.93 -2.59 -6.00
C ARG A 153 -11.51 -2.70 -4.54
N LEU A 154 -11.58 -1.59 -3.82
CA LEU A 154 -11.19 -1.58 -2.43
C LEU A 154 -12.26 -2.26 -1.57
N VAL A 155 -13.51 -1.88 -1.77
CA VAL A 155 -14.61 -2.45 -1.02
C VAL A 155 -14.79 -3.93 -1.36
N ASN A 156 -14.62 -4.26 -2.64
CA ASN A 156 -14.77 -5.65 -3.06
C ASN A 156 -13.61 -6.49 -2.54
N CYS A 157 -12.40 -6.19 -3.01
CA CYS A 157 -11.22 -6.94 -2.59
C CYS A 157 -11.27 -7.24 -1.09
N LEU A 158 -11.35 -6.17 -0.28
CA LEU A 158 -11.39 -6.32 1.17
C LEU A 158 -12.57 -7.20 1.60
N THR A 159 -13.77 -6.84 1.13
CA THR A 159 -14.96 -7.61 1.49
C THR A 159 -14.66 -9.11 1.39
N GLY A 160 -14.21 -9.54 0.21
CA GLY A 160 -13.89 -10.95 0.00
C GLY A 160 -13.92 -11.29 -1.48
N GLU A 161 -12.87 -10.90 -2.19
CA GLU A 161 -12.79 -11.17 -3.63
C GLU A 161 -13.28 -12.59 -3.93
N GLY A 162 -14.18 -12.71 -4.91
CA GLY A 162 -14.73 -14.01 -5.29
C GLY A 162 -15.95 -14.36 -4.44
N GLU A 163 -16.87 -13.42 -4.34
CA GLU A 163 -18.09 -13.63 -3.56
C GLU A 163 -19.19 -12.67 -4.00
N ASP A 164 -20.44 -13.06 -3.76
CA ASP A 164 -21.58 -12.24 -4.14
C ASP A 164 -21.75 -11.07 -3.16
N THR A 165 -21.00 -11.11 -2.07
CA THR A 165 -21.07 -10.05 -1.07
C THR A 165 -20.86 -8.69 -1.73
N ARG A 166 -21.07 -7.62 -0.97
CA ARG A 166 -20.91 -6.24 -1.47
C ARG A 166 -20.02 -6.20 -2.72
N LEU A 167 -20.65 -6.33 -3.89
CA LEU A 167 -19.93 -6.32 -5.16
C LEU A 167 -20.45 -5.21 -6.07
N SER A 168 -19.70 -4.90 -7.10
CA SER A 168 -20.10 -3.88 -8.06
C SER A 168 -21.40 -4.26 -8.74
N ALA A 169 -22.35 -3.34 -8.75
CA ALA A 169 -23.64 -3.58 -9.37
C ALA A 169 -24.46 -2.30 -9.42
N SER A 170 -25.73 -2.42 -9.81
CA SER A 170 -26.61 -1.27 -9.89
C SER A 170 -26.77 -0.61 -8.52
N GLU A 171 -27.00 -1.44 -7.51
CA GLU A 171 -27.17 -0.93 -6.15
C GLU A 171 -25.91 -0.24 -5.67
N MET A 172 -24.76 -0.84 -5.98
CA MET A 172 -23.47 -0.27 -5.57
C MET A 172 -23.20 1.01 -6.35
N LYS A 173 -23.78 1.13 -7.53
CA LYS A 173 -23.58 2.32 -8.36
C LYS A 173 -24.23 3.54 -7.70
N GLN A 174 -25.47 3.38 -7.28
CA GLN A 174 -26.19 4.49 -6.63
C GLN A 174 -25.62 4.74 -5.24
N LEU A 175 -24.99 3.73 -4.66
CA LEU A 175 -24.41 3.87 -3.33
C LEU A 175 -23.33 4.95 -3.33
N ILE A 176 -22.37 4.81 -4.23
CA ILE A 176 -21.28 5.77 -4.31
C ILE A 176 -21.80 7.15 -4.71
N ASP A 177 -22.73 7.17 -5.67
CA ASP A 177 -23.29 8.43 -6.13
C ASP A 177 -23.91 9.19 -4.97
N ASN A 178 -24.72 8.52 -4.17
CA ASN A 178 -25.37 9.15 -3.03
C ASN A 178 -24.33 9.70 -2.06
N ILE A 179 -23.28 8.92 -1.82
CA ILE A 179 -22.22 9.35 -0.90
C ILE A 179 -21.51 10.59 -1.46
N LEU A 180 -21.26 10.58 -2.76
CA LEU A 180 -20.58 11.71 -3.41
C LEU A 180 -21.42 12.97 -3.31
N GLU A 181 -22.73 12.84 -3.49
CA GLU A 181 -23.62 13.99 -3.42
C GLU A 181 -23.68 14.54 -2.00
N GLU A 182 -23.80 13.64 -1.02
CA GLU A 182 -23.87 14.06 0.37
C GLU A 182 -22.53 14.64 0.83
N SER A 183 -21.44 14.05 0.35
CA SER A 183 -20.10 14.52 0.71
C SER A 183 -19.68 15.69 -0.19
N ASP A 184 -19.24 15.36 -1.40
CA ASP A 184 -18.81 16.40 -2.34
C ASP A 184 -20.02 17.05 -3.01
N ILE A 185 -19.95 18.37 -3.19
CA ILE A 185 -21.04 19.11 -3.83
C ILE A 185 -20.74 19.33 -5.31
N ASP A 186 -19.48 19.62 -5.62
CA ASP A 186 -19.08 19.85 -6.99
C ASP A 186 -19.51 18.69 -7.89
N ARG A 187 -19.96 17.60 -7.26
CA ARG A 187 -20.41 16.43 -8.00
C ARG A 187 -19.50 16.17 -9.21
N ASP A 188 -18.25 16.62 -9.10
CA ASP A 188 -17.29 16.44 -10.19
C ASP A 188 -17.37 15.02 -10.74
N GLY A 189 -17.97 14.12 -9.97
CA GLY A 189 -18.11 12.73 -10.39
C GLY A 189 -16.83 11.95 -10.14
N THR A 190 -15.87 12.60 -9.48
CA THR A 190 -14.60 11.95 -9.17
C THR A 190 -14.05 12.47 -7.84
N ILE A 191 -13.06 11.76 -7.30
CA ILE A 191 -12.44 12.15 -6.03
C ILE A 191 -10.93 12.27 -6.19
N ASN A 192 -10.41 13.46 -5.88
CA ASN A 192 -8.98 13.72 -5.98
C ASN A 192 -8.31 13.51 -4.62
N LEU A 193 -7.06 13.92 -4.51
CA LEU A 193 -6.32 13.77 -3.26
C LEU A 193 -6.97 14.55 -2.13
N SER A 194 -7.25 15.84 -2.38
CA SER A 194 -7.86 16.68 -1.37
C SER A 194 -9.27 16.18 -1.03
N GLU A 195 -10.02 15.80 -2.05
CA GLU A 195 -11.37 15.30 -1.85
C GLU A 195 -11.33 13.93 -1.18
N PHE A 196 -10.25 13.18 -1.41
CA PHE A 196 -10.12 11.87 -0.82
C PHE A 196 -9.97 11.97 0.70
N GLN A 197 -9.05 12.84 1.14
CA GLN A 197 -8.81 13.02 2.56
C GLN A 197 -10.10 13.39 3.27
N HIS A 198 -10.88 14.28 2.66
CA HIS A 198 -12.14 14.70 3.26
C HIS A 198 -13.19 13.61 3.12
N VAL A 199 -13.69 13.43 1.89
CA VAL A 199 -14.72 12.42 1.61
C VAL A 199 -14.51 11.17 2.47
N ILE A 200 -13.26 10.77 2.65
CA ILE A 200 -12.95 9.60 3.46
C ILE A 200 -13.27 9.87 4.93
N SER A 201 -12.84 11.04 5.42
CA SER A 201 -13.09 11.41 6.82
C SER A 201 -14.17 12.48 6.91
N ARG A 202 -15.10 12.44 5.97
CA ARG A 202 -16.21 13.42 5.95
C ARG A 202 -17.51 12.75 6.37
N SER A 203 -17.54 11.43 6.32
CA SER A 203 -18.75 10.69 6.70
C SER A 203 -18.40 9.35 7.37
N PRO A 204 -19.05 8.99 8.46
CA PRO A 204 -18.77 7.70 9.17
C PRO A 204 -18.60 6.52 8.19
N ASP A 205 -19.27 6.62 7.04
CA ASP A 205 -19.19 5.56 6.03
C ASP A 205 -17.76 5.07 5.86
N PHE A 206 -17.07 5.61 4.85
CA PHE A 206 -15.70 5.22 4.59
C PHE A 206 -14.81 5.53 5.78
N ALA A 207 -15.04 6.70 6.40
CA ALA A 207 -14.25 7.11 7.55
C ALA A 207 -14.10 5.96 8.54
N SER A 208 -15.21 5.31 8.86
CA SER A 208 -15.20 4.19 9.80
C SER A 208 -14.37 3.04 9.23
N SER A 209 -14.57 2.73 7.96
CA SER A 209 -13.84 1.65 7.31
C SER A 209 -12.40 2.05 7.06
N PHE A 210 -12.14 3.36 7.06
CA PHE A 210 -10.80 3.87 6.83
C PHE A 210 -9.90 3.60 8.03
N LYS A 211 -10.40 2.76 8.95
CA LYS A 211 -9.64 2.43 10.14
C LYS A 211 -8.26 1.87 9.75
N ILE A 212 -8.24 0.66 9.21
CA ILE A 212 -7.00 0.02 8.79
C ILE A 212 -7.21 -0.75 7.49
N VAL A 213 -6.47 -0.36 6.46
CA VAL A 213 -6.58 -1.02 5.15
C VAL A 213 -5.18 -1.35 4.62
N LEU A 214 -5.08 -2.47 3.91
CA LEU A 214 -3.81 -2.88 3.34
C LEU A 214 -4.01 -4.10 2.44
CA CA B . -8.08 5.92 -11.28
CA CA C . -15.79 15.46 -5.79
N LEU A 31 1.79 18.12 -0.39
CA LEU A 31 2.81 17.04 -0.27
C LEU A 31 2.76 16.16 -1.52
N SER A 32 3.74 16.34 -2.41
CA SER A 32 3.80 15.56 -3.65
C SER A 32 4.55 14.26 -3.41
N LYS A 33 4.61 13.41 -4.43
CA LYS A 33 5.31 12.14 -4.34
C LYS A 33 6.82 12.36 -4.31
N GLU A 34 7.23 13.62 -4.37
CA GLU A 34 8.64 13.95 -4.36
C GLU A 34 9.21 13.79 -2.96
N LEU A 35 8.68 14.56 -2.02
CA LEU A 35 9.15 14.50 -0.63
C LEU A 35 9.23 13.05 -0.18
N LEU A 36 8.24 12.25 -0.55
CA LEU A 36 8.23 10.85 -0.16
C LEU A 36 9.44 10.13 -0.73
N ALA A 37 9.75 10.39 -1.99
CA ALA A 37 10.90 9.75 -2.63
C ALA A 37 12.18 10.07 -1.86
N GLU A 38 12.23 11.25 -1.25
CA GLU A 38 13.40 11.66 -0.49
C GLU A 38 13.54 10.80 0.77
N TYR A 39 12.42 10.49 1.40
CA TYR A 39 12.44 9.67 2.61
C TYR A 39 12.75 8.22 2.27
N GLN A 40 12.31 7.78 1.09
CA GLN A 40 12.55 6.41 0.66
C GLN A 40 14.03 6.19 0.40
N ASP A 41 14.73 7.26 0.04
CA ASP A 41 16.16 7.17 -0.24
C ASP A 41 16.88 6.38 0.85
N LEU A 42 17.52 7.10 1.78
CA LEU A 42 18.26 6.47 2.88
C LEU A 42 17.88 7.11 4.21
N THR A 43 16.58 7.13 4.51
CA THR A 43 16.09 7.71 5.76
C THR A 43 15.17 6.72 6.49
N PHE A 44 14.66 5.73 5.74
CA PHE A 44 13.78 4.72 6.33
C PHE A 44 14.57 3.47 6.71
N LEU A 45 15.86 3.46 6.36
CA LEU A 45 16.71 2.31 6.68
C LEU A 45 17.56 2.61 7.91
N THR A 46 17.22 1.98 9.03
CA THR A 46 17.95 2.19 10.26
C THR A 46 19.24 1.37 10.25
N LYS A 47 19.72 1.01 11.45
CA LYS A 47 20.95 0.22 11.58
C LYS A 47 20.67 -1.07 12.37
N GLN A 48 19.82 -0.97 13.37
CA GLN A 48 19.49 -2.12 14.19
C GLN A 48 18.47 -3.01 13.48
N GLU A 49 17.45 -2.38 12.90
CA GLU A 49 16.41 -3.12 12.19
C GLU A 49 16.97 -3.80 10.96
N ILE A 50 17.94 -3.15 10.32
CA ILE A 50 18.56 -3.70 9.12
C ILE A 50 19.46 -4.87 9.48
N LEU A 51 20.22 -4.72 10.57
CA LEU A 51 21.12 -5.78 10.99
C LEU A 51 20.34 -7.02 11.40
N LEU A 52 19.30 -6.82 12.20
CA LEU A 52 18.48 -7.94 12.66
C LEU A 52 17.69 -8.52 11.50
N ALA A 53 17.11 -7.65 10.69
CA ALA A 53 16.32 -8.09 9.55
C ALA A 53 17.18 -8.87 8.57
N HIS A 54 18.42 -8.44 8.40
CA HIS A 54 19.33 -9.11 7.48
C HIS A 54 19.53 -10.56 7.90
N ARG A 55 19.73 -10.78 9.19
CA ARG A 55 19.94 -12.13 9.71
C ARG A 55 18.71 -12.99 9.45
N ARG A 56 17.53 -12.39 9.58
CA ARG A 56 16.28 -13.12 9.35
C ARG A 56 16.13 -13.49 7.89
N PHE A 57 16.44 -12.55 7.00
CA PHE A 57 16.33 -12.80 5.57
C PHE A 57 17.51 -13.63 5.07
N CYS A 58 18.50 -13.84 5.94
CA CYS A 58 19.67 -14.62 5.56
C CYS A 58 19.38 -16.11 5.69
N GLU A 59 18.71 -16.49 6.77
CA GLU A 59 18.36 -17.89 7.00
C GLU A 59 17.55 -18.43 5.83
N LEU A 60 16.65 -17.62 5.31
CA LEU A 60 15.81 -18.04 4.20
C LEU A 60 16.65 -18.21 2.94
N LEU A 61 17.80 -17.52 2.89
CA LEU A 61 18.68 -17.60 1.72
C LEU A 61 19.90 -18.48 2.03
N PRO A 62 20.50 -19.07 1.03
CA PRO A 62 21.70 -19.94 1.20
C PRO A 62 22.65 -19.39 2.27
N GLN A 63 22.87 -20.16 3.32
CA GLN A 63 23.76 -19.74 4.40
C GLN A 63 25.15 -19.44 3.84
N GLU A 64 25.46 -20.02 2.68
CA GLU A 64 26.76 -19.80 2.05
C GLU A 64 26.87 -18.37 1.54
N GLN A 65 25.73 -17.79 1.16
CA GLN A 65 25.72 -16.42 0.65
C GLN A 65 25.49 -15.42 1.78
N ARG A 66 25.99 -15.75 2.96
CA ARG A 66 25.84 -14.87 4.11
C ARG A 66 26.66 -13.60 3.93
N SER A 67 27.53 -13.60 2.93
CA SER A 67 28.36 -12.43 2.64
C SER A 67 27.51 -11.17 2.60
N VAL A 68 27.82 -10.23 3.49
CA VAL A 68 27.07 -8.97 3.54
C VAL A 68 27.28 -8.17 2.28
N GLU A 69 28.53 -8.12 1.82
CA GLU A 69 28.86 -7.38 0.60
C GLU A 69 28.01 -7.85 -0.57
N SER A 70 27.50 -9.08 -0.47
CA SER A 70 26.66 -9.66 -1.52
C SER A 70 25.18 -9.43 -1.21
N SER A 71 24.83 -9.46 0.07
CA SER A 71 23.45 -9.26 0.48
C SER A 71 23.00 -7.84 0.15
N LEU A 72 23.87 -6.87 0.44
CA LEU A 72 23.54 -5.47 0.18
C LEU A 72 23.76 -5.13 -1.29
N ARG A 73 24.61 -5.92 -1.96
CA ARG A 73 24.90 -5.68 -3.37
C ARG A 73 23.97 -6.52 -4.26
N ALA A 74 23.31 -7.49 -3.64
CA ALA A 74 22.38 -8.36 -4.37
C ALA A 74 20.95 -8.17 -3.86
N GLN A 75 19.98 -8.45 -4.72
CA GLN A 75 18.58 -8.31 -4.36
C GLN A 75 18.05 -9.61 -3.79
N VAL A 76 16.80 -9.60 -3.31
CA VAL A 76 16.20 -10.80 -2.75
C VAL A 76 15.07 -11.33 -3.65
N PRO A 77 15.10 -12.61 -4.03
CA PRO A 77 14.03 -13.20 -4.89
C PRO A 77 12.62 -12.80 -4.45
N PHE A 78 11.72 -12.67 -5.41
CA PHE A 78 10.34 -12.29 -5.10
C PHE A 78 9.71 -13.28 -4.12
N GLU A 79 9.76 -14.56 -4.45
CA GLU A 79 9.19 -15.60 -3.60
C GLU A 79 9.77 -15.51 -2.19
N GLN A 80 11.07 -15.31 -2.09
CA GLN A 80 11.73 -15.22 -0.80
C GLN A 80 11.09 -14.13 0.06
N ILE A 81 10.77 -13.00 -0.56
CA ILE A 81 10.15 -11.90 0.18
C ILE A 81 8.72 -12.26 0.56
N LEU A 82 8.00 -12.89 -0.37
CA LEU A 82 6.62 -13.27 -0.11
C LEU A 82 6.56 -14.27 1.05
N SER A 83 7.72 -14.60 1.60
CA SER A 83 7.79 -15.54 2.72
C SER A 83 7.06 -14.98 3.94
N LEU A 84 6.44 -13.81 3.79
CA LEU A 84 5.71 -13.17 4.87
C LEU A 84 4.23 -13.00 4.50
N PRO A 85 3.44 -14.02 4.71
CA PRO A 85 1.98 -13.97 4.38
C PRO A 85 1.29 -12.73 4.97
N GLU A 86 2.03 -11.97 5.75
CA GLU A 86 1.47 -10.78 6.37
C GLU A 86 1.00 -9.78 5.31
N LEU A 87 1.94 -9.28 4.51
CA LEU A 87 1.62 -8.33 3.47
C LEU A 87 0.83 -9.00 2.34
N LYS A 88 0.79 -10.32 2.36
CA LYS A 88 0.06 -11.07 1.35
C LYS A 88 -1.43 -10.87 1.53
N ALA A 89 -1.87 -10.87 2.78
CA ALA A 89 -3.29 -10.68 3.07
C ALA A 89 -3.85 -9.52 2.27
N ASN A 90 -2.97 -8.69 1.71
CA ASN A 90 -3.40 -7.54 0.93
C ASN A 90 -3.81 -7.96 -0.49
N PRO A 91 -5.08 -7.85 -0.87
CA PRO A 91 -5.54 -8.25 -2.23
C PRO A 91 -4.76 -7.55 -3.35
N PHE A 92 -3.95 -6.56 -2.98
CA PHE A 92 -3.16 -5.80 -3.96
C PHE A 92 -1.68 -5.87 -3.62
N LYS A 93 -1.28 -6.92 -2.90
CA LYS A 93 0.12 -7.09 -2.53
C LYS A 93 1.03 -6.91 -3.75
N GLU A 94 0.46 -7.15 -4.93
CA GLU A 94 1.23 -7.02 -6.17
C GLU A 94 1.44 -5.55 -6.53
N ARG A 95 0.37 -4.77 -6.47
CA ARG A 95 0.45 -3.35 -6.80
C ARG A 95 1.02 -2.56 -5.63
N ILE A 96 0.76 -3.04 -4.42
CA ILE A 96 1.27 -2.35 -3.23
C ILE A 96 2.79 -2.41 -3.18
N CYS A 97 3.35 -3.59 -3.47
CA CYS A 97 4.79 -3.76 -3.46
C CYS A 97 5.43 -3.04 -4.64
N ARG A 98 4.78 -3.11 -5.79
CA ARG A 98 5.31 -2.46 -6.99
C ARG A 98 5.33 -0.94 -6.82
N VAL A 99 4.25 -0.41 -6.26
CA VAL A 99 4.15 1.03 -6.04
C VAL A 99 5.05 1.48 -4.90
N PHE A 100 5.09 0.68 -3.84
CA PHE A 100 5.90 1.00 -2.68
C PHE A 100 7.38 0.71 -2.95
N SER A 101 7.64 -0.39 -3.66
CA SER A 101 9.01 -0.77 -3.98
C SER A 101 9.46 -0.12 -5.29
N THR A 102 10.73 -0.27 -5.61
CA THR A 102 11.29 0.30 -6.84
C THR A 102 12.30 -0.65 -7.46
N SER A 103 12.16 -0.88 -8.76
CA SER A 103 13.07 -1.77 -9.46
C SER A 103 13.05 -1.49 -10.97
N PRO A 104 14.07 -1.89 -11.67
CA PRO A 104 14.16 -1.67 -13.16
C PRO A 104 13.08 -2.44 -13.92
N ALA A 105 13.17 -3.78 -13.90
CA ALA A 105 12.20 -4.62 -14.60
C ALA A 105 11.14 -5.12 -13.62
N LYS A 106 11.22 -4.67 -12.38
CA LYS A 106 10.26 -5.08 -11.37
C LYS A 106 10.21 -6.60 -11.25
N ASP A 107 11.38 -7.24 -11.40
CA ASP A 107 11.49 -8.69 -11.31
C ASP A 107 12.17 -9.11 -10.01
N SER A 108 12.65 -8.12 -9.25
CA SER A 108 13.33 -8.39 -7.99
C SER A 108 12.83 -7.45 -6.90
N LEU A 109 12.95 -7.88 -5.65
CA LEU A 109 12.50 -7.06 -4.51
C LEU A 109 13.52 -7.11 -3.38
N SER A 110 13.81 -5.94 -2.81
CA SER A 110 14.77 -5.84 -1.71
C SER A 110 14.06 -5.94 -0.38
N PHE A 111 14.69 -6.62 0.57
CA PHE A 111 14.12 -6.80 1.90
C PHE A 111 14.05 -5.47 2.63
N GLU A 112 14.63 -4.43 2.02
CA GLU A 112 14.63 -3.11 2.63
C GLU A 112 13.28 -2.44 2.45
N ASP A 113 12.87 -2.26 1.20
CA ASP A 113 11.58 -1.63 0.90
C ASP A 113 10.42 -2.47 1.44
N PHE A 114 10.52 -3.78 1.25
CA PHE A 114 9.47 -4.68 1.71
C PHE A 114 9.29 -4.57 3.22
N LEU A 115 10.39 -4.70 3.95
CA LEU A 115 10.33 -4.62 5.40
C LEU A 115 9.90 -3.23 5.84
N ASP A 116 10.37 -2.22 5.11
CA ASP A 116 10.02 -0.84 5.43
C ASP A 116 8.52 -0.64 5.36
N LEU A 117 7.88 -1.26 4.38
CA LEU A 117 6.44 -1.14 4.23
C LEU A 117 5.74 -1.72 5.45
N LEU A 118 6.19 -2.88 5.91
CA LEU A 118 5.57 -3.52 7.05
C LEU A 118 5.74 -2.67 8.31
N SER A 119 6.98 -2.37 8.66
CA SER A 119 7.27 -1.57 9.85
C SER A 119 6.54 -0.23 9.80
N VAL A 120 6.60 0.43 8.64
CA VAL A 120 5.96 1.72 8.47
C VAL A 120 4.46 1.58 8.68
N PHE A 121 3.87 0.54 8.09
CA PHE A 121 2.44 0.30 8.21
C PHE A 121 2.11 -0.36 9.53
N SER A 122 3.14 -0.63 10.34
CA SER A 122 2.94 -1.27 11.63
C SER A 122 2.47 -0.26 12.66
N ASP A 123 3.22 0.83 12.81
CA ASP A 123 2.86 1.87 13.79
C ASP A 123 3.00 3.26 13.18
N THR A 124 4.12 3.50 12.51
CA THR A 124 4.36 4.80 11.90
C THR A 124 3.12 5.28 11.14
N ALA A 125 2.25 4.34 10.78
CA ALA A 125 1.03 4.67 10.06
C ALA A 125 0.24 5.75 10.81
N THR A 126 0.64 7.01 10.62
CA THR A 126 -0.04 8.12 11.29
C THR A 126 -1.07 8.76 10.35
N PRO A 127 -2.13 9.32 10.89
CA PRO A 127 -3.19 9.98 10.07
C PRO A 127 -2.61 10.75 8.88
N ASP A 128 -1.55 11.52 9.13
CA ASP A 128 -0.92 12.30 8.08
C ASP A 128 -0.18 11.40 7.10
N ILE A 129 0.90 10.78 7.56
CA ILE A 129 1.70 9.91 6.71
C ILE A 129 0.82 8.80 6.12
N LYS A 130 0.07 8.11 6.97
CA LYS A 130 -0.80 7.05 6.51
C LYS A 130 -1.57 7.49 5.27
N SER A 131 -2.30 8.60 5.39
CA SER A 131 -3.07 9.11 4.27
C SER A 131 -2.23 9.16 2.99
N HIS A 132 -1.26 10.06 2.96
CA HIS A 132 -0.39 10.22 1.80
C HIS A 132 0.02 8.85 1.25
N TYR A 133 0.57 8.01 2.12
CA TYR A 133 1.01 6.68 1.71
C TYR A 133 -0.15 5.90 1.12
N ALA A 134 -1.36 6.26 1.52
CA ALA A 134 -2.55 5.59 1.01
C ALA A 134 -2.92 6.13 -0.38
N PHE A 135 -3.35 7.39 -0.43
CA PHE A 135 -3.73 8.03 -1.70
C PHE A 135 -2.87 7.51 -2.85
N ARG A 136 -1.62 7.21 -2.55
CA ARG A 136 -0.70 6.69 -3.56
C ARG A 136 -0.89 5.19 -3.75
N ILE A 137 -0.74 4.43 -2.66
CA ILE A 137 -0.88 2.98 -2.72
C ILE A 137 -2.31 2.59 -3.11
N PHE A 138 -3.28 3.28 -2.52
CA PHE A 138 -4.69 3.00 -2.81
C PHE A 138 -4.97 3.14 -4.30
N ASP A 139 -4.31 4.11 -4.94
CA ASP A 139 -4.51 4.33 -6.36
C ASP A 139 -4.19 3.06 -7.15
N PHE A 140 -5.23 2.33 -7.51
CA PHE A 140 -5.05 1.09 -8.27
C PHE A 140 -4.29 1.37 -9.56
N ASP A 141 -4.75 2.37 -10.31
CA ASP A 141 -4.11 2.73 -11.57
C ASP A 141 -2.72 3.31 -11.32
N ASP A 142 -2.39 3.51 -10.06
CA ASP A 142 -1.09 4.06 -9.68
C ASP A 142 -0.86 5.40 -10.38
N ASP A 143 -1.94 6.04 -10.80
CA ASP A 143 -1.84 7.33 -11.49
C ASP A 143 -1.81 8.47 -10.48
N GLY A 144 -2.68 8.39 -9.48
CA GLY A 144 -2.75 9.41 -8.43
C GLY A 144 -4.20 9.71 -8.05
N THR A 145 -5.08 9.75 -9.04
CA THR A 145 -6.49 10.03 -8.78
C THR A 145 -7.22 8.74 -8.43
N LEU A 146 -8.45 8.88 -7.93
CA LEU A 146 -9.26 7.72 -7.55
C LEU A 146 -10.61 7.78 -8.25
N ASN A 147 -11.03 6.65 -8.82
CA ASN A 147 -12.30 6.56 -9.53
C ASN A 147 -13.32 5.80 -8.69
N ARG A 148 -14.55 5.76 -9.18
CA ARG A 148 -15.62 5.06 -8.46
C ARG A 148 -15.33 3.57 -8.40
N GLU A 149 -14.78 3.04 -9.48
CA GLU A 149 -14.46 1.61 -9.53
C GLU A 149 -13.41 1.25 -8.48
N ASP A 150 -12.42 2.12 -8.32
CA ASP A 150 -11.36 1.88 -7.34
C ASP A 150 -11.97 1.56 -5.98
N LEU A 151 -12.98 2.31 -5.58
CA LEU A 151 -13.64 2.10 -4.31
C LEU A 151 -14.33 0.74 -4.28
N SER A 152 -15.02 0.41 -5.36
CA SER A 152 -15.73 -0.87 -5.45
C SER A 152 -14.74 -2.03 -5.47
N ARG A 153 -13.47 -1.71 -5.71
CA ARG A 153 -12.42 -2.73 -5.73
C ARG A 153 -11.82 -2.92 -4.35
N LEU A 154 -11.69 -1.83 -3.60
CA LEU A 154 -11.13 -1.91 -2.26
C LEU A 154 -12.13 -2.54 -1.30
N VAL A 155 -13.37 -2.07 -1.35
CA VAL A 155 -14.41 -2.59 -0.46
C VAL A 155 -14.74 -4.04 -0.83
N ASN A 156 -14.74 -4.33 -2.13
CA ASN A 156 -15.04 -5.69 -2.57
C ASN A 156 -13.88 -6.63 -2.24
N CYS A 157 -12.74 -6.40 -2.87
CA CYS A 157 -11.56 -7.23 -2.63
C CYS A 157 -11.44 -7.61 -1.15
N LEU A 158 -11.52 -6.60 -0.28
CA LEU A 158 -11.43 -6.82 1.15
C LEU A 158 -12.58 -7.68 1.65
N THR A 159 -13.80 -7.31 1.29
CA THR A 159 -14.98 -8.06 1.72
C THR A 159 -14.73 -9.56 1.58
N GLY A 160 -14.32 -9.98 0.39
CA GLY A 160 -14.04 -11.39 0.15
C GLY A 160 -14.07 -11.69 -1.35
N GLU A 161 -13.02 -11.28 -2.05
CA GLU A 161 -12.95 -11.53 -3.50
C GLU A 161 -13.40 -12.95 -3.83
N GLY A 162 -14.24 -13.08 -4.86
CA GLY A 162 -14.74 -14.39 -5.27
C GLY A 162 -16.01 -14.75 -4.50
N GLU A 163 -16.91 -13.78 -4.37
CA GLU A 163 -18.16 -14.00 -3.66
C GLU A 163 -19.22 -13.01 -4.13
N ASP A 164 -20.49 -13.38 -3.97
CA ASP A 164 -21.59 -12.52 -4.37
C ASP A 164 -21.77 -11.38 -3.37
N THR A 165 -21.03 -11.44 -2.28
CA THR A 165 -21.10 -10.39 -1.26
C THR A 165 -20.87 -9.03 -1.90
N ARG A 166 -21.06 -7.97 -1.11
CA ARG A 166 -20.88 -6.58 -1.58
C ARG A 166 -19.99 -6.52 -2.83
N LEU A 167 -20.61 -6.62 -4.00
CA LEU A 167 -19.87 -6.59 -5.27
C LEU A 167 -20.38 -5.47 -6.16
N SER A 168 -19.61 -5.15 -7.18
CA SER A 168 -19.99 -4.10 -8.12
C SER A 168 -21.29 -4.46 -8.80
N ALA A 169 -22.20 -3.49 -8.87
CA ALA A 169 -23.49 -3.70 -9.51
C ALA A 169 -24.29 -2.41 -9.53
N SER A 170 -25.57 -2.51 -9.87
CA SER A 170 -26.44 -1.34 -9.93
C SER A 170 -26.55 -0.69 -8.56
N GLU A 171 -26.74 -1.52 -7.53
CA GLU A 171 -26.87 -1.02 -6.17
C GLU A 171 -25.57 -0.36 -5.71
N MET A 172 -24.45 -0.98 -6.04
CA MET A 172 -23.15 -0.44 -5.67
C MET A 172 -22.85 0.85 -6.44
N LYS A 173 -23.46 0.98 -7.61
CA LYS A 173 -23.27 2.17 -8.43
C LYS A 173 -23.87 3.39 -7.74
N GLN A 174 -25.11 3.26 -7.29
CA GLN A 174 -25.78 4.37 -6.63
C GLN A 174 -25.20 4.59 -5.23
N LEU A 175 -24.54 3.56 -4.69
CA LEU A 175 -23.94 3.68 -3.37
C LEU A 175 -22.83 4.71 -3.37
N ILE A 176 -21.86 4.53 -4.25
CA ILE A 176 -20.74 5.46 -4.34
C ILE A 176 -21.21 6.85 -4.74
N ASP A 177 -22.12 6.91 -5.72
CA ASP A 177 -22.64 8.19 -6.18
C ASP A 177 -23.28 8.94 -5.02
N ASN A 178 -24.10 8.25 -4.24
CA ASN A 178 -24.78 8.88 -3.11
C ASN A 178 -23.76 9.40 -2.11
N ILE A 179 -22.73 8.61 -1.84
CA ILE A 179 -21.69 9.01 -0.89
C ILE A 179 -20.96 10.25 -1.40
N LEU A 180 -20.65 10.26 -2.69
CA LEU A 180 -19.94 11.38 -3.29
C LEU A 180 -20.77 12.66 -3.19
N GLU A 181 -22.08 12.53 -3.39
CA GLU A 181 -22.97 13.68 -3.32
C GLU A 181 -23.04 14.22 -1.89
N GLU A 182 -23.17 13.31 -0.93
CA GLU A 182 -23.25 13.71 0.47
C GLU A 182 -21.92 14.30 0.95
N SER A 183 -20.82 13.70 0.50
CA SER A 183 -19.50 14.17 0.89
C SER A 183 -19.06 15.34 0.02
N ASP A 184 -18.60 15.04 -1.19
CA ASP A 184 -18.15 16.08 -2.11
C ASP A 184 -19.35 16.74 -2.79
N ILE A 185 -19.27 18.06 -2.98
CA ILE A 185 -20.35 18.80 -3.63
C ILE A 185 -20.03 19.04 -5.10
N ASP A 186 -18.77 19.37 -5.37
CA ASP A 186 -18.35 19.62 -6.74
C ASP A 186 -18.76 18.47 -7.66
N ARG A 187 -19.19 17.36 -7.05
CA ARG A 187 -19.61 16.19 -7.81
C ARG A 187 -18.71 15.98 -9.03
N ASP A 188 -17.47 16.46 -8.93
CA ASP A 188 -16.52 16.34 -10.03
C ASP A 188 -16.55 14.93 -10.60
N GLY A 189 -17.11 14.00 -9.84
CA GLY A 189 -17.21 12.61 -10.27
C GLY A 189 -15.93 11.85 -9.97
N THR A 190 -15.01 12.51 -9.28
CA THR A 190 -13.73 11.89 -8.93
C THR A 190 -13.24 12.42 -7.58
N ILE A 191 -12.29 11.70 -6.98
CA ILE A 191 -11.73 12.10 -5.69
C ILE A 191 -10.23 12.28 -5.80
N ASN A 192 -9.76 13.49 -5.46
CA ASN A 192 -8.34 13.79 -5.52
C ASN A 192 -7.71 13.59 -4.14
N LEU A 193 -6.45 14.00 -4.01
CA LEU A 193 -5.74 13.84 -2.75
C LEU A 193 -6.43 14.62 -1.63
N SER A 194 -6.73 15.88 -1.90
CA SER A 194 -7.40 16.72 -0.89
C SER A 194 -8.79 16.17 -0.58
N GLU A 195 -9.52 15.77 -1.61
CA GLU A 195 -10.85 15.23 -1.42
C GLU A 195 -10.78 13.85 -0.76
N PHE A 196 -9.69 13.14 -1.01
CA PHE A 196 -9.52 11.82 -0.43
C PHE A 196 -9.40 11.90 1.09
N GLN A 197 -8.55 12.80 1.56
CA GLN A 197 -8.35 12.98 2.99
C GLN A 197 -9.68 13.33 3.67
N HIS A 198 -10.44 14.21 3.03
CA HIS A 198 -11.74 14.61 3.59
C HIS A 198 -12.76 13.50 3.43
N VAL A 199 -13.24 13.32 2.19
CA VAL A 199 -14.25 12.28 1.90
C VAL A 199 -14.06 11.05 2.77
N ILE A 200 -12.80 10.67 2.99
CA ILE A 200 -12.50 9.51 3.82
C ILE A 200 -12.86 9.78 5.27
N SER A 201 -12.44 10.95 5.78
CA SER A 201 -12.72 11.33 7.16
C SER A 201 -13.80 12.41 7.23
N ARG A 202 -14.72 12.37 6.26
CA ARG A 202 -15.81 13.34 6.22
C ARG A 202 -17.12 12.69 6.61
N SER A 203 -17.18 11.36 6.54
CA SER A 203 -18.40 10.64 6.90
C SER A 203 -18.07 9.29 7.57
N PRO A 204 -18.75 8.92 8.65
CA PRO A 204 -18.50 7.63 9.34
C PRO A 204 -18.31 6.46 8.35
N ASP A 205 -18.89 6.60 7.17
CA ASP A 205 -18.79 5.55 6.16
C ASP A 205 -17.36 5.03 6.05
N PHE A 206 -16.61 5.54 5.09
CA PHE A 206 -15.23 5.11 4.89
C PHE A 206 -14.38 5.45 6.11
N ALA A 207 -14.70 6.57 6.75
CA ALA A 207 -13.94 7.00 7.93
C ALA A 207 -13.86 5.87 8.95
N SER A 208 -14.99 5.20 9.17
CA SER A 208 -15.04 4.10 10.13
C SER A 208 -14.16 2.94 9.65
N SER A 209 -14.27 2.62 8.37
CA SER A 209 -13.50 1.53 7.80
C SER A 209 -12.03 1.94 7.64
N PHE A 210 -11.78 3.25 7.69
CA PHE A 210 -10.43 3.76 7.55
C PHE A 210 -9.55 3.29 8.70
N LYS A 211 -10.15 2.52 9.62
CA LYS A 211 -9.42 2.02 10.77
C LYS A 211 -8.07 1.44 10.34
N ILE A 212 -8.11 0.26 9.72
CA ILE A 212 -6.87 -0.38 9.24
C ILE A 212 -7.16 -1.11 7.94
N VAL A 213 -6.48 -0.69 6.88
CA VAL A 213 -6.63 -1.31 5.56
C VAL A 213 -5.28 -1.45 4.88
N LEU A 214 -5.15 -2.46 4.04
CA LEU A 214 -3.91 -2.70 3.32
C LEU A 214 -4.10 -3.81 2.29
CA CA B . -6.55 5.28 -9.80
CA CA C . -15.18 15.29 -5.58
N LEU A 31 1.78 17.05 0.24
CA LEU A 31 2.86 16.03 0.26
C LEU A 31 2.77 15.16 -0.99
N SER A 32 3.76 15.28 -1.87
CA SER A 32 3.79 14.50 -3.10
C SER A 32 4.66 13.27 -2.94
N LYS A 33 4.72 12.44 -3.99
CA LYS A 33 5.53 11.22 -3.95
C LYS A 33 7.00 11.57 -3.98
N GLU A 34 7.31 12.86 -4.12
CA GLU A 34 8.70 13.31 -4.16
C GLU A 34 9.31 13.24 -2.77
N LEU A 35 8.86 14.13 -1.89
CA LEU A 35 9.38 14.18 -0.52
C LEU A 35 9.49 12.76 0.05
N LEU A 36 8.48 11.94 -0.22
CA LEU A 36 8.49 10.57 0.29
C LEU A 36 9.69 9.83 -0.26
N ALA A 37 9.98 10.01 -1.54
CA ALA A 37 11.11 9.34 -2.17
C ALA A 37 12.41 9.71 -1.47
N GLU A 38 12.47 10.93 -0.94
CA GLU A 38 13.66 11.39 -0.24
C GLU A 38 13.84 10.63 1.06
N TYR A 39 12.74 10.31 1.72
CA TYR A 39 12.79 9.56 2.97
C TYR A 39 13.13 8.09 2.71
N GLN A 40 12.66 7.57 1.59
CA GLN A 40 12.92 6.19 1.24
C GLN A 40 14.40 5.98 0.95
N ASP A 41 15.07 7.04 0.52
CA ASP A 41 16.50 6.96 0.22
C ASP A 41 17.25 6.23 1.32
N LEU A 42 17.88 6.99 2.23
CA LEU A 42 18.64 6.41 3.34
C LEU A 42 18.24 7.07 4.66
N THR A 43 16.93 7.14 4.91
CA THR A 43 16.41 7.74 6.15
C THR A 43 15.47 6.77 6.85
N PHE A 44 14.86 5.88 6.08
CA PHE A 44 13.94 4.88 6.64
C PHE A 44 14.68 3.59 6.95
N LEU A 45 15.97 3.54 6.62
CA LEU A 45 16.76 2.34 6.88
C LEU A 45 17.64 2.54 8.11
N THR A 46 17.26 1.91 9.22
CA THR A 46 18.01 2.02 10.45
C THR A 46 19.25 1.12 10.40
N LYS A 47 19.68 0.66 11.58
CA LYS A 47 20.85 -0.22 11.67
C LYS A 47 20.49 -1.53 12.36
N GLN A 48 19.73 -1.44 13.44
CA GLN A 48 19.31 -2.62 14.18
C GLN A 48 18.28 -3.41 13.38
N GLU A 49 17.33 -2.70 12.79
CA GLU A 49 16.28 -3.34 12.01
C GLU A 49 16.87 -3.99 10.75
N ILE A 50 17.81 -3.30 10.13
CA ILE A 50 18.44 -3.80 8.92
C ILE A 50 19.33 -5.00 9.24
N LEU A 51 20.09 -4.89 10.32
CA LEU A 51 20.98 -5.99 10.72
C LEU A 51 20.17 -7.23 11.06
N LEU A 52 19.10 -7.05 11.82
CA LEU A 52 18.25 -8.17 12.21
C LEU A 52 17.52 -8.74 11.00
N ALA A 53 17.01 -7.85 10.16
CA ALA A 53 16.28 -8.27 8.97
C ALA A 53 17.20 -9.07 8.04
N HIS A 54 18.46 -8.67 7.97
CA HIS A 54 19.42 -9.35 7.12
C HIS A 54 19.62 -10.79 7.60
N ARG A 55 19.70 -10.96 8.91
CA ARG A 55 19.89 -12.29 9.47
C ARG A 55 18.70 -13.19 9.17
N ARG A 56 17.49 -12.64 9.32
CA ARG A 56 16.27 -13.41 9.05
C ARG A 56 16.17 -13.77 7.57
N PHE A 57 16.53 -12.83 6.71
CA PHE A 57 16.47 -13.06 5.27
C PHE A 57 17.66 -13.89 4.81
N CYS A 58 18.65 -14.03 5.68
CA CYS A 58 19.84 -14.82 5.34
C CYS A 58 19.53 -16.31 5.47
N GLU A 59 18.78 -16.67 6.50
CA GLU A 59 18.43 -18.07 6.72
C GLU A 59 17.62 -18.61 5.54
N LEU A 60 16.71 -17.79 5.03
CA LEU A 60 15.89 -18.21 3.90
C LEU A 60 16.73 -18.34 2.64
N LEU A 61 17.87 -17.65 2.61
CA LEU A 61 18.77 -17.70 1.45
C LEU A 61 20.01 -18.56 1.75
N PRO A 62 20.62 -19.12 0.74
CA PRO A 62 21.83 -19.96 0.91
C PRO A 62 22.77 -19.41 1.99
N GLN A 63 22.88 -20.12 3.11
CA GLN A 63 23.74 -19.69 4.20
C GLN A 63 25.14 -19.37 3.68
N GLU A 64 25.46 -19.93 2.51
CA GLU A 64 26.77 -19.70 1.91
C GLU A 64 26.90 -18.27 1.42
N GLN A 65 25.77 -17.66 1.06
CA GLN A 65 25.76 -16.28 0.57
C GLN A 65 25.51 -15.31 1.72
N ARG A 66 25.95 -15.67 2.92
CA ARG A 66 25.76 -14.82 4.09
C ARG A 66 26.60 -13.56 3.96
N SER A 67 27.50 -13.54 2.98
CA SER A 67 28.35 -12.38 2.76
C SER A 67 27.51 -11.11 2.64
N VAL A 68 27.80 -10.13 3.47
CA VAL A 68 27.08 -8.86 3.44
C VAL A 68 27.33 -8.12 2.13
N GLU A 69 28.58 -8.15 1.67
CA GLU A 69 28.94 -7.48 0.44
C GLU A 69 28.07 -7.98 -0.72
N SER A 70 27.44 -9.13 -0.52
CA SER A 70 26.57 -9.72 -1.55
C SER A 70 25.11 -9.39 -1.27
N SER A 71 24.76 -9.27 0.01
CA SER A 71 23.39 -8.95 0.39
C SER A 71 23.05 -7.51 0.02
N LEU A 72 23.96 -6.59 0.32
CA LEU A 72 23.76 -5.18 0.03
C LEU A 72 23.99 -4.91 -1.45
N ARG A 73 24.78 -5.77 -2.10
CA ARG A 73 25.09 -5.60 -3.52
C ARG A 73 24.10 -6.36 -4.37
N ALA A 74 23.31 -7.22 -3.73
CA ALA A 74 22.29 -8.01 -4.44
C ALA A 74 20.91 -7.74 -3.86
N GLN A 75 19.89 -7.90 -4.69
CA GLN A 75 18.52 -7.68 -4.25
C GLN A 75 17.91 -8.98 -3.73
N VAL A 76 16.65 -8.91 -3.29
CA VAL A 76 15.98 -10.10 -2.77
C VAL A 76 14.93 -10.62 -3.77
N PRO A 77 14.93 -11.90 -4.09
CA PRO A 77 13.93 -12.50 -5.04
C PRO A 77 12.50 -12.03 -4.75
N PHE A 78 11.55 -12.53 -5.52
CA PHE A 78 10.14 -12.18 -5.34
C PHE A 78 9.47 -13.10 -4.33
N GLU A 79 9.51 -14.40 -4.60
CA GLU A 79 8.90 -15.39 -3.72
C GLU A 79 9.34 -15.18 -2.28
N GLN A 80 10.64 -14.96 -2.09
CA GLN A 80 11.18 -14.74 -0.76
C GLN A 80 10.26 -13.83 0.05
N ILE A 81 9.71 -12.82 -0.60
CA ILE A 81 8.80 -11.90 0.06
C ILE A 81 7.43 -12.53 0.27
N LEU A 82 6.99 -13.28 -0.74
CA LEU A 82 5.68 -13.94 -0.66
C LEU A 82 5.57 -14.75 0.63
N SER A 83 6.71 -15.01 1.26
CA SER A 83 6.72 -15.78 2.50
C SER A 83 6.21 -14.94 3.67
N LEU A 84 5.39 -13.94 3.35
CA LEU A 84 4.82 -13.06 4.37
C LEU A 84 3.29 -13.05 4.27
N PRO A 85 2.64 -14.04 4.83
CA PRO A 85 1.15 -14.15 4.81
C PRO A 85 0.47 -12.85 5.28
N GLU A 86 1.22 -12.04 6.01
CA GLU A 86 0.69 -10.77 6.52
C GLU A 86 0.47 -9.78 5.38
N LEU A 87 1.51 -9.59 4.57
CA LEU A 87 1.42 -8.67 3.44
C LEU A 87 0.67 -9.31 2.29
N LYS A 88 0.59 -10.63 2.29
CA LYS A 88 -0.11 -11.35 1.24
C LYS A 88 -1.60 -11.06 1.30
N ALA A 89 -2.13 -10.98 2.53
CA ALA A 89 -3.55 -10.70 2.71
C ALA A 89 -3.97 -9.50 1.88
N ASN A 90 -2.99 -8.77 1.34
CA ASN A 90 -3.28 -7.59 0.54
C ASN A 90 -3.74 -7.98 -0.87
N PRO A 91 -4.98 -7.70 -1.25
CA PRO A 91 -5.49 -8.07 -2.61
C PRO A 91 -4.58 -7.57 -3.74
N PHE A 92 -3.63 -6.72 -3.41
CA PHE A 92 -2.71 -6.16 -4.40
C PHE A 92 -1.28 -6.10 -3.86
N LYS A 93 -0.83 -7.20 -3.27
CA LYS A 93 0.52 -7.27 -2.72
C LYS A 93 1.56 -7.05 -3.81
N GLU A 94 1.18 -7.33 -5.05
CA GLU A 94 2.08 -7.16 -6.18
C GLU A 94 2.24 -5.68 -6.54
N ARG A 95 1.14 -4.95 -6.46
CA ARG A 95 1.17 -3.52 -6.78
C ARG A 95 1.81 -2.73 -5.64
N ILE A 96 1.58 -3.17 -4.42
CA ILE A 96 2.14 -2.48 -3.26
C ILE A 96 3.66 -2.57 -3.27
N CYS A 97 4.18 -3.76 -3.57
CA CYS A 97 5.61 -3.97 -3.61
C CYS A 97 6.24 -3.30 -4.83
N ARG A 98 5.64 -3.52 -5.99
CA ARG A 98 6.16 -2.94 -7.23
C ARG A 98 6.15 -1.42 -7.18
N VAL A 99 5.05 -0.85 -6.72
CA VAL A 99 4.90 0.60 -6.62
C VAL A 99 5.87 1.16 -5.58
N PHE A 100 6.04 0.44 -4.48
CA PHE A 100 6.93 0.87 -3.42
C PHE A 100 8.37 0.47 -3.72
N SER A 101 8.54 -0.58 -4.50
CA SER A 101 9.87 -1.05 -4.87
C SER A 101 10.50 -0.12 -5.89
N THR A 102 11.83 0.00 -5.85
CA THR A 102 12.56 0.86 -6.78
C THR A 102 13.57 0.04 -7.57
N SER A 103 13.27 -0.21 -8.84
CA SER A 103 14.16 -0.99 -9.70
C SER A 103 14.01 -0.56 -11.15
N PRO A 104 14.99 -0.86 -11.98
CA PRO A 104 14.96 -0.50 -13.43
C PRO A 104 13.87 -1.25 -14.19
N ALA A 105 13.92 -2.58 -14.13
CA ALA A 105 12.93 -3.42 -14.82
C ALA A 105 11.89 -3.94 -13.84
N LYS A 106 12.01 -3.54 -12.58
CA LYS A 106 11.06 -3.96 -11.55
C LYS A 106 10.98 -5.48 -11.51
N ASP A 107 12.11 -6.15 -11.71
CA ASP A 107 12.16 -7.61 -11.70
C ASP A 107 12.67 -8.11 -10.36
N SER A 108 13.12 -7.19 -9.52
CA SER A 108 13.63 -7.54 -8.18
C SER A 108 13.07 -6.61 -7.12
N LEU A 109 13.06 -7.06 -5.88
CA LEU A 109 12.54 -6.26 -4.76
C LEU A 109 13.64 -6.00 -3.74
N SER A 110 13.24 -5.48 -2.58
CA SER A 110 14.20 -5.19 -1.52
C SER A 110 13.52 -5.24 -0.17
N PHE A 111 14.19 -5.86 0.81
CA PHE A 111 13.63 -5.98 2.15
C PHE A 111 14.02 -4.78 3.00
N GLU A 112 14.81 -3.88 2.42
CA GLU A 112 15.25 -2.69 3.14
C GLU A 112 14.09 -1.75 3.42
N ASP A 113 13.80 -0.86 2.47
CA ASP A 113 12.70 0.08 2.63
C ASP A 113 11.38 -0.65 2.80
N PHE A 114 11.21 -1.73 2.04
CA PHE A 114 9.98 -2.51 2.11
C PHE A 114 9.65 -2.90 3.56
N LEU A 115 10.64 -3.45 4.25
CA LEU A 115 10.45 -3.85 5.64
C LEU A 115 10.14 -2.63 6.50
N ASP A 116 10.73 -1.50 6.16
CA ASP A 116 10.50 -0.28 6.92
C ASP A 116 9.08 0.22 6.70
N LEU A 117 8.54 -0.02 5.51
CA LEU A 117 7.19 0.41 5.19
C LEU A 117 6.19 -0.28 6.10
N LEU A 118 6.39 -1.57 6.34
CA LEU A 118 5.49 -2.33 7.20
C LEU A 118 5.54 -1.79 8.63
N SER A 119 6.75 -1.57 9.12
CA SER A 119 6.93 -1.07 10.48
C SER A 119 6.32 0.32 10.64
N VAL A 120 6.53 1.16 9.64
CA VAL A 120 6.01 2.52 9.66
C VAL A 120 4.49 2.52 9.58
N PHE A 121 3.95 1.71 8.66
CA PHE A 121 2.50 1.63 8.48
C PHE A 121 1.88 0.74 9.54
N SER A 122 2.71 0.14 10.38
CA SER A 122 2.22 -0.74 11.44
C SER A 122 1.78 0.07 12.66
N ASP A 123 2.70 0.89 13.18
CA ASP A 123 2.41 1.72 14.36
C ASP A 123 2.57 3.20 14.04
N THR A 124 3.78 3.60 13.68
CA THR A 124 4.04 4.99 13.34
C THR A 124 2.98 5.53 12.39
N ALA A 125 2.22 4.62 11.79
CA ALA A 125 1.17 5.00 10.84
C ALA A 125 0.36 6.16 11.41
N THR A 126 0.80 7.39 11.14
CA THR A 126 0.10 8.58 11.63
C THR A 126 -0.90 9.09 10.58
N PRO A 127 -1.97 9.72 11.01
CA PRO A 127 -3.00 10.27 10.07
C PRO A 127 -2.37 10.89 8.82
N ASP A 128 -1.29 11.64 9.02
CA ASP A 128 -0.61 12.29 7.90
C ASP A 128 0.07 11.27 7.00
N ILE A 129 1.10 10.62 7.52
CA ILE A 129 1.84 9.63 6.74
C ILE A 129 0.90 8.51 6.29
N LYS A 130 0.14 7.96 7.23
CA LYS A 130 -0.79 6.88 6.91
C LYS A 130 -1.56 7.20 5.64
N SER A 131 -2.21 8.36 5.61
CA SER A 131 -2.98 8.78 4.45
C SER A 131 -2.14 8.66 3.19
N HIS A 132 -1.08 9.46 3.10
CA HIS A 132 -0.20 9.44 1.93
C HIS A 132 0.05 8.01 1.47
N TYR A 133 0.44 7.15 2.40
CA TYR A 133 0.72 5.75 2.08
C TYR A 133 -0.53 5.10 1.48
N ALA A 134 -1.67 5.35 2.09
CA ALA A 134 -2.93 4.78 1.60
C ALA A 134 -3.22 5.28 0.19
N PHE A 135 -3.58 6.57 0.09
CA PHE A 135 -3.89 7.19 -1.21
C PHE A 135 -3.04 6.58 -2.32
N ARG A 136 -1.79 6.25 -2.01
CA ARG A 136 -0.89 5.66 -2.99
C ARG A 136 -1.31 4.23 -3.29
N ILE A 137 -1.54 3.45 -2.24
CA ILE A 137 -1.93 2.05 -2.40
C ILE A 137 -3.38 1.94 -2.86
N PHE A 138 -4.20 2.90 -2.45
CA PHE A 138 -5.61 2.91 -2.83
C PHE A 138 -5.76 3.02 -4.35
N ASP A 139 -5.00 3.93 -4.95
CA ASP A 139 -5.08 4.13 -6.39
C ASP A 139 -4.61 2.89 -7.13
N PHE A 140 -5.56 2.04 -7.50
CA PHE A 140 -5.24 0.81 -8.21
C PHE A 140 -4.47 1.12 -9.49
N ASP A 141 -4.94 2.12 -10.23
CA ASP A 141 -4.29 2.50 -11.49
C ASP A 141 -2.98 3.22 -11.20
N ASP A 142 -2.76 3.56 -9.94
CA ASP A 142 -1.53 4.26 -9.54
C ASP A 142 -1.35 5.53 -10.36
N ASP A 143 -2.46 6.06 -10.88
CA ASP A 143 -2.41 7.29 -11.68
C ASP A 143 -2.47 8.51 -10.78
N GLY A 144 -3.45 8.53 -9.89
CA GLY A 144 -3.62 9.64 -8.95
C GLY A 144 -5.09 9.85 -8.60
N THR A 145 -5.96 9.81 -9.60
CA THR A 145 -7.39 10.00 -9.37
C THR A 145 -8.04 8.67 -9.01
N LEU A 146 -9.24 8.74 -8.45
CA LEU A 146 -9.96 7.52 -8.05
C LEU A 146 -11.38 7.56 -8.63
N ASN A 147 -11.87 6.39 -9.05
CA ASN A 147 -13.21 6.28 -9.62
C ASN A 147 -14.08 5.38 -8.76
N ARG A 148 -15.35 5.26 -9.13
CA ARG A 148 -16.29 4.42 -8.39
C ARG A 148 -15.79 2.98 -8.35
N GLU A 149 -15.11 2.56 -9.42
CA GLU A 149 -14.59 1.20 -9.49
C GLU A 149 -13.51 0.98 -8.44
N ASP A 150 -12.59 1.94 -8.33
CA ASP A 150 -11.51 1.83 -7.36
C ASP A 150 -12.07 1.52 -5.97
N LEU A 151 -13.12 2.23 -5.59
CA LEU A 151 -13.74 2.03 -4.29
C LEU A 151 -14.43 0.67 -4.23
N SER A 152 -15.07 0.28 -5.33
CA SER A 152 -15.77 -1.00 -5.40
C SER A 152 -14.78 -2.16 -5.35
N ARG A 153 -13.50 -1.85 -5.53
CA ARG A 153 -12.45 -2.86 -5.51
C ARG A 153 -11.94 -3.06 -4.08
N LEU A 154 -11.73 -1.97 -3.37
CA LEU A 154 -11.24 -2.05 -1.99
C LEU A 154 -12.29 -2.65 -1.08
N VAL A 155 -13.52 -2.15 -1.19
CA VAL A 155 -14.62 -2.63 -0.36
C VAL A 155 -14.96 -4.07 -0.71
N ASN A 156 -14.88 -4.41 -1.99
CA ASN A 156 -15.20 -5.77 -2.43
C ASN A 156 -14.11 -6.74 -1.99
N CYS A 157 -12.91 -6.54 -2.52
CA CYS A 157 -11.78 -7.40 -2.17
C CYS A 157 -11.77 -7.73 -0.68
N LEU A 158 -11.82 -6.69 0.15
CA LEU A 158 -11.82 -6.87 1.60
C LEU A 158 -13.05 -7.65 2.05
N THR A 159 -14.22 -7.23 1.61
CA THR A 159 -15.47 -7.90 1.99
C THR A 159 -15.29 -9.41 1.89
N GLY A 160 -14.86 -9.89 0.72
CA GLY A 160 -14.65 -11.31 0.52
C GLY A 160 -14.63 -11.65 -0.97
N GLU A 161 -13.53 -11.33 -1.64
CA GLU A 161 -13.42 -11.61 -3.07
C GLU A 161 -13.95 -13.00 -3.39
N GLY A 162 -14.78 -13.10 -4.43
CA GLY A 162 -15.35 -14.38 -4.83
C GLY A 162 -16.65 -14.65 -4.07
N GLU A 163 -17.51 -13.64 -4.00
CA GLU A 163 -18.79 -13.79 -3.30
C GLU A 163 -19.79 -12.76 -3.81
N ASP A 164 -21.08 -13.07 -3.65
CA ASP A 164 -22.14 -12.17 -4.10
C ASP A 164 -22.30 -11.01 -3.12
N THR A 165 -21.57 -11.06 -2.02
CA THR A 165 -21.64 -10.01 -1.01
C THR A 165 -21.34 -8.66 -1.67
N ARG A 166 -21.51 -7.57 -0.89
CA ARG A 166 -21.26 -6.21 -1.39
C ARG A 166 -20.34 -6.19 -2.61
N LEU A 167 -20.93 -6.30 -3.80
CA LEU A 167 -20.15 -6.32 -5.05
C LEU A 167 -20.62 -5.19 -5.97
N SER A 168 -19.83 -4.93 -7.00
CA SER A 168 -20.16 -3.88 -7.95
C SER A 168 -21.41 -4.27 -8.73
N ALA A 169 -22.34 -3.33 -8.84
CA ALA A 169 -23.58 -3.58 -9.57
C ALA A 169 -24.42 -2.31 -9.61
N SER A 170 -25.68 -2.45 -10.02
CA SER A 170 -26.57 -1.31 -10.11
C SER A 170 -26.77 -0.68 -8.73
N GLU A 171 -27.01 -1.52 -7.72
CA GLU A 171 -27.21 -1.05 -6.37
C GLU A 171 -25.95 -0.38 -5.83
N MET A 172 -24.81 -1.02 -6.07
CA MET A 172 -23.54 -0.48 -5.61
C MET A 172 -23.18 0.79 -6.38
N LYS A 173 -23.73 0.92 -7.59
CA LYS A 173 -23.46 2.08 -8.42
C LYS A 173 -24.06 3.33 -7.78
N GLN A 174 -25.33 3.22 -7.39
CA GLN A 174 -26.01 4.35 -6.76
C GLN A 174 -25.47 4.61 -5.37
N LEU A 175 -24.90 3.58 -4.76
CA LEU A 175 -24.34 3.71 -3.42
C LEU A 175 -23.23 4.74 -3.40
N ILE A 176 -22.24 4.55 -4.27
CA ILE A 176 -21.11 5.47 -4.33
C ILE A 176 -21.57 6.86 -4.76
N ASP A 177 -22.46 6.91 -5.75
CA ASP A 177 -22.97 8.18 -6.24
C ASP A 177 -23.59 8.98 -5.10
N ASN A 178 -24.44 8.32 -4.31
CA ASN A 178 -25.10 8.99 -3.20
C ASN A 178 -24.08 9.51 -2.20
N ILE A 179 -23.05 8.71 -1.92
CA ILE A 179 -22.02 9.11 -0.98
C ILE A 179 -21.26 10.33 -1.51
N LEU A 180 -20.96 10.32 -2.80
CA LEU A 180 -20.24 11.42 -3.42
C LEU A 180 -21.05 12.71 -3.35
N GLU A 181 -22.35 12.60 -3.56
CA GLU A 181 -23.22 13.76 -3.52
C GLU A 181 -23.29 14.33 -2.10
N GLU A 182 -23.45 13.44 -1.12
CA GLU A 182 -23.54 13.85 0.27
C GLU A 182 -22.21 14.42 0.75
N SER A 183 -21.11 13.80 0.31
CA SER A 183 -19.77 14.23 0.69
C SER A 183 -19.31 15.39 -0.19
N ASP A 184 -18.84 15.05 -1.39
CA ASP A 184 -18.37 16.07 -2.32
C ASP A 184 -19.54 16.76 -3.01
N ILE A 185 -19.44 18.08 -3.16
CA ILE A 185 -20.51 18.85 -3.81
C ILE A 185 -20.19 19.07 -5.28
N ASP A 186 -18.93 19.41 -5.56
CA ASP A 186 -18.51 19.65 -6.94
C ASP A 186 -18.92 18.48 -7.83
N ARG A 187 -19.37 17.39 -7.21
CA ARG A 187 -19.79 16.20 -7.96
C ARG A 187 -18.87 15.97 -9.17
N ASP A 188 -17.62 16.41 -9.04
CA ASP A 188 -16.64 16.24 -10.11
C ASP A 188 -16.72 14.83 -10.68
N GLY A 189 -17.33 13.92 -9.92
CA GLY A 189 -17.47 12.53 -10.36
C GLY A 189 -16.19 11.76 -10.11
N THR A 190 -15.24 12.40 -9.42
CA THR A 190 -13.96 11.76 -9.11
C THR A 190 -13.43 12.25 -7.77
N ILE A 191 -12.44 11.53 -7.22
CA ILE A 191 -11.84 11.90 -5.94
C ILE A 191 -10.32 11.96 -6.07
N ASN A 192 -9.76 13.14 -5.86
CA ASN A 192 -8.31 13.34 -5.93
C ASN A 192 -7.68 13.13 -4.56
N LEU A 193 -6.40 13.46 -4.44
CA LEU A 193 -5.69 13.29 -3.19
C LEU A 193 -6.34 14.12 -2.07
N SER A 194 -6.53 15.41 -2.34
CA SER A 194 -7.15 16.29 -1.36
C SER A 194 -8.58 15.85 -1.04
N GLU A 195 -9.30 15.45 -2.07
CA GLU A 195 -10.67 14.99 -1.90
C GLU A 195 -10.70 13.62 -1.24
N PHE A 196 -9.62 12.87 -1.40
CA PHE A 196 -9.52 11.54 -0.81
C PHE A 196 -9.40 11.63 0.70
N GLN A 197 -8.45 12.45 1.16
CA GLN A 197 -8.24 12.62 2.60
C GLN A 197 -9.52 13.10 3.27
N HIS A 198 -10.23 14.00 2.60
CA HIS A 198 -11.47 14.53 3.16
C HIS A 198 -12.59 13.50 3.05
N VAL A 199 -13.09 13.29 1.83
CA VAL A 199 -14.16 12.34 1.58
C VAL A 199 -14.04 11.10 2.47
N ILE A 200 -12.80 10.65 2.68
CA ILE A 200 -12.56 9.47 3.51
C ILE A 200 -12.85 9.81 4.98
N SER A 201 -12.36 10.96 5.43
CA SER A 201 -12.57 11.38 6.81
C SER A 201 -13.64 12.46 6.89
N ARG A 202 -14.57 12.42 5.94
CA ARG A 202 -15.66 13.40 5.90
C ARG A 202 -16.97 12.76 6.37
N SER A 203 -17.01 11.43 6.40
CA SER A 203 -18.21 10.72 6.84
C SER A 203 -17.85 9.42 7.59
N PRO A 204 -18.48 9.12 8.72
CA PRO A 204 -18.18 7.89 9.48
C PRO A 204 -18.03 6.65 8.57
N ASP A 205 -18.67 6.69 7.41
CA ASP A 205 -18.61 5.58 6.47
C ASP A 205 -17.18 5.05 6.34
N PHE A 206 -16.48 5.52 5.31
CA PHE A 206 -15.11 5.08 5.09
C PHE A 206 -14.20 5.51 6.25
N ALA A 207 -14.49 6.67 6.80
CA ALA A 207 -13.69 7.18 7.91
C ALA A 207 -13.56 6.12 9.01
N SER A 208 -14.67 5.46 9.32
CA SER A 208 -14.67 4.43 10.35
C SER A 208 -13.83 3.23 9.91
N SER A 209 -13.97 2.86 8.64
CA SER A 209 -13.21 1.73 8.10
C SER A 209 -11.80 2.16 7.72
N PHE A 210 -11.56 3.46 7.71
CA PHE A 210 -10.25 3.99 7.36
C PHE A 210 -9.25 3.69 8.47
N LYS A 211 -9.65 2.85 9.42
CA LYS A 211 -8.77 2.50 10.53
C LYS A 211 -7.41 2.05 10.01
N ILE A 212 -7.36 0.84 9.44
CA ILE A 212 -6.11 0.30 8.90
C ILE A 212 -6.39 -0.45 7.60
N VAL A 213 -5.67 -0.06 6.55
CA VAL A 213 -5.82 -0.69 5.24
C VAL A 213 -4.46 -0.97 4.62
N LEU A 214 -4.39 -2.01 3.81
CA LEU A 214 -3.14 -2.38 3.15
C LEU A 214 -3.40 -3.52 2.16
CA CA B . -7.34 5.34 -10.59
CA CA C . -15.00 15.35 -5.73
N LEU A 31 1.66 17.32 0.13
CA LEU A 31 2.78 16.34 0.20
C LEU A 31 2.73 15.43 -1.03
N SER A 32 3.74 15.55 -1.88
CA SER A 32 3.81 14.74 -3.09
C SER A 32 4.65 13.48 -2.84
N LYS A 33 4.67 12.60 -3.83
CA LYS A 33 5.45 11.36 -3.71
C LYS A 33 6.95 11.66 -3.80
N GLU A 34 7.28 12.92 -3.98
CA GLU A 34 8.67 13.33 -4.08
C GLU A 34 9.34 13.27 -2.70
N LEU A 35 8.92 14.16 -1.81
CA LEU A 35 9.49 14.19 -0.48
C LEU A 35 9.62 12.78 0.08
N LEU A 36 8.63 11.95 -0.19
CA LEU A 36 8.65 10.58 0.30
C LEU A 36 9.86 9.84 -0.24
N ALA A 37 10.13 10.03 -1.53
CA ALA A 37 11.26 9.37 -2.17
C ALA A 37 12.57 9.81 -1.53
N GLU A 38 12.59 11.05 -1.04
CA GLU A 38 13.78 11.58 -0.40
C GLU A 38 14.07 10.84 0.90
N TYR A 39 13.01 10.44 1.59
CA TYR A 39 13.16 9.72 2.86
C TYR A 39 13.49 8.25 2.59
N GLN A 40 12.72 7.63 1.69
CA GLN A 40 12.94 6.22 1.37
C GLN A 40 14.40 5.98 1.02
N ASP A 41 15.07 7.00 0.50
CA ASP A 41 16.48 6.88 0.14
C ASP A 41 17.26 6.17 1.24
N LEU A 42 17.85 6.94 2.13
CA LEU A 42 18.63 6.37 3.25
C LEU A 42 18.21 6.98 4.57
N THR A 43 16.90 7.00 4.81
CA THR A 43 16.36 7.55 6.06
C THR A 43 15.42 6.56 6.71
N PHE A 44 14.74 5.76 5.90
CA PHE A 44 13.80 4.77 6.41
C PHE A 44 14.54 3.50 6.81
N LEU A 45 15.83 3.45 6.52
CA LEU A 45 16.64 2.27 6.85
C LEU A 45 17.48 2.55 8.08
N THR A 46 17.14 1.91 9.19
CA THR A 46 17.88 2.09 10.44
C THR A 46 19.16 1.28 10.41
N LYS A 47 19.60 0.83 11.58
CA LYS A 47 20.83 0.03 11.69
C LYS A 47 20.53 -1.31 12.37
N GLN A 48 19.79 -1.27 13.47
CA GLN A 48 19.45 -2.48 14.19
C GLN A 48 18.44 -3.32 13.41
N GLU A 49 17.47 -2.65 12.81
CA GLU A 49 16.44 -3.34 12.03
C GLU A 49 17.05 -3.97 10.78
N ILE A 50 18.04 -3.29 10.20
CA ILE A 50 18.69 -3.79 9.01
C ILE A 50 19.58 -4.98 9.34
N LEU A 51 20.32 -4.87 10.44
CA LEU A 51 21.20 -5.95 10.85
C LEU A 51 20.39 -7.19 11.22
N LEU A 52 19.35 -6.99 12.02
CA LEU A 52 18.51 -8.10 12.44
C LEU A 52 17.75 -8.68 11.26
N ALA A 53 17.23 -7.80 10.42
CA ALA A 53 16.46 -8.23 9.26
C ALA A 53 17.34 -9.02 8.30
N HIS A 54 18.61 -8.63 8.22
CA HIS A 54 19.55 -9.32 7.35
C HIS A 54 19.74 -10.76 7.79
N ARG A 55 19.82 -10.97 9.09
CA ARG A 55 20.00 -12.31 9.64
C ARG A 55 18.79 -13.19 9.34
N ARG A 56 17.60 -12.61 9.49
CA ARG A 56 16.37 -13.34 9.23
C ARG A 56 16.25 -13.70 7.76
N PHE A 57 16.62 -12.77 6.89
CA PHE A 57 16.55 -13.00 5.45
C PHE A 57 17.72 -13.85 4.98
N CYS A 58 18.72 -13.99 5.83
CA CYS A 58 19.89 -14.79 5.49
C CYS A 58 19.57 -16.27 5.61
N GLU A 59 18.77 -16.62 6.62
CA GLU A 59 18.40 -18.01 6.83
C GLU A 59 17.58 -18.54 5.66
N LEU A 60 16.67 -17.70 5.16
CA LEU A 60 15.84 -18.09 4.04
C LEU A 60 16.65 -18.22 2.78
N LEU A 61 17.80 -17.53 2.74
CA LEU A 61 18.68 -17.57 1.58
C LEU A 61 19.92 -18.43 1.86
N PRO A 62 20.51 -18.97 0.82
CA PRO A 62 21.72 -19.83 0.96
C PRO A 62 22.67 -19.30 2.03
N GLN A 63 22.78 -20.04 3.14
CA GLN A 63 23.65 -19.63 4.22
C GLN A 63 25.05 -19.32 3.70
N GLU A 64 25.38 -19.85 2.53
CA GLU A 64 26.68 -19.63 1.91
C GLU A 64 26.81 -18.19 1.43
N GLN A 65 25.67 -17.59 1.09
CA GLN A 65 25.66 -16.20 0.60
C GLN A 65 25.42 -15.24 1.75
N ARG A 66 25.89 -15.61 2.95
CA ARG A 66 25.71 -14.76 4.12
C ARG A 66 26.57 -13.50 4.00
N SER A 67 27.46 -13.50 3.01
CA SER A 67 28.34 -12.35 2.80
C SER A 67 27.52 -11.06 2.72
N VAL A 68 27.85 -10.11 3.58
CA VAL A 68 27.14 -8.83 3.60
C VAL A 68 27.39 -8.06 2.30
N GLU A 69 28.64 -8.08 1.84
CA GLU A 69 29.00 -7.39 0.62
C GLU A 69 28.14 -7.87 -0.55
N SER A 70 27.51 -9.03 -0.37
CA SER A 70 26.65 -9.59 -1.41
C SER A 70 25.19 -9.27 -1.14
N SER A 71 24.82 -9.21 0.14
CA SER A 71 23.45 -8.91 0.52
C SER A 71 23.11 -7.46 0.17
N LEU A 72 24.02 -6.56 0.48
CA LEU A 72 23.81 -5.15 0.21
C LEU A 72 24.04 -4.85 -1.27
N ARG A 73 24.84 -5.69 -1.92
CA ARG A 73 25.15 -5.51 -3.34
C ARG A 73 24.17 -6.28 -4.21
N ALA A 74 23.41 -7.17 -3.57
CA ALA A 74 22.42 -7.98 -4.30
C ALA A 74 21.02 -7.73 -3.76
N GLN A 75 20.02 -7.90 -4.61
CA GLN A 75 18.63 -7.69 -4.22
C GLN A 75 18.02 -8.98 -3.72
N VAL A 76 16.76 -8.92 -3.30
CA VAL A 76 16.07 -10.10 -2.80
C VAL A 76 15.01 -10.58 -3.80
N PRO A 77 15.00 -11.85 -4.14
CA PRO A 77 13.99 -12.42 -5.09
C PRO A 77 12.57 -11.95 -4.77
N PHE A 78 11.61 -12.45 -5.55
CA PHE A 78 10.20 -12.09 -5.35
C PHE A 78 9.54 -13.04 -4.35
N GLU A 79 9.57 -14.33 -4.66
CA GLU A 79 8.95 -15.32 -3.79
C GLU A 79 9.42 -15.15 -2.35
N GLN A 80 10.73 -14.97 -2.18
CA GLN A 80 11.30 -14.79 -0.85
C GLN A 80 10.40 -13.90 0.02
N ILE A 81 9.85 -12.86 -0.60
CA ILE A 81 8.96 -11.94 0.12
C ILE A 81 7.61 -12.59 0.33
N LEU A 82 7.15 -13.34 -0.65
CA LEU A 82 5.85 -13.99 -0.56
C LEU A 82 5.76 -14.80 0.73
N SER A 83 6.90 -15.04 1.36
CA SER A 83 6.93 -15.81 2.60
C SER A 83 6.39 -14.98 3.75
N LEU A 84 5.56 -13.99 3.44
CA LEU A 84 4.97 -13.11 4.46
C LEU A 84 3.45 -13.06 4.30
N PRO A 85 2.77 -14.06 4.76
CA PRO A 85 1.28 -14.14 4.67
C PRO A 85 0.61 -12.86 5.18
N GLU A 86 1.37 -12.06 5.92
CA GLU A 86 0.84 -10.81 6.47
C GLU A 86 0.62 -9.80 5.35
N LEU A 87 1.64 -9.59 4.54
CA LEU A 87 1.54 -8.63 3.44
C LEU A 87 0.80 -9.26 2.26
N LYS A 88 0.74 -10.58 2.23
CA LYS A 88 0.06 -11.29 1.16
C LYS A 88 -1.44 -11.03 1.22
N ALA A 89 -1.97 -10.97 2.44
CA ALA A 89 -3.40 -10.73 2.62
C ALA A 89 -3.84 -9.52 1.82
N ASN A 90 -2.87 -8.78 1.28
CA ASN A 90 -3.17 -7.59 0.50
C ASN A 90 -3.62 -7.98 -0.92
N PRO A 91 -4.87 -7.70 -1.27
CA PRO A 91 -5.41 -8.04 -2.63
C PRO A 91 -4.52 -7.52 -3.76
N PHE A 92 -3.58 -6.64 -3.42
CA PHE A 92 -2.68 -6.05 -4.42
C PHE A 92 -1.25 -6.01 -3.89
N LYS A 93 -0.80 -7.12 -3.32
CA LYS A 93 0.56 -7.20 -2.78
C LYS A 93 1.58 -6.97 -3.90
N GLU A 94 1.16 -7.21 -5.13
CA GLU A 94 2.05 -7.04 -6.28
C GLU A 94 2.22 -5.57 -6.63
N ARG A 95 1.13 -4.81 -6.53
CA ARG A 95 1.17 -3.39 -6.84
C ARG A 95 1.80 -2.61 -5.69
N ILE A 96 1.54 -3.05 -4.46
CA ILE A 96 2.09 -2.38 -3.29
C ILE A 96 3.60 -2.49 -3.26
N CYS A 97 4.11 -3.67 -3.56
CA CYS A 97 5.54 -3.91 -3.56
C CYS A 97 6.20 -3.25 -4.77
N ARG A 98 5.60 -3.45 -5.94
CA ARG A 98 6.15 -2.88 -7.17
C ARG A 98 6.17 -1.35 -7.10
N VAL A 99 5.06 -0.77 -6.65
CA VAL A 99 4.95 0.67 -6.54
C VAL A 99 5.91 1.22 -5.48
N PHE A 100 6.04 0.47 -4.39
CA PHE A 100 6.92 0.89 -3.30
C PHE A 100 8.36 0.50 -3.59
N SER A 101 8.54 -0.57 -4.36
CA SER A 101 9.87 -1.04 -4.71
C SER A 101 10.52 -0.11 -5.73
N THR A 102 11.85 -0.03 -5.70
CA THR A 102 12.58 0.82 -6.63
C THR A 102 13.59 -0.01 -7.42
N SER A 103 13.32 -0.19 -8.71
CA SER A 103 14.20 -0.97 -9.56
C SER A 103 14.07 -0.51 -11.02
N PRO A 104 15.05 -0.83 -11.83
CA PRO A 104 15.05 -0.46 -13.28
C PRO A 104 13.95 -1.19 -14.05
N ALA A 105 14.00 -2.52 -14.02
CA ALA A 105 13.01 -3.34 -14.73
C ALA A 105 11.96 -3.86 -13.76
N LYS A 106 12.08 -3.46 -12.50
CA LYS A 106 11.13 -3.90 -11.48
C LYS A 106 11.06 -5.41 -11.43
N ASP A 107 12.19 -6.08 -11.65
CA ASP A 107 12.24 -7.54 -11.64
C ASP A 107 12.77 -8.05 -10.31
N SER A 108 13.21 -7.12 -9.46
CA SER A 108 13.74 -7.48 -8.14
C SER A 108 13.18 -6.55 -7.07
N LEU A 109 13.18 -7.03 -5.83
CA LEU A 109 12.67 -6.22 -4.71
C LEU A 109 13.77 -5.98 -3.69
N SER A 110 13.38 -5.45 -2.53
CA SER A 110 14.35 -5.16 -1.47
C SER A 110 13.67 -5.23 -0.12
N PHE A 111 14.34 -5.86 0.85
CA PHE A 111 13.79 -5.98 2.20
C PHE A 111 14.16 -4.76 3.04
N GLU A 112 14.89 -3.82 2.43
CA GLU A 112 15.30 -2.61 3.15
C GLU A 112 14.09 -1.73 3.46
N ASP A 113 13.77 -0.83 2.53
CA ASP A 113 12.65 0.07 2.73
C ASP A 113 11.35 -0.71 2.87
N PHE A 114 11.23 -1.81 2.13
CA PHE A 114 10.03 -2.63 2.19
C PHE A 114 9.73 -3.05 3.61
N LEU A 115 10.72 -3.63 4.28
CA LEU A 115 10.54 -4.07 5.65
C LEU A 115 10.21 -2.89 6.55
N ASP A 116 10.76 -1.73 6.22
CA ASP A 116 10.52 -0.54 7.02
C ASP A 116 9.08 -0.06 6.83
N LEU A 117 8.52 -0.36 5.67
CA LEU A 117 7.16 0.05 5.36
C LEU A 117 6.19 -0.62 6.33
N LEU A 118 6.33 -1.93 6.47
CA LEU A 118 5.45 -2.67 7.37
C LEU A 118 5.61 -2.19 8.80
N SER A 119 6.86 -1.97 9.21
CA SER A 119 7.14 -1.51 10.57
C SER A 119 6.52 -0.16 10.83
N VAL A 120 6.67 0.75 9.88
CA VAL A 120 6.12 2.10 10.02
C VAL A 120 4.59 2.06 9.97
N PHE A 121 4.06 1.32 9.00
CA PHE A 121 2.61 1.22 8.85
C PHE A 121 2.02 0.25 9.88
N SER A 122 2.88 -0.33 10.70
CA SER A 122 2.45 -1.27 11.72
C SER A 122 2.09 -0.54 13.00
N ASP A 123 2.97 0.38 13.43
CA ASP A 123 2.74 1.14 14.66
C ASP A 123 2.84 2.64 14.39
N THR A 124 4.05 3.10 14.08
CA THR A 124 4.25 4.52 13.81
C THR A 124 3.24 5.03 12.80
N ALA A 125 2.50 4.11 12.18
CA ALA A 125 1.49 4.48 11.20
C ALA A 125 0.71 5.71 11.66
N THR A 126 1.18 6.89 11.27
CA THR A 126 0.52 8.13 11.67
C THR A 126 -0.48 8.55 10.58
N PRO A 127 -1.52 9.26 10.96
CA PRO A 127 -2.56 9.74 10.02
C PRO A 127 -1.96 10.21 8.69
N ASP A 128 -1.04 11.17 8.78
CA ASP A 128 -0.40 11.71 7.58
C ASP A 128 0.21 10.60 6.74
N ILE A 129 1.09 9.83 7.35
CA ILE A 129 1.75 8.72 6.64
C ILE A 129 0.74 7.64 6.30
N LYS A 130 -0.34 7.58 7.06
CA LYS A 130 -1.37 6.57 6.81
C LYS A 130 -2.08 6.83 5.48
N SER A 131 -2.54 8.06 5.30
CA SER A 131 -3.23 8.42 4.06
C SER A 131 -2.27 8.42 2.89
N HIS A 132 -1.17 9.17 3.02
CA HIS A 132 -0.17 9.25 1.95
C HIS A 132 0.04 7.88 1.30
N TYR A 133 0.41 6.90 2.11
CA TYR A 133 0.64 5.56 1.60
C TYR A 133 -0.65 4.97 1.04
N ALA A 134 -1.76 5.23 1.73
CA ALA A 134 -3.05 4.73 1.28
C ALA A 134 -3.37 5.23 -0.11
N PHE A 135 -3.72 6.51 -0.22
CA PHE A 135 -4.04 7.12 -1.51
C PHE A 135 -3.18 6.52 -2.63
N ARG A 136 -1.91 6.29 -2.31
CA ARG A 136 -0.99 5.72 -3.30
C ARG A 136 -1.36 4.27 -3.61
N ILE A 137 -1.65 3.49 -2.56
CA ILE A 137 -2.02 2.10 -2.74
C ILE A 137 -3.45 1.97 -3.25
N PHE A 138 -4.31 2.88 -2.83
CA PHE A 138 -5.70 2.86 -3.25
C PHE A 138 -5.80 2.95 -4.76
N ASP A 139 -5.02 3.85 -5.35
CA ASP A 139 -5.06 4.03 -6.80
C ASP A 139 -4.62 2.74 -7.50
N PHE A 140 -5.59 1.91 -7.83
CA PHE A 140 -5.31 0.65 -8.51
C PHE A 140 -4.61 0.91 -9.84
N ASP A 141 -5.14 1.87 -10.62
CA ASP A 141 -4.56 2.20 -11.90
C ASP A 141 -3.24 2.94 -11.72
N ASP A 142 -2.92 3.27 -10.48
CA ASP A 142 -1.69 3.99 -10.18
C ASP A 142 -1.59 5.27 -11.00
N ASP A 143 -2.73 5.73 -11.49
CA ASP A 143 -2.77 6.96 -12.29
C ASP A 143 -2.82 8.19 -11.38
N GLY A 144 -3.79 8.20 -10.47
CA GLY A 144 -3.94 9.30 -9.53
C GLY A 144 -5.41 9.52 -9.16
N THR A 145 -6.28 9.50 -10.17
CA THR A 145 -7.70 9.70 -9.92
C THR A 145 -8.33 8.43 -9.38
N LEU A 146 -9.47 8.58 -8.70
CA LEU A 146 -10.17 7.43 -8.13
C LEU A 146 -11.64 7.47 -8.51
N ASN A 147 -12.22 6.30 -8.74
CA ASN A 147 -13.63 6.19 -9.13
C ASN A 147 -14.25 4.94 -8.53
N ARG A 148 -15.55 4.78 -8.74
CA ARG A 148 -16.27 3.62 -8.22
C ARG A 148 -15.50 2.33 -8.51
N GLU A 149 -14.53 2.43 -9.42
CA GLU A 149 -13.73 1.26 -9.79
C GLU A 149 -12.79 0.89 -8.66
N ASP A 150 -11.90 1.81 -8.29
CA ASP A 150 -10.94 1.57 -7.23
C ASP A 150 -11.67 1.23 -5.93
N LEU A 151 -12.73 1.99 -5.63
CA LEU A 151 -13.50 1.77 -4.41
C LEU A 151 -14.17 0.39 -4.45
N SER A 152 -14.76 0.06 -5.58
CA SER A 152 -15.43 -1.23 -5.73
C SER A 152 -14.43 -2.38 -5.63
N ARG A 153 -13.16 -2.05 -5.78
CA ARG A 153 -12.09 -3.05 -5.70
C ARG A 153 -11.63 -3.24 -4.27
N LEU A 154 -11.62 -2.15 -3.51
CA LEU A 154 -11.19 -2.21 -2.12
C LEU A 154 -12.29 -2.80 -1.23
N VAL A 155 -13.50 -2.30 -1.41
CA VAL A 155 -14.63 -2.77 -0.61
C VAL A 155 -14.95 -4.22 -0.94
N ASN A 156 -14.84 -4.57 -2.23
CA ASN A 156 -15.12 -5.94 -2.66
C ASN A 156 -14.04 -6.89 -2.16
N CYS A 157 -12.81 -6.69 -2.64
CA CYS A 157 -11.70 -7.54 -2.24
C CYS A 157 -11.74 -7.83 -0.74
N LEU A 158 -11.78 -6.76 0.06
CA LEU A 158 -11.82 -6.90 1.51
C LEU A 158 -13.06 -7.67 1.94
N THR A 159 -14.22 -7.21 1.49
CA THR A 159 -15.48 -7.87 1.84
C THR A 159 -15.32 -9.38 1.77
N GLY A 160 -14.90 -9.88 0.62
CA GLY A 160 -14.72 -11.32 0.44
C GLY A 160 -14.72 -11.68 -1.03
N GLU A 161 -13.60 -11.39 -1.71
CA GLU A 161 -13.48 -11.71 -3.13
C GLU A 161 -14.05 -13.09 -3.43
N GLY A 162 -14.92 -13.16 -4.44
CA GLY A 162 -15.54 -14.43 -4.82
C GLY A 162 -16.81 -14.66 -4.03
N GLU A 163 -17.67 -13.64 -3.95
CA GLU A 163 -18.92 -13.76 -3.22
C GLU A 163 -19.93 -12.72 -3.72
N ASP A 164 -21.21 -13.01 -3.51
CA ASP A 164 -22.26 -12.09 -3.95
C ASP A 164 -22.41 -10.93 -2.98
N THR A 165 -21.64 -10.98 -1.88
CA THR A 165 -21.69 -9.92 -0.88
C THR A 165 -21.40 -8.59 -1.54
N ARG A 166 -21.57 -7.50 -0.77
CA ARG A 166 -21.33 -6.14 -1.27
C ARG A 166 -20.43 -6.16 -2.49
N LEU A 167 -21.04 -6.22 -3.67
CA LEU A 167 -20.29 -6.26 -4.92
C LEU A 167 -20.72 -5.13 -5.85
N SER A 168 -19.92 -4.87 -6.87
CA SER A 168 -20.23 -3.82 -7.83
C SER A 168 -21.55 -4.12 -8.53
N ALA A 169 -22.44 -3.14 -8.55
CA ALA A 169 -23.73 -3.31 -9.20
C ALA A 169 -24.48 -1.98 -9.22
N SER A 170 -25.75 -2.03 -9.61
CA SER A 170 -26.58 -0.83 -9.68
C SER A 170 -26.72 -0.20 -8.30
N GLU A 171 -26.95 -1.04 -7.29
CA GLU A 171 -27.10 -0.55 -5.93
C GLU A 171 -25.81 0.10 -5.44
N MET A 172 -24.69 -0.55 -5.73
CA MET A 172 -23.39 -0.03 -5.32
C MET A 172 -23.07 1.26 -6.06
N LYS A 173 -23.65 1.42 -7.25
CA LYS A 173 -23.43 2.62 -8.05
C LYS A 173 -24.04 3.84 -7.37
N GLN A 174 -25.29 3.70 -6.94
CA GLN A 174 -25.98 4.80 -6.28
C GLN A 174 -25.43 5.01 -4.88
N LEU A 175 -24.77 3.99 -4.35
CA LEU A 175 -24.21 4.07 -3.02
C LEU A 175 -23.09 5.11 -2.96
N ILE A 176 -22.11 4.97 -3.85
CA ILE A 176 -20.99 5.89 -3.88
C ILE A 176 -21.45 7.28 -4.29
N ASP A 177 -22.32 7.33 -5.29
CA ASP A 177 -22.84 8.61 -5.77
C ASP A 177 -23.56 9.35 -4.65
N ASN A 178 -24.43 8.64 -3.95
CA ASN A 178 -25.19 9.24 -2.85
C ASN A 178 -24.24 9.85 -1.82
N ILE A 179 -23.18 9.12 -1.50
CA ILE A 179 -22.21 9.61 -0.52
C ILE A 179 -21.52 10.87 -1.03
N LEU A 180 -21.19 10.87 -2.32
CA LEU A 180 -20.53 12.02 -2.92
C LEU A 180 -21.43 13.24 -2.87
N GLU A 181 -22.70 13.05 -3.18
CA GLU A 181 -23.65 14.15 -3.17
C GLU A 181 -23.63 14.87 -1.83
N GLU A 182 -23.65 14.10 -0.75
CA GLU A 182 -23.63 14.66 0.60
C GLU A 182 -22.24 15.17 0.95
N SER A 183 -21.22 14.47 0.46
CA SER A 183 -19.83 14.86 0.74
C SER A 183 -19.36 15.92 -0.25
N ASP A 184 -19.01 15.47 -1.46
CA ASP A 184 -18.54 16.41 -2.49
C ASP A 184 -19.72 17.09 -3.18
N ILE A 185 -19.61 18.40 -3.34
CA ILE A 185 -20.68 19.18 -3.99
C ILE A 185 -20.35 19.38 -5.46
N ASP A 186 -19.09 19.68 -5.75
CA ASP A 186 -18.67 19.90 -7.13
C ASP A 186 -19.12 18.75 -8.02
N ARG A 187 -19.61 17.69 -7.40
CA ARG A 187 -20.08 16.51 -8.15
C ARG A 187 -19.17 16.25 -9.35
N ASP A 188 -17.91 16.65 -9.23
CA ASP A 188 -16.95 16.46 -10.31
C ASP A 188 -17.06 15.05 -10.87
N GLY A 189 -17.68 14.16 -10.11
CA GLY A 189 -17.86 12.78 -10.54
C GLY A 189 -16.57 11.99 -10.36
N THR A 190 -15.61 12.58 -9.64
CA THR A 190 -14.33 11.93 -9.39
C THR A 190 -13.79 12.33 -8.02
N ILE A 191 -12.80 11.58 -7.54
CA ILE A 191 -12.19 11.86 -6.24
C ILE A 191 -10.68 11.93 -6.37
N ASN A 192 -10.12 13.11 -6.08
CA ASN A 192 -8.68 13.31 -6.16
C ASN A 192 -8.03 13.07 -4.80
N LEU A 193 -6.77 13.43 -4.68
CA LEU A 193 -6.04 13.23 -3.43
C LEU A 193 -6.70 14.02 -2.30
N SER A 194 -6.90 15.31 -2.52
CA SER A 194 -7.50 16.17 -1.51
C SER A 194 -8.92 15.69 -1.20
N GLU A 195 -9.65 15.31 -2.24
CA GLU A 195 -11.02 14.83 -2.06
C GLU A 195 -11.02 13.44 -1.45
N PHE A 196 -9.96 12.68 -1.70
CA PHE A 196 -9.87 11.33 -1.18
C PHE A 196 -9.71 11.35 0.34
N GLN A 197 -8.73 12.10 0.83
CA GLN A 197 -8.49 12.19 2.26
C GLN A 197 -9.73 12.72 2.99
N HIS A 198 -10.42 13.66 2.35
CA HIS A 198 -11.62 14.23 2.94
C HIS A 198 -12.80 13.27 2.83
N VAL A 199 -13.36 13.16 1.62
CA VAL A 199 -14.50 12.27 1.39
C VAL A 199 -14.39 11.01 2.23
N ILE A 200 -13.16 10.51 2.39
CA ILE A 200 -12.95 9.31 3.17
C ILE A 200 -13.15 9.59 4.65
N SER A 201 -12.60 10.70 5.12
CA SER A 201 -12.71 11.08 6.54
C SER A 201 -13.78 12.15 6.71
N ARG A 202 -14.65 12.29 5.71
CA ARG A 202 -15.71 13.28 5.77
C ARG A 202 -17.01 12.63 6.20
N SER A 203 -17.05 11.30 6.20
CA SER A 203 -18.24 10.59 6.62
C SER A 203 -17.87 9.27 7.33
N PRO A 204 -18.50 8.97 8.45
CA PRO A 204 -18.22 7.71 9.20
C PRO A 204 -18.12 6.49 8.27
N ASP A 205 -18.69 6.62 7.08
CA ASP A 205 -18.66 5.52 6.12
C ASP A 205 -17.27 4.90 6.01
N PHE A 206 -16.53 5.32 5.00
CA PHE A 206 -15.18 4.82 4.80
C PHE A 206 -14.26 5.21 5.96
N ALA A 207 -14.52 6.38 6.53
CA ALA A 207 -13.70 6.86 7.64
C ALA A 207 -13.54 5.76 8.70
N SER A 208 -14.64 5.07 9.00
CA SER A 208 -14.60 4.02 9.99
C SER A 208 -13.69 2.88 9.54
N SER A 209 -13.81 2.50 8.28
CA SER A 209 -12.99 1.44 7.72
C SER A 209 -11.59 1.96 7.39
N PHE A 210 -11.46 3.27 7.31
CA PHE A 210 -10.17 3.88 7.00
C PHE A 210 -9.20 3.71 8.17
N LYS A 211 -9.59 2.88 9.13
CA LYS A 211 -8.74 2.64 10.29
C LYS A 211 -7.36 2.16 9.86
N ILE A 212 -7.30 0.92 9.37
CA ILE A 212 -6.03 0.33 8.91
C ILE A 212 -6.24 -0.43 7.62
N VAL A 213 -5.47 -0.06 6.60
CA VAL A 213 -5.56 -0.72 5.30
C VAL A 213 -4.17 -1.09 4.79
N LEU A 214 -4.10 -2.21 4.08
CA LEU A 214 -2.82 -2.66 3.53
C LEU A 214 -3.04 -3.88 2.63
CA CA B . -7.46 4.98 -10.76
CA CA C . -15.38 15.44 -5.93
N LEU A 31 1.52 16.72 -0.31
CA LEU A 31 2.71 15.84 -0.20
C LEU A 31 2.76 14.88 -1.38
N SER A 32 3.80 14.99 -2.20
CA SER A 32 3.96 14.13 -3.37
C SER A 32 4.83 12.92 -3.03
N LYS A 33 5.12 12.12 -4.05
CA LYS A 33 5.95 10.93 -3.86
C LYS A 33 7.42 11.31 -3.78
N GLU A 34 7.70 12.61 -3.81
CA GLU A 34 9.07 13.09 -3.74
C GLU A 34 9.61 12.97 -2.32
N LEU A 35 9.08 13.79 -1.42
CA LEU A 35 9.52 13.76 -0.03
C LEU A 35 9.61 12.32 0.46
N LEU A 36 8.66 11.50 0.06
CA LEU A 36 8.64 10.11 0.48
C LEU A 36 9.89 9.40 0.01
N ALA A 37 10.26 9.63 -1.25
CA ALA A 37 11.45 9.00 -1.82
C ALA A 37 12.70 9.46 -1.09
N GLU A 38 12.65 10.67 -0.53
CA GLU A 38 13.79 11.21 0.20
C GLU A 38 14.02 10.44 1.49
N TYR A 39 12.94 10.05 2.15
CA TYR A 39 13.03 9.30 3.40
C TYR A 39 13.45 7.86 3.12
N GLN A 40 13.03 7.33 1.98
CA GLN A 40 13.36 5.97 1.60
C GLN A 40 14.85 5.83 1.34
N ASP A 41 15.48 6.94 0.95
CA ASP A 41 16.91 6.93 0.67
C ASP A 41 17.67 6.22 1.78
N LEU A 42 18.28 6.99 2.68
CA LEU A 42 19.04 6.42 3.78
C LEU A 42 18.64 7.06 5.10
N THR A 43 17.33 7.11 5.36
CA THR A 43 16.80 7.69 6.59
C THR A 43 15.92 6.68 7.33
N PHE A 44 15.08 5.98 6.59
CA PHE A 44 14.19 4.99 7.19
C PHE A 44 14.95 3.69 7.46
N LEU A 45 16.23 3.66 7.10
CA LEU A 45 17.05 2.47 7.31
C LEU A 45 17.93 2.66 8.54
N THR A 46 17.56 2.00 9.64
CA THR A 46 18.34 2.10 10.87
C THR A 46 19.54 1.17 10.81
N LYS A 47 19.97 0.69 11.98
CA LYS A 47 21.12 -0.22 12.07
C LYS A 47 20.71 -1.53 12.74
N GLN A 48 19.97 -1.42 13.84
CA GLN A 48 19.52 -2.61 14.56
C GLN A 48 18.45 -3.35 13.76
N GLU A 49 17.52 -2.60 13.19
CA GLU A 49 16.45 -3.21 12.40
C GLU A 49 17.01 -3.87 11.15
N ILE A 50 17.99 -3.22 10.53
CA ILE A 50 18.61 -3.76 9.33
C ILE A 50 19.42 -5.00 9.64
N LEU A 51 20.15 -4.94 10.75
CA LEU A 51 20.99 -6.07 11.15
C LEU A 51 20.12 -7.28 11.47
N LEU A 52 19.03 -7.05 12.19
CA LEU A 52 18.15 -8.14 12.56
C LEU A 52 17.39 -8.65 11.35
N ALA A 53 16.89 -7.73 10.55
CA ALA A 53 16.13 -8.08 9.37
C ALA A 53 17.00 -8.86 8.38
N HIS A 54 18.25 -8.43 8.25
CA HIS A 54 19.18 -9.10 7.36
C HIS A 54 19.33 -10.56 7.73
N ARG A 55 19.47 -10.83 9.03
CA ARG A 55 19.62 -12.19 9.50
C ARG A 55 18.40 -13.03 9.16
N ARG A 56 17.22 -12.41 9.23
CA ARG A 56 15.98 -13.10 8.92
C ARG A 56 15.92 -13.47 7.45
N PHE A 57 16.34 -12.54 6.60
CA PHE A 57 16.33 -12.78 5.16
C PHE A 57 17.49 -13.68 4.75
N CYS A 58 18.46 -13.82 5.65
CA CYS A 58 19.62 -14.66 5.37
C CYS A 58 19.25 -16.13 5.48
N GLU A 59 18.44 -16.46 6.47
CA GLU A 59 18.02 -17.85 6.68
C GLU A 59 17.26 -18.36 5.46
N LEU A 60 16.43 -17.49 4.88
CA LEU A 60 15.66 -17.87 3.70
C LEU A 60 16.56 -18.05 2.50
N LEU A 61 17.74 -17.42 2.54
CA LEU A 61 18.69 -17.52 1.44
C LEU A 61 19.86 -18.42 1.82
N PRO A 62 20.50 -19.02 0.85
CA PRO A 62 21.66 -19.92 1.08
C PRO A 62 22.58 -19.40 2.20
N GLN A 63 22.75 -20.21 3.23
CA GLN A 63 23.60 -19.82 4.35
C GLN A 63 25.04 -19.57 3.87
N GLU A 64 25.39 -20.18 2.75
CA GLU A 64 26.73 -20.00 2.20
C GLU A 64 26.94 -18.58 1.70
N GLN A 65 25.84 -17.92 1.33
CA GLN A 65 25.91 -16.55 0.83
C GLN A 65 25.64 -15.57 1.96
N ARG A 66 26.09 -15.91 3.16
CA ARG A 66 25.89 -15.03 4.31
C ARG A 66 26.76 -13.78 4.19
N SER A 67 27.68 -13.80 3.24
CA SER A 67 28.57 -12.66 3.04
C SER A 67 27.77 -11.37 2.92
N VAL A 68 28.11 -10.40 3.76
CA VAL A 68 27.41 -9.11 3.74
C VAL A 68 27.67 -8.38 2.43
N GLU A 69 28.92 -8.41 1.98
CA GLU A 69 29.29 -7.74 0.74
C GLU A 69 28.43 -8.25 -0.42
N SER A 70 27.84 -9.43 -0.24
CA SER A 70 27.00 -10.03 -1.27
C SER A 70 25.54 -9.71 -1.01
N SER A 71 25.17 -9.62 0.26
CA SER A 71 23.79 -9.32 0.63
C SER A 71 23.44 -7.89 0.24
N LEU A 72 24.34 -6.96 0.53
CA LEU A 72 24.11 -5.56 0.21
C LEU A 72 24.35 -5.30 -1.28
N ARG A 73 25.15 -6.15 -1.90
CA ARG A 73 25.47 -5.99 -3.31
C ARG A 73 24.50 -6.79 -4.16
N ALA A 74 23.74 -7.68 -3.53
CA ALA A 74 22.76 -8.51 -4.24
C ALA A 74 21.36 -8.22 -3.72
N GLN A 75 20.37 -8.40 -4.60
CA GLN A 75 18.98 -8.16 -4.23
C GLN A 75 18.33 -9.44 -3.73
N VAL A 76 17.05 -9.35 -3.36
CA VAL A 76 16.34 -10.50 -2.86
C VAL A 76 15.25 -10.95 -3.85
N PRO A 77 15.25 -12.20 -4.26
CA PRO A 77 14.23 -12.73 -5.21
C PRO A 77 12.81 -12.28 -4.86
N PHE A 78 11.94 -12.29 -5.85
CA PHE A 78 10.55 -11.88 -5.65
C PHE A 78 9.84 -12.85 -4.72
N GLU A 79 9.84 -14.13 -5.08
CA GLU A 79 9.18 -15.15 -4.28
C GLU A 79 9.65 -15.07 -2.83
N GLN A 80 10.95 -14.93 -2.63
CA GLN A 80 11.51 -14.85 -1.29
C GLN A 80 10.68 -13.92 -0.42
N ILE A 81 10.20 -12.83 -1.02
CA ILE A 81 9.41 -11.86 -0.28
C ILE A 81 8.04 -12.43 0.04
N LEU A 82 7.45 -13.13 -0.92
CA LEU A 82 6.14 -13.72 -0.73
C LEU A 82 6.13 -14.60 0.51
N SER A 83 7.31 -14.85 1.07
CA SER A 83 7.41 -15.69 2.25
C SER A 83 6.90 -14.94 3.48
N LEU A 84 6.09 -13.91 3.25
CA LEU A 84 5.52 -13.11 4.35
C LEU A 84 4.00 -13.09 4.25
N PRO A 85 3.35 -14.12 4.72
CA PRO A 85 1.86 -14.22 4.69
C PRO A 85 1.18 -12.98 5.26
N GLU A 86 1.93 -12.23 6.09
CA GLU A 86 1.40 -11.03 6.71
C GLU A 86 0.96 -10.03 5.66
N LEU A 87 1.92 -9.52 4.89
CA LEU A 87 1.63 -8.54 3.85
C LEU A 87 0.93 -9.19 2.67
N LYS A 88 0.93 -10.52 2.66
CA LYS A 88 0.29 -11.26 1.58
C LYS A 88 -1.22 -11.08 1.64
N ALA A 89 -1.76 -11.05 2.86
CA ALA A 89 -3.19 -10.89 3.05
C ALA A 89 -3.71 -9.72 2.24
N ASN A 90 -2.79 -8.93 1.68
CA ASN A 90 -3.16 -7.77 0.89
C ASN A 90 -3.55 -8.20 -0.53
N PRO A 91 -4.80 -8.04 -0.91
CA PRO A 91 -5.29 -8.43 -2.27
C PRO A 91 -4.47 -7.76 -3.39
N PHE A 92 -3.64 -6.80 -3.01
CA PHE A 92 -2.82 -6.08 -3.99
C PHE A 92 -1.36 -6.03 -3.54
N LYS A 93 -0.86 -7.17 -3.06
CA LYS A 93 0.52 -7.25 -2.62
C LYS A 93 1.48 -7.05 -3.78
N GLU A 94 0.98 -7.24 -5.00
CA GLU A 94 1.80 -7.08 -6.19
C GLU A 94 1.97 -5.61 -6.54
N ARG A 95 0.88 -4.85 -6.45
CA ARG A 95 0.92 -3.43 -6.75
C ARG A 95 1.49 -2.64 -5.59
N ILE A 96 1.22 -3.10 -4.37
CA ILE A 96 1.72 -2.42 -3.18
C ILE A 96 3.24 -2.51 -3.11
N CYS A 97 3.77 -3.69 -3.39
CA CYS A 97 5.21 -3.89 -3.35
C CYS A 97 5.88 -3.25 -4.55
N ARG A 98 5.30 -3.43 -5.72
CA ARG A 98 5.87 -2.87 -6.95
C ARG A 98 5.86 -1.34 -6.89
N VAL A 99 4.77 -0.77 -6.42
CA VAL A 99 4.65 0.68 -6.31
C VAL A 99 5.58 1.22 -5.23
N PHE A 100 5.72 0.48 -4.15
CA PHE A 100 6.58 0.88 -3.04
C PHE A 100 8.03 0.51 -3.32
N SER A 101 8.22 -0.56 -4.09
CA SER A 101 9.57 -1.01 -4.41
C SER A 101 10.17 -0.15 -5.51
N THR A 102 11.49 -0.09 -5.56
CA THR A 102 12.20 0.71 -6.58
C THR A 102 13.23 -0.14 -7.29
N SER A 103 13.04 -0.30 -8.59
CA SER A 103 13.97 -1.09 -9.39
C SER A 103 13.89 -0.70 -10.87
N PRO A 104 14.88 -1.03 -11.63
CA PRO A 104 14.93 -0.72 -13.09
C PRO A 104 13.86 -1.50 -13.87
N ALA A 105 13.95 -2.82 -13.83
CA ALA A 105 12.99 -3.68 -14.53
C ALA A 105 11.95 -4.21 -13.57
N LYS A 106 12.03 -3.79 -12.31
CA LYS A 106 11.09 -4.23 -11.30
C LYS A 106 11.03 -5.76 -11.24
N ASP A 107 12.17 -6.39 -11.44
CA ASP A 107 12.26 -7.85 -11.41
C ASP A 107 12.89 -8.33 -10.11
N SER A 108 13.35 -7.38 -9.29
CA SER A 108 13.97 -7.70 -8.01
C SER A 108 13.43 -6.81 -6.91
N LEU A 109 13.51 -7.29 -5.67
CA LEU A 109 13.02 -6.53 -4.52
C LEU A 109 14.05 -6.51 -3.41
N SER A 110 14.31 -5.31 -2.88
CA SER A 110 15.28 -5.16 -1.80
C SER A 110 14.60 -5.25 -0.45
N PHE A 111 15.27 -5.89 0.50
CA PHE A 111 14.72 -6.05 1.85
C PHE A 111 14.76 -4.72 2.60
N GLU A 112 15.56 -3.78 2.09
CA GLU A 112 15.68 -2.48 2.74
C GLU A 112 14.38 -1.70 2.60
N ASP A 113 14.02 -1.34 1.37
CA ASP A 113 12.80 -0.59 1.11
C ASP A 113 11.59 -1.38 1.59
N PHE A 114 11.59 -2.68 1.32
CA PHE A 114 10.47 -3.54 1.72
C PHE A 114 10.29 -3.48 3.23
N LEU A 115 11.39 -3.53 3.96
CA LEU A 115 11.32 -3.50 5.42
C LEU A 115 10.69 -2.19 5.89
N ASP A 116 11.01 -1.10 5.20
CA ASP A 116 10.48 0.20 5.58
C ASP A 116 8.97 0.21 5.46
N LEU A 117 8.46 -0.43 4.40
CA LEU A 117 7.02 -0.48 4.19
C LEU A 117 6.33 -1.14 5.37
N LEU A 118 6.87 -2.28 5.80
CA LEU A 118 6.28 -2.99 6.92
C LEU A 118 6.29 -2.14 8.18
N SER A 119 7.40 -1.45 8.42
CA SER A 119 7.54 -0.61 9.59
C SER A 119 6.43 0.45 9.62
N VAL A 120 6.17 1.05 8.47
CA VAL A 120 5.15 2.07 8.37
C VAL A 120 3.78 1.50 8.72
N PHE A 121 3.46 0.35 8.12
CA PHE A 121 2.17 -0.29 8.38
C PHE A 121 2.16 -0.95 9.75
N SER A 122 3.30 -0.90 10.43
CA SER A 122 3.42 -1.51 11.75
C SER A 122 2.74 -0.63 12.79
N ASP A 123 3.36 0.51 13.10
CA ASP A 123 2.80 1.43 14.10
C ASP A 123 2.99 2.87 13.66
N THR A 124 4.19 3.18 13.16
CA THR A 124 4.48 4.54 12.72
C THR A 124 3.36 5.07 11.83
N ALA A 125 2.48 4.18 11.39
CA ALA A 125 1.36 4.57 10.54
C ALA A 125 0.62 5.75 11.13
N THR A 126 1.11 6.96 10.86
CA THR A 126 0.48 8.16 11.39
C THR A 126 -0.59 8.67 10.42
N PRO A 127 -1.61 9.32 10.93
CA PRO A 127 -2.71 9.86 10.08
C PRO A 127 -2.18 10.48 8.78
N ASP A 128 -1.06 11.17 8.86
CA ASP A 128 -0.47 11.80 7.69
C ASP A 128 0.03 10.76 6.70
N ILE A 129 1.07 10.03 7.11
CA ILE A 129 1.64 9.00 6.25
C ILE A 129 0.59 7.96 5.88
N LYS A 130 -0.19 7.54 6.87
CA LYS A 130 -1.24 6.56 6.63
C LYS A 130 -2.01 6.88 5.37
N SER A 131 -2.67 8.03 5.35
CA SER A 131 -3.44 8.45 4.19
C SER A 131 -2.60 8.34 2.93
N HIS A 132 -1.53 9.14 2.86
CA HIS A 132 -0.65 9.13 1.69
C HIS A 132 -0.47 7.70 1.16
N TYR A 133 -0.14 6.79 2.06
CA TYR A 133 0.05 5.39 1.68
C TYR A 133 -1.23 4.83 1.06
N ALA A 134 -2.36 5.10 1.70
CA ALA A 134 -3.64 4.60 1.21
C ALA A 134 -3.94 5.20 -0.15
N PHE A 135 -4.32 6.48 -0.18
CA PHE A 135 -4.64 7.16 -1.43
C PHE A 135 -3.80 6.63 -2.58
N ARG A 136 -2.54 6.32 -2.28
CA ARG A 136 -1.63 5.78 -3.29
C ARG A 136 -2.02 4.35 -3.66
N ILE A 137 -2.20 3.52 -2.65
CA ILE A 137 -2.57 2.12 -2.87
C ILE A 137 -4.01 2.01 -3.37
N PHE A 138 -4.83 2.97 -2.98
CA PHE A 138 -6.23 2.97 -3.38
C PHE A 138 -6.35 3.07 -4.90
N ASP A 139 -5.59 3.98 -5.49
CA ASP A 139 -5.63 4.17 -6.92
C ASP A 139 -5.10 2.94 -7.65
N PHE A 140 -6.00 2.04 -7.99
CA PHE A 140 -5.62 0.81 -8.69
C PHE A 140 -4.90 1.15 -10.00
N ASP A 141 -5.44 2.13 -10.72
CA ASP A 141 -4.83 2.54 -11.99
C ASP A 141 -3.51 3.25 -11.76
N ASP A 142 -3.22 3.57 -10.50
CA ASP A 142 -1.98 4.25 -10.15
C ASP A 142 -1.84 5.54 -10.95
N ASP A 143 -2.96 6.06 -11.44
CA ASP A 143 -2.95 7.29 -12.22
C ASP A 143 -3.01 8.50 -11.30
N GLY A 144 -3.98 8.50 -10.40
CA GLY A 144 -4.14 9.60 -9.45
C GLY A 144 -5.61 9.83 -9.10
N THR A 145 -6.47 9.77 -10.10
CA THR A 145 -7.90 9.97 -9.88
C THR A 145 -8.53 8.68 -9.37
N LEU A 146 -9.70 8.81 -8.73
CA LEU A 146 -10.41 7.66 -8.19
C LEU A 146 -11.87 7.70 -8.61
N ASN A 147 -12.44 6.52 -8.85
CA ASN A 147 -13.84 6.42 -9.25
C ASN A 147 -14.50 5.22 -8.60
N ARG A 148 -15.80 5.05 -8.86
CA ARG A 148 -16.55 3.94 -8.29
C ARG A 148 -15.84 2.62 -8.58
N GLU A 149 -15.02 2.61 -9.61
CA GLU A 149 -14.29 1.40 -9.99
C GLU A 149 -13.20 1.09 -8.96
N ASP A 150 -12.34 2.07 -8.69
CA ASP A 150 -11.27 1.89 -7.73
C ASP A 150 -11.83 1.48 -6.36
N LEU A 151 -12.88 2.18 -5.94
CA LEU A 151 -13.49 1.89 -4.65
C LEU A 151 -14.13 0.51 -4.67
N SER A 152 -14.81 0.19 -5.76
CA SER A 152 -15.47 -1.10 -5.89
C SER A 152 -14.44 -2.23 -5.85
N ARG A 153 -13.19 -1.89 -6.09
CA ARG A 153 -12.11 -2.88 -6.07
C ARG A 153 -11.55 -3.05 -4.67
N LEU A 154 -11.55 -1.96 -3.91
CA LEU A 154 -11.03 -1.99 -2.55
C LEU A 154 -12.04 -2.61 -1.60
N VAL A 155 -13.28 -2.14 -1.67
CA VAL A 155 -14.33 -2.64 -0.81
C VAL A 155 -14.64 -4.10 -1.13
N ASN A 156 -14.57 -4.45 -2.42
CA ASN A 156 -14.84 -5.82 -2.84
C ASN A 156 -13.72 -6.75 -2.38
N CYS A 157 -12.52 -6.53 -2.91
CA CYS A 157 -11.37 -7.36 -2.55
C CYS A 157 -11.34 -7.63 -1.05
N LEU A 158 -11.38 -6.56 -0.27
CA LEU A 158 -11.36 -6.68 1.19
C LEU A 158 -12.56 -7.47 1.68
N THR A 159 -13.75 -7.06 1.28
CA THR A 159 -14.98 -7.74 1.69
C THR A 159 -14.77 -9.26 1.64
N GLY A 160 -14.35 -9.75 0.48
CA GLY A 160 -14.12 -11.18 0.31
C GLY A 160 -14.17 -11.56 -1.16
N GLU A 161 -13.07 -11.27 -1.87
CA GLU A 161 -12.99 -11.59 -3.29
C GLU A 161 -13.53 -13.00 -3.56
N GLY A 162 -14.41 -13.12 -4.56
CA GLY A 162 -14.99 -14.40 -4.90
C GLY A 162 -16.25 -14.66 -4.07
N GLU A 163 -17.11 -13.65 -3.98
CA GLU A 163 -18.35 -13.78 -3.21
C GLU A 163 -19.38 -12.78 -3.70
N ASP A 164 -20.66 -13.09 -3.45
CA ASP A 164 -21.74 -12.20 -3.87
C ASP A 164 -21.89 -11.04 -2.90
N THR A 165 -21.12 -11.08 -1.81
CA THR A 165 -21.18 -10.03 -0.81
C THR A 165 -20.94 -8.68 -1.47
N ARG A 166 -21.17 -7.60 -0.71
CA ARG A 166 -20.97 -6.23 -1.21
C ARG A 166 -20.08 -6.22 -2.44
N LEU A 167 -20.70 -6.30 -3.61
CA LEU A 167 -19.96 -6.33 -4.87
C LEU A 167 -20.44 -5.22 -5.80
N SER A 168 -19.65 -4.92 -6.83
CA SER A 168 -20.01 -3.90 -7.78
C SER A 168 -21.37 -4.21 -8.42
N ALA A 169 -22.28 -3.26 -8.34
CA ALA A 169 -23.61 -3.43 -8.92
C ALA A 169 -24.34 -2.10 -9.00
N SER A 170 -25.60 -2.15 -9.42
CA SER A 170 -26.40 -0.92 -9.54
C SER A 170 -26.59 -0.27 -8.18
N GLU A 171 -26.86 -1.09 -7.17
CA GLU A 171 -27.07 -0.58 -5.82
C GLU A 171 -25.80 0.08 -5.30
N MET A 172 -24.66 -0.56 -5.55
CA MET A 172 -23.38 -0.02 -5.10
C MET A 172 -23.04 1.26 -5.86
N LYS A 173 -23.58 1.38 -7.06
CA LYS A 173 -23.34 2.57 -7.89
C LYS A 173 -23.97 3.80 -7.26
N GLN A 174 -25.24 3.67 -6.87
CA GLN A 174 -25.96 4.79 -6.27
C GLN A 174 -25.45 5.03 -4.85
N LEU A 175 -24.81 4.03 -4.28
CA LEU A 175 -24.29 4.15 -2.92
C LEU A 175 -23.19 5.20 -2.87
N ILE A 176 -22.18 5.03 -3.72
CA ILE A 176 -21.06 5.97 -3.75
C ILE A 176 -21.53 7.35 -4.20
N ASP A 177 -22.38 7.38 -5.21
CA ASP A 177 -22.89 8.64 -5.73
C ASP A 177 -23.63 9.40 -4.63
N ASN A 178 -24.52 8.71 -3.94
CA ASN A 178 -25.29 9.33 -2.87
C ASN A 178 -24.36 9.96 -1.83
N ILE A 179 -23.31 9.23 -1.48
CA ILE A 179 -22.35 9.71 -0.50
C ILE A 179 -21.65 10.96 -1.00
N LEU A 180 -21.28 10.95 -2.29
CA LEU A 180 -20.60 12.09 -2.88
C LEU A 180 -21.50 13.32 -2.87
N GLU A 181 -22.77 13.11 -3.21
CA GLU A 181 -23.72 14.22 -3.25
C GLU A 181 -23.74 14.95 -1.92
N GLU A 182 -23.79 14.19 -0.82
CA GLU A 182 -23.82 14.78 0.50
C GLU A 182 -22.45 15.32 0.88
N SER A 183 -21.40 14.64 0.41
CA SER A 183 -20.03 15.05 0.71
C SER A 183 -19.55 16.09 -0.31
N ASP A 184 -19.23 15.62 -1.51
CA ASP A 184 -18.76 16.52 -2.56
C ASP A 184 -19.93 17.18 -3.27
N ILE A 185 -19.84 18.49 -3.45
CA ILE A 185 -20.90 19.25 -4.12
C ILE A 185 -20.56 19.47 -5.59
N ASP A 186 -19.29 19.75 -5.85
CA ASP A 186 -18.84 19.98 -7.22
C ASP A 186 -19.25 18.84 -8.12
N ARG A 187 -19.70 17.73 -7.51
CA ARG A 187 -20.13 16.56 -8.28
C ARG A 187 -19.21 16.34 -9.48
N ASP A 188 -17.96 16.76 -9.34
CA ASP A 188 -16.99 16.60 -10.42
C ASP A 188 -17.07 15.20 -11.01
N GLY A 189 -17.71 14.28 -10.28
CA GLY A 189 -17.85 12.91 -10.74
C GLY A 189 -16.57 12.12 -10.47
N THR A 190 -15.63 12.73 -9.75
CA THR A 190 -14.37 12.07 -9.43
C THR A 190 -13.88 12.50 -8.07
N ILE A 191 -12.91 11.75 -7.53
CA ILE A 191 -12.35 12.07 -6.21
C ILE A 191 -10.83 12.10 -6.28
N ASN A 192 -10.26 13.24 -5.90
CA ASN A 192 -8.80 13.40 -5.91
C ASN A 192 -8.24 13.19 -4.52
N LEU A 193 -6.96 13.49 -4.35
CA LEU A 193 -6.30 13.32 -3.08
C LEU A 193 -6.97 14.18 -2.01
N SER A 194 -7.18 15.45 -2.33
CA SER A 194 -7.80 16.37 -1.38
C SER A 194 -9.23 15.94 -1.08
N GLU A 195 -9.96 15.56 -2.13
CA GLU A 195 -11.34 15.13 -1.97
C GLU A 195 -11.40 13.75 -1.32
N PHE A 196 -10.39 12.93 -1.59
CA PHE A 196 -10.34 11.59 -1.01
C PHE A 196 -10.13 11.66 0.49
N GLN A 197 -9.11 12.40 0.92
CA GLN A 197 -8.81 12.53 2.34
C GLN A 197 -10.04 13.02 3.10
N HIS A 198 -10.76 13.97 2.51
CA HIS A 198 -11.95 14.50 3.16
C HIS A 198 -13.11 13.53 3.04
N VAL A 199 -13.68 13.43 1.83
CA VAL A 199 -14.81 12.53 1.59
C VAL A 199 -14.68 11.26 2.43
N ILE A 200 -13.46 10.77 2.57
CA ILE A 200 -13.23 9.56 3.35
C ILE A 200 -13.43 9.84 4.83
N SER A 201 -12.87 10.94 5.30
CA SER A 201 -12.99 11.31 6.71
C SER A 201 -14.09 12.35 6.91
N ARG A 202 -14.94 12.48 5.90
CA ARG A 202 -16.05 13.44 5.96
C ARG A 202 -17.32 12.76 6.41
N SER A 203 -17.32 11.43 6.40
CA SER A 203 -18.50 10.68 6.82
C SER A 203 -18.10 9.38 7.51
N PRO A 204 -18.71 9.05 8.63
CA PRO A 204 -18.40 7.80 9.38
C PRO A 204 -18.25 6.59 8.45
N ASP A 205 -18.79 6.70 7.25
CA ASP A 205 -18.73 5.61 6.29
C ASP A 205 -17.32 5.04 6.20
N PHE A 206 -16.56 5.49 5.21
CA PHE A 206 -15.19 5.01 5.04
C PHE A 206 -14.32 5.44 6.21
N ALA A 207 -14.63 6.59 6.80
CA ALA A 207 -13.86 7.10 7.91
C ALA A 207 -13.72 6.04 9.00
N SER A 208 -14.81 5.32 9.25
CA SER A 208 -14.78 4.27 10.27
C SER A 208 -13.83 3.15 9.88
N SER A 209 -13.89 2.75 8.60
CA SER A 209 -13.03 1.69 8.11
C SER A 209 -11.67 2.25 7.70
N PHE A 210 -11.55 3.57 7.71
CA PHE A 210 -10.30 4.22 7.34
C PHE A 210 -9.26 4.04 8.42
N LYS A 211 -9.62 3.32 9.48
CA LYS A 211 -8.71 3.07 10.58
C LYS A 211 -7.36 2.61 10.05
N ILE A 212 -7.30 1.38 9.56
CA ILE A 212 -6.07 0.82 9.02
C ILE A 212 -6.34 0.09 7.71
N VAL A 213 -5.63 0.49 6.67
CA VAL A 213 -5.79 -0.14 5.36
C VAL A 213 -4.43 -0.46 4.75
N LEU A 214 -4.39 -1.51 3.93
CA LEU A 214 -3.16 -1.91 3.28
C LEU A 214 -3.42 -3.03 2.28
CA CA B . -7.91 5.51 -11.15
CA CA C . -15.46 15.59 -6.03
N LEU A 31 2.53 17.00 0.72
CA LEU A 31 3.35 15.76 0.89
C LEU A 31 3.22 14.90 -0.35
N SER A 32 4.20 15.01 -1.24
CA SER A 32 4.19 14.23 -2.48
C SER A 32 5.09 13.01 -2.34
N LYS A 33 5.30 12.30 -3.44
CA LYS A 33 6.13 11.11 -3.44
C LYS A 33 7.60 11.49 -3.31
N GLU A 34 7.86 12.79 -3.29
CA GLU A 34 9.23 13.29 -3.16
C GLU A 34 9.72 13.15 -1.72
N LEU A 35 9.17 13.97 -0.84
CA LEU A 35 9.56 13.93 0.56
C LEU A 35 9.55 12.50 1.08
N LEU A 36 8.57 11.73 0.63
CA LEU A 36 8.44 10.35 1.07
C LEU A 36 9.67 9.55 0.66
N ALA A 37 10.11 9.75 -0.58
CA ALA A 37 11.27 9.04 -1.09
C ALA A 37 12.53 9.46 -0.34
N GLU A 38 12.50 10.67 0.23
CA GLU A 38 13.64 11.17 0.97
C GLU A 38 13.82 10.40 2.28
N TYR A 39 12.70 10.10 2.94
CA TYR A 39 12.75 9.36 4.19
C TYR A 39 13.06 7.89 3.94
N GLN A 40 12.60 7.38 2.80
CA GLN A 40 12.83 5.99 2.45
C GLN A 40 14.31 5.73 2.24
N ASP A 41 15.04 6.77 1.84
CA ASP A 41 16.47 6.65 1.61
C ASP A 41 17.14 5.91 2.76
N LEU A 42 17.78 6.67 3.65
CA LEU A 42 18.46 6.07 4.80
C LEU A 42 18.08 6.81 6.09
N THR A 43 16.78 6.94 6.31
CA THR A 43 16.28 7.61 7.51
C THR A 43 15.37 6.69 8.30
N PHE A 44 14.46 6.02 7.61
CA PHE A 44 13.54 5.10 8.26
C PHE A 44 14.25 3.80 8.65
N LEU A 45 15.54 3.72 8.34
CA LEU A 45 16.32 2.54 8.65
C LEU A 45 17.43 2.88 9.63
N THR A 46 17.66 2.00 10.60
CA THR A 46 18.70 2.23 11.60
C THR A 46 19.84 1.23 11.39
N LYS A 47 20.51 0.88 12.49
CA LYS A 47 21.64 -0.05 12.43
C LYS A 47 21.19 -1.44 12.85
N GLN A 48 20.51 -1.52 13.99
CA GLN A 48 20.02 -2.80 14.49
C GLN A 48 18.98 -3.39 13.56
N GLU A 49 18.15 -2.52 12.99
CA GLU A 49 17.10 -2.97 12.07
C GLU A 49 17.69 -3.81 10.94
N ILE A 50 18.81 -3.35 10.39
CA ILE A 50 19.47 -4.07 9.30
C ILE A 50 20.15 -5.33 9.83
N LEU A 51 20.61 -5.27 11.07
CA LEU A 51 21.28 -6.40 11.67
C LEU A 51 20.32 -7.59 11.80
N LEU A 52 19.14 -7.34 12.36
CA LEU A 52 18.16 -8.38 12.54
C LEU A 52 17.46 -8.68 11.22
N ALA A 53 17.02 -7.64 10.54
CA ALA A 53 16.32 -7.79 9.27
C ALA A 53 17.15 -8.62 8.30
N HIS A 54 18.42 -8.24 8.16
CA HIS A 54 19.32 -8.95 7.26
C HIS A 54 19.42 -10.42 7.65
N ARG A 55 19.56 -10.68 8.95
CA ARG A 55 19.66 -12.05 9.44
C ARG A 55 18.41 -12.84 9.07
N ARG A 56 17.25 -12.19 9.15
CA ARG A 56 15.99 -12.84 8.82
C ARG A 56 15.94 -13.22 7.34
N PHE A 57 16.36 -12.29 6.49
CA PHE A 57 16.36 -12.54 5.05
C PHE A 57 17.47 -13.50 4.67
N CYS A 58 18.46 -13.64 5.56
CA CYS A 58 19.58 -14.53 5.30
C CYS A 58 19.15 -15.99 5.45
N GLU A 59 18.28 -16.24 6.43
CA GLU A 59 17.80 -17.61 6.67
C GLU A 59 16.99 -18.11 5.48
N LEU A 60 16.18 -17.22 4.91
CA LEU A 60 15.35 -17.59 3.76
C LEU A 60 16.22 -17.80 2.53
N LEU A 61 17.40 -17.18 2.53
CA LEU A 61 18.31 -17.32 1.40
C LEU A 61 19.48 -18.25 1.75
N PRO A 62 20.07 -18.86 0.77
CA PRO A 62 21.22 -19.78 0.97
C PRO A 62 22.17 -19.29 2.06
N GLN A 63 22.31 -20.08 3.12
CA GLN A 63 23.19 -19.71 4.22
C GLN A 63 24.62 -19.49 3.72
N GLU A 64 24.94 -20.10 2.58
CA GLU A 64 26.27 -19.97 2.01
C GLU A 64 26.49 -18.54 1.49
N GLN A 65 25.40 -17.88 1.14
CA GLN A 65 25.48 -16.51 0.62
C GLN A 65 25.26 -15.51 1.75
N ARG A 66 25.72 -15.84 2.94
CA ARG A 66 25.57 -14.96 4.09
C ARG A 66 26.47 -13.73 3.96
N SER A 67 27.39 -13.78 3.00
CA SER A 67 28.31 -12.68 2.78
C SER A 67 27.54 -11.36 2.65
N VAL A 68 27.90 -10.39 3.46
CA VAL A 68 27.24 -9.09 3.43
C VAL A 68 27.50 -8.40 2.09
N GLU A 69 28.75 -8.46 1.63
CA GLU A 69 29.11 -7.83 0.36
C GLU A 69 28.24 -8.36 -0.77
N SER A 70 27.63 -9.53 -0.54
CA SER A 70 26.76 -10.13 -1.56
C SER A 70 25.30 -9.79 -1.29
N SER A 71 24.95 -9.66 -0.01
CA SER A 71 23.58 -9.34 0.36
C SER A 71 23.24 -7.92 -0.05
N LEU A 72 24.15 -7.00 0.21
CA LEU A 72 23.93 -5.60 -0.14
C LEU A 72 24.16 -5.36 -1.63
N ARG A 73 24.95 -6.24 -2.24
CA ARG A 73 25.25 -6.12 -3.67
C ARG A 73 24.27 -6.93 -4.49
N ALA A 74 23.51 -7.81 -3.83
CA ALA A 74 22.53 -8.65 -4.51
C ALA A 74 21.12 -8.34 -3.99
N GLN A 75 20.13 -8.51 -4.86
CA GLN A 75 18.74 -8.26 -4.48
C GLN A 75 18.09 -9.53 -3.96
N VAL A 76 16.83 -9.42 -3.56
CA VAL A 76 16.10 -10.57 -3.04
C VAL A 76 15.00 -11.00 -4.01
N PRO A 77 14.98 -12.26 -4.40
CA PRO A 77 13.95 -12.79 -5.33
C PRO A 77 12.54 -12.31 -4.98
N PHE A 78 11.65 -12.33 -5.97
CA PHE A 78 10.28 -11.90 -5.76
C PHE A 78 9.55 -12.85 -4.81
N GLU A 79 9.53 -14.13 -5.15
CA GLU A 79 8.87 -15.13 -4.32
C GLU A 79 9.34 -15.02 -2.87
N GLN A 80 10.64 -14.89 -2.68
CA GLN A 80 11.21 -14.78 -1.35
C GLN A 80 10.40 -13.81 -0.50
N ILE A 81 9.92 -12.74 -1.12
CA ILE A 81 9.13 -11.74 -0.41
C ILE A 81 7.76 -12.30 -0.06
N LEU A 82 7.16 -13.03 -0.99
CA LEU A 82 5.86 -13.61 -0.77
C LEU A 82 5.85 -14.48 0.49
N SER A 83 7.04 -14.73 1.03
CA SER A 83 7.17 -15.53 2.23
C SER A 83 6.70 -14.76 3.45
N LEU A 84 5.87 -13.74 3.22
CA LEU A 84 5.35 -12.92 4.32
C LEU A 84 3.83 -12.88 4.27
N PRO A 85 3.19 -13.90 4.80
CA PRO A 85 1.71 -14.00 4.82
C PRO A 85 1.06 -12.74 5.38
N GLU A 86 1.82 -11.99 6.18
CA GLU A 86 1.31 -10.76 6.77
C GLU A 86 0.90 -9.76 5.69
N LEU A 87 1.88 -9.32 4.90
CA LEU A 87 1.62 -8.36 3.83
C LEU A 87 0.88 -9.03 2.68
N LYS A 88 0.83 -10.36 2.70
CA LYS A 88 0.14 -11.10 1.66
C LYS A 88 -1.37 -10.88 1.75
N ALA A 89 -1.88 -10.83 2.97
CA ALA A 89 -3.30 -10.62 3.18
C ALA A 89 -3.80 -9.45 2.36
N ASN A 90 -2.87 -8.68 1.79
CA ASN A 90 -3.23 -7.52 0.99
C ASN A 90 -3.65 -7.97 -0.42
N PRO A 91 -4.90 -7.79 -0.78
CA PRO A 91 -5.43 -8.18 -2.12
C PRO A 91 -4.64 -7.53 -3.26
N PHE A 92 -3.80 -6.56 -2.91
CA PHE A 92 -3.00 -5.84 -3.91
C PHE A 92 -1.53 -5.87 -3.54
N LYS A 93 -1.09 -6.97 -2.94
CA LYS A 93 0.31 -7.11 -2.54
C LYS A 93 1.22 -6.97 -3.75
N GLU A 94 0.67 -7.19 -4.94
CA GLU A 94 1.46 -7.10 -6.16
C GLU A 94 1.65 -5.64 -6.56
N ARG A 95 0.59 -4.85 -6.49
CA ARG A 95 0.65 -3.44 -6.85
C ARG A 95 1.23 -2.62 -5.70
N ILE A 96 0.97 -3.06 -4.47
CA ILE A 96 1.48 -2.35 -3.31
C ILE A 96 3.00 -2.45 -3.24
N CYS A 97 3.53 -3.63 -3.50
CA CYS A 97 4.97 -3.84 -3.46
C CYS A 97 5.63 -3.22 -4.69
N ARG A 98 5.03 -3.44 -5.86
CA ARG A 98 5.58 -2.91 -7.10
C ARG A 98 5.60 -1.38 -7.08
N VAL A 99 4.51 -0.80 -6.63
CA VAL A 99 4.39 0.65 -6.56
C VAL A 99 5.36 1.22 -5.50
N PHE A 100 5.50 0.50 -4.40
CA PHE A 100 6.38 0.93 -3.33
C PHE A 100 7.82 0.53 -3.62
N SER A 101 7.99 -0.55 -4.36
CA SER A 101 9.33 -1.04 -4.71
C SER A 101 9.95 -0.16 -5.78
N THR A 102 11.28 -0.08 -5.77
CA THR A 102 12.00 0.74 -6.75
C THR A 102 13.04 -0.10 -7.48
N SER A 103 12.80 -0.34 -8.77
CA SER A 103 13.72 -1.13 -9.57
C SER A 103 13.60 -0.76 -11.05
N PRO A 104 14.59 -1.10 -11.83
CA PRO A 104 14.61 -0.79 -13.29
C PRO A 104 13.53 -1.57 -14.05
N ALA A 105 13.59 -2.89 -13.97
CA ALA A 105 12.62 -3.75 -14.65
C ALA A 105 11.58 -4.27 -13.67
N LYS A 106 11.72 -3.86 -12.41
CA LYS A 106 10.78 -4.30 -11.38
C LYS A 106 10.70 -5.82 -11.32
N ASP A 107 11.84 -6.46 -11.57
CA ASP A 107 11.90 -7.93 -11.54
C ASP A 107 12.53 -8.42 -10.25
N SER A 108 13.04 -7.49 -9.45
CA SER A 108 13.68 -7.84 -8.17
C SER A 108 13.21 -6.90 -7.07
N LEU A 109 13.35 -7.35 -5.83
CA LEU A 109 12.94 -6.55 -4.68
C LEU A 109 14.02 -6.54 -3.62
N SER A 110 14.37 -5.34 -3.14
CA SER A 110 15.39 -5.20 -2.12
C SER A 110 14.77 -5.22 -0.72
N PHE A 111 15.47 -5.81 0.22
CA PHE A 111 14.98 -5.91 1.60
C PHE A 111 15.06 -4.55 2.28
N GLU A 112 15.86 -3.65 1.71
CA GLU A 112 16.02 -2.32 2.29
C GLU A 112 14.71 -1.52 2.19
N ASP A 113 14.34 -1.16 0.97
CA ASP A 113 13.11 -0.41 0.74
C ASP A 113 11.91 -1.18 1.27
N PHE A 114 11.90 -2.49 1.04
CA PHE A 114 10.80 -3.33 1.49
C PHE A 114 10.64 -3.24 3.01
N LEU A 115 11.77 -3.22 3.71
CA LEU A 115 11.75 -3.14 5.16
C LEU A 115 11.08 -1.85 5.62
N ASP A 116 11.35 -0.76 4.90
CA ASP A 116 10.77 0.53 5.24
C ASP A 116 9.25 0.47 5.16
N LEU A 117 8.75 -0.23 4.15
CA LEU A 117 7.31 -0.36 3.98
C LEU A 117 6.67 -1.03 5.18
N LEU A 118 7.30 -2.10 5.67
CA LEU A 118 6.77 -2.82 6.81
C LEU A 118 6.73 -1.90 8.04
N SER A 119 7.80 -1.14 8.24
CA SER A 119 7.88 -0.24 9.38
C SER A 119 6.69 0.72 9.39
N VAL A 120 6.34 1.22 8.21
CA VAL A 120 5.23 2.15 8.09
C VAL A 120 3.92 1.48 8.50
N PHE A 121 3.65 0.31 7.93
CA PHE A 121 2.42 -0.41 8.25
C PHE A 121 2.50 -0.99 9.66
N SER A 122 3.64 -0.82 10.30
CA SER A 122 3.83 -1.33 11.65
C SER A 122 3.14 -0.42 12.67
N ASP A 123 3.74 0.74 12.93
CA ASP A 123 3.19 1.69 13.88
C ASP A 123 3.39 3.12 13.39
N THR A 124 4.57 3.40 12.85
CA THR A 124 4.89 4.72 12.36
C THR A 124 3.74 5.27 11.51
N ALA A 125 2.83 4.39 11.12
CA ALA A 125 1.69 4.79 10.30
C ALA A 125 0.96 5.97 10.94
N THR A 126 1.46 7.17 10.68
CA THR A 126 0.84 8.37 11.25
C THR A 126 -0.29 8.85 10.34
N PRO A 127 -1.29 9.50 10.90
CA PRO A 127 -2.44 10.02 10.13
C PRO A 127 -2.02 10.60 8.78
N ASP A 128 -0.98 11.43 8.80
CA ASP A 128 -0.49 12.05 7.58
C ASP A 128 -0.01 10.99 6.58
N ILE A 129 0.97 10.21 7.01
CA ILE A 129 1.51 9.16 6.15
C ILE A 129 0.48 8.07 5.91
N LYS A 130 -0.52 8.01 6.79
CA LYS A 130 -1.57 7.00 6.67
C LYS A 130 -2.33 7.18 5.37
N SER A 131 -2.80 8.41 5.11
CA SER A 131 -3.54 8.70 3.90
C SER A 131 -2.63 8.61 2.69
N HIS A 132 -1.53 9.35 2.72
CA HIS A 132 -0.58 9.36 1.60
C HIS A 132 -0.43 7.95 1.02
N TYR A 133 -0.10 7.00 1.89
CA TYR A 133 0.08 5.62 1.45
C TYR A 133 -1.21 5.08 0.84
N ALA A 134 -2.32 5.32 1.53
CA ALA A 134 -3.61 4.85 1.05
C ALA A 134 -3.89 5.38 -0.34
N PHE A 135 -4.20 6.68 -0.43
CA PHE A 135 -4.49 7.30 -1.73
C PHE A 135 -3.65 6.67 -2.84
N ARG A 136 -2.39 6.41 -2.54
CA ARG A 136 -1.50 5.79 -3.52
C ARG A 136 -1.92 4.36 -3.81
N ILE A 137 -2.19 3.60 -2.75
CA ILE A 137 -2.59 2.20 -2.91
C ILE A 137 -4.04 2.11 -3.40
N PHE A 138 -4.85 3.07 -3.01
CA PHE A 138 -6.25 3.08 -3.41
C PHE A 138 -6.37 3.17 -4.93
N ASP A 139 -5.59 4.05 -5.53
CA ASP A 139 -5.63 4.22 -6.98
C ASP A 139 -5.11 2.98 -7.68
N PHE A 140 -6.01 2.07 -8.00
CA PHE A 140 -5.62 0.83 -8.67
C PHE A 140 -4.90 1.15 -9.97
N ASP A 141 -5.40 2.14 -10.71
CA ASP A 141 -4.80 2.52 -11.98
C ASP A 141 -3.45 3.21 -11.74
N ASP A 142 -3.17 3.53 -10.48
CA ASP A 142 -1.91 4.19 -10.13
C ASP A 142 -1.74 5.46 -10.95
N ASP A 143 -2.85 6.02 -11.43
CA ASP A 143 -2.80 7.25 -12.22
C ASP A 143 -2.84 8.46 -11.32
N GLY A 144 -3.80 8.49 -10.40
CA GLY A 144 -3.94 9.61 -9.46
C GLY A 144 -5.40 9.83 -9.10
N THR A 145 -6.28 9.76 -10.09
CA THR A 145 -7.70 9.96 -9.85
C THR A 145 -8.36 8.67 -9.39
N LEU A 146 -9.54 8.79 -8.79
CA LEU A 146 -10.28 7.62 -8.30
C LEU A 146 -11.69 7.62 -8.87
N ASN A 147 -12.15 6.43 -9.26
CA ASN A 147 -13.50 6.28 -9.82
C ASN A 147 -14.32 5.30 -8.99
N ARG A 148 -15.57 5.12 -9.37
CA ARG A 148 -16.46 4.21 -8.65
C ARG A 148 -15.89 2.80 -8.65
N GLU A 149 -15.21 2.44 -9.73
CA GLU A 149 -14.61 1.12 -9.84
C GLU A 149 -13.51 0.93 -8.80
N ASP A 150 -12.62 1.92 -8.70
CA ASP A 150 -11.52 1.85 -7.75
C ASP A 150 -12.05 1.52 -6.36
N LEU A 151 -13.10 2.23 -5.95
CA LEU A 151 -13.69 2.00 -4.63
C LEU A 151 -14.35 0.63 -4.57
N SER A 152 -15.01 0.25 -5.66
CA SER A 152 -15.69 -1.05 -5.72
C SER A 152 -14.68 -2.20 -5.64
N ARG A 153 -13.40 -1.87 -5.85
CA ARG A 153 -12.34 -2.87 -5.80
C ARG A 153 -11.81 -3.02 -4.38
N LEU A 154 -11.68 -1.91 -3.69
CA LEU A 154 -11.17 -1.93 -2.33
C LEU A 154 -12.22 -2.52 -1.37
N VAL A 155 -13.45 -2.03 -1.49
CA VAL A 155 -14.54 -2.51 -0.64
C VAL A 155 -14.85 -3.98 -0.93
N ASN A 156 -14.76 -4.35 -2.21
CA ASN A 156 -15.04 -5.73 -2.60
C ASN A 156 -13.91 -6.65 -2.15
N CYS A 157 -12.72 -6.41 -2.67
CA CYS A 157 -11.56 -7.22 -2.31
C CYS A 157 -11.54 -7.50 -0.81
N LEU A 158 -11.60 -6.45 -0.02
CA LEU A 158 -11.57 -6.59 1.43
C LEU A 158 -12.77 -7.41 1.92
N THR A 159 -13.96 -6.99 1.50
CA THR A 159 -15.18 -7.69 1.90
C THR A 159 -14.98 -9.20 1.83
N GLY A 160 -14.54 -9.68 0.66
CA GLY A 160 -14.31 -11.11 0.48
C GLY A 160 -14.34 -11.47 -1.00
N GLU A 161 -13.26 -11.16 -1.69
CA GLU A 161 -13.16 -11.47 -3.13
C GLU A 161 -13.70 -12.86 -3.40
N GLY A 162 -14.54 -12.98 -4.43
CA GLY A 162 -15.11 -14.27 -4.79
C GLY A 162 -16.40 -14.55 -4.01
N GLU A 163 -17.28 -13.55 -3.97
CA GLU A 163 -18.54 -13.69 -3.25
C GLU A 163 -19.56 -12.69 -3.76
N ASP A 164 -20.84 -12.99 -3.57
CA ASP A 164 -21.91 -12.10 -4.01
C ASP A 164 -22.07 -10.92 -3.05
N THR A 165 -21.32 -10.96 -1.95
CA THR A 165 -21.39 -9.90 -0.95
C THR A 165 -21.11 -8.58 -1.62
N ARG A 166 -21.28 -7.48 -0.86
CA ARG A 166 -21.06 -6.13 -1.37
C ARG A 166 -20.18 -6.15 -2.61
N LEU A 167 -20.81 -6.24 -3.78
CA LEU A 167 -20.09 -6.29 -5.04
C LEU A 167 -20.58 -5.21 -5.99
N SER A 168 -19.80 -4.94 -7.03
CA SER A 168 -20.18 -3.94 -8.01
C SER A 168 -21.46 -4.33 -8.73
N ALA A 169 -22.40 -3.40 -8.81
CA ALA A 169 -23.67 -3.67 -9.49
C ALA A 169 -24.53 -2.41 -9.51
N SER A 170 -25.80 -2.57 -9.88
CA SER A 170 -26.72 -1.44 -9.93
C SER A 170 -26.88 -0.82 -8.56
N GLU A 171 -27.10 -1.65 -7.55
CA GLU A 171 -27.28 -1.16 -6.19
C GLU A 171 -26.00 -0.51 -5.69
N MET A 172 -24.87 -1.14 -5.95
CA MET A 172 -23.58 -0.62 -5.52
C MET A 172 -23.24 0.66 -6.30
N LYS A 173 -23.82 0.78 -7.49
CA LYS A 173 -23.57 1.96 -8.31
C LYS A 173 -24.17 3.21 -7.67
N GLN A 174 -25.43 3.11 -7.24
CA GLN A 174 -26.10 4.23 -6.61
C GLN A 174 -25.52 4.49 -5.23
N LEU A 175 -24.92 3.47 -4.64
CA LEU A 175 -24.33 3.61 -3.32
C LEU A 175 -23.22 4.65 -3.33
N ILE A 176 -22.26 4.47 -4.24
CA ILE A 176 -21.13 5.39 -4.34
C ILE A 176 -21.61 6.77 -4.75
N ASP A 177 -22.54 6.81 -5.70
CA ASP A 177 -23.06 8.09 -6.17
C ASP A 177 -23.69 8.87 -5.01
N ASN A 178 -24.51 8.20 -4.22
CA ASN A 178 -25.17 8.84 -3.08
C ASN A 178 -24.12 9.39 -2.10
N ILE A 179 -23.08 8.61 -1.85
CA ILE A 179 -22.03 9.03 -0.94
C ILE A 179 -21.31 10.25 -1.49
N LEU A 180 -21.05 10.26 -2.78
CA LEU A 180 -20.37 11.38 -3.42
C LEU A 180 -21.21 12.65 -3.34
N GLU A 181 -22.51 12.50 -3.55
CA GLU A 181 -23.42 13.63 -3.50
C GLU A 181 -23.49 14.20 -2.08
N GLU A 182 -23.62 13.31 -1.10
CA GLU A 182 -23.71 13.74 0.29
C GLU A 182 -22.37 14.31 0.76
N SER A 183 -21.29 13.72 0.29
CA SER A 183 -19.95 14.17 0.67
C SER A 183 -19.50 15.34 -0.21
N ASP A 184 -19.06 15.02 -1.41
CA ASP A 184 -18.60 16.04 -2.35
C ASP A 184 -19.79 16.73 -3.02
N ILE A 185 -19.69 18.04 -3.17
CA ILE A 185 -20.77 18.81 -3.80
C ILE A 185 -20.49 19.01 -5.29
N ASP A 186 -19.23 19.29 -5.62
CA ASP A 186 -18.84 19.50 -7.00
C ASP A 186 -19.28 18.33 -7.87
N ARG A 187 -19.75 17.26 -7.22
CA ARG A 187 -20.21 16.08 -7.95
C ARG A 187 -19.31 15.81 -9.15
N ASP A 188 -18.06 16.24 -9.06
CA ASP A 188 -17.11 16.04 -10.15
C ASP A 188 -17.19 14.61 -10.67
N GLY A 189 -17.79 13.73 -9.89
CA GLY A 189 -17.92 12.33 -10.27
C GLY A 189 -16.62 11.58 -10.06
N THR A 190 -15.67 12.24 -9.41
CA THR A 190 -14.37 11.62 -9.15
C THR A 190 -13.79 12.13 -7.83
N ILE A 191 -12.77 11.44 -7.34
CA ILE A 191 -12.12 11.83 -6.08
C ILE A 191 -10.60 11.90 -6.25
N ASN A 192 -10.04 13.08 -6.02
CA ASN A 192 -8.60 13.27 -6.14
C ASN A 192 -7.92 13.07 -4.78
N LEU A 193 -6.65 13.46 -4.71
CA LEU A 193 -5.90 13.32 -3.48
C LEU A 193 -6.53 14.15 -2.36
N SER A 194 -6.71 15.44 -2.62
CA SER A 194 -7.31 16.33 -1.62
C SER A 194 -8.73 15.89 -1.27
N GLU A 195 -9.47 15.46 -2.29
CA GLU A 195 -10.84 15.01 -2.09
C GLU A 195 -10.86 13.66 -1.39
N PHE A 196 -9.79 12.90 -1.55
CA PHE A 196 -9.70 11.58 -0.93
C PHE A 196 -9.53 11.71 0.59
N GLN A 197 -8.57 12.52 1.00
CA GLN A 197 -8.33 12.73 2.43
C GLN A 197 -9.58 13.24 3.12
N HIS A 198 -10.32 14.11 2.43
CA HIS A 198 -11.54 14.67 3.00
C HIS A 198 -12.67 13.67 2.93
N VAL A 199 -13.18 13.42 1.72
CA VAL A 199 -14.29 12.47 1.54
C VAL A 199 -14.12 11.28 2.47
N ILE A 200 -12.90 10.81 2.63
CA ILE A 200 -12.62 9.67 3.49
C ILE A 200 -12.86 10.03 4.95
N SER A 201 -12.37 11.20 5.35
CA SER A 201 -12.53 11.64 6.74
C SER A 201 -13.61 12.71 6.82
N ARG A 202 -14.58 12.64 5.91
CA ARG A 202 -15.67 13.62 5.88
C ARG A 202 -16.94 12.99 6.41
N SER A 203 -16.97 11.65 6.48
CA SER A 203 -18.14 10.96 6.98
C SER A 203 -17.74 9.67 7.71
N PRO A 204 -18.34 9.39 8.85
CA PRO A 204 -18.02 8.16 9.64
C PRO A 204 -17.89 6.93 8.74
N ASP A 205 -18.47 6.99 7.56
CA ASP A 205 -18.42 5.87 6.63
C ASP A 205 -17.01 5.31 6.53
N PHE A 206 -16.28 5.73 5.51
CA PHE A 206 -14.91 5.27 5.32
C PHE A 206 -14.01 5.77 6.43
N ALA A 207 -14.34 6.94 6.99
CA ALA A 207 -13.54 7.51 8.06
C ALA A 207 -13.37 6.52 9.20
N SER A 208 -14.45 5.81 9.53
CA SER A 208 -14.40 4.83 10.60
C SER A 208 -13.49 3.66 10.23
N SER A 209 -13.60 3.21 8.98
CA SER A 209 -12.78 2.10 8.51
C SER A 209 -11.42 2.60 8.03
N PHE A 210 -11.27 3.92 7.96
CA PHE A 210 -10.01 4.52 7.52
C PHE A 210 -8.94 4.33 8.58
N LYS A 211 -9.27 3.59 9.63
CA LYS A 211 -8.31 3.33 10.71
C LYS A 211 -6.98 2.85 10.14
N ILE A 212 -6.98 1.62 9.62
CA ILE A 212 -5.76 1.04 9.04
C ILE A 212 -6.09 0.31 7.75
N VAL A 213 -5.41 0.69 6.68
CA VAL A 213 -5.62 0.06 5.37
C VAL A 213 -4.29 -0.28 4.73
N LEU A 214 -4.30 -1.32 3.89
CA LEU A 214 -3.09 -1.74 3.20
C LEU A 214 -3.41 -2.85 2.19
CA CA B . -7.89 5.52 -11.21
CA CA C . -15.28 15.25 -5.79
#